data_1ENW
#
_entry.id   1ENW
#
_cell.length_a   1.000
_cell.length_b   1.000
_cell.length_c   1.000
_cell.angle_alpha   90.00
_cell.angle_beta   90.00
_cell.angle_gamma   90.00
#
_symmetry.space_group_name_H-M   'P 1'
#
_entity_poly.entity_id   1
_entity_poly.type   'polypeptide(L)'
_entity_poly.pdbx_seq_one_letter_code
;GSHMPRNSKNDGVDTAIYHHKLRDQVLKALYDVLAKESEHPPQSILHTAKAIESEMNKVNNCDTNEAAYKARYRIIYSNV
ISKNNPDLKHKIANGDITPEFLATCDAKDLAPAP
;
_entity_poly.pdbx_strand_id   A
#
# COMPACT_ATOMS: atom_id res chain seq x y z
N GLY A 1 9.99 -29.89 -14.11
CA GLY A 1 11.20 -30.59 -13.61
C GLY A 1 12.46 -29.78 -13.96
N SER A 2 12.54 -28.57 -13.46
CA SER A 2 13.72 -27.73 -13.75
C SER A 2 13.61 -26.38 -13.06
N HIS A 3 12.61 -26.24 -12.23
CA HIS A 3 12.43 -24.95 -11.51
C HIS A 3 12.16 -25.20 -10.02
N MET A 4 13.23 -25.43 -9.29
CA MET A 4 13.08 -25.68 -7.83
C MET A 4 13.36 -24.43 -6.98
N PRO A 5 14.22 -23.55 -7.46
CA PRO A 5 14.54 -22.33 -6.73
C PRO A 5 13.36 -21.37 -6.69
N ARG A 6 13.61 -20.18 -6.22
CA ARG A 6 12.51 -19.18 -6.14
C ARG A 6 12.42 -18.36 -7.43
N ASN A 7 12.00 -17.13 -7.30
CA ASN A 7 11.89 -16.27 -8.50
C ASN A 7 12.30 -14.83 -8.18
N SER A 8 12.29 -14.51 -6.91
CA SER A 8 12.68 -13.13 -6.50
C SER A 8 14.20 -12.97 -6.53
N LYS A 9 14.84 -13.69 -7.41
CA LYS A 9 16.32 -13.59 -7.49
C LYS A 9 16.73 -12.54 -8.52
N ASN A 10 15.83 -12.23 -9.41
CA ASN A 10 16.14 -11.21 -10.44
C ASN A 10 16.23 -9.81 -9.83
N ASP A 11 15.25 -9.47 -9.05
CA ASP A 11 15.25 -8.13 -8.43
C ASP A 11 16.44 -7.98 -7.48
N GLY A 12 16.56 -8.90 -6.56
CA GLY A 12 17.70 -8.80 -5.60
C GLY A 12 17.72 -7.41 -4.96
N VAL A 13 16.65 -7.10 -4.30
CA VAL A 13 16.56 -5.77 -3.65
C VAL A 13 16.94 -5.83 -2.19
N ASP A 14 17.66 -4.84 -1.76
CA ASP A 14 18.07 -4.79 -0.36
C ASP A 14 16.98 -4.11 0.39
N THR A 15 16.68 -4.59 1.55
CA THR A 15 15.59 -3.93 2.30
C THR A 15 15.85 -3.95 3.81
N ALA A 16 16.50 -2.92 4.26
CA ALA A 16 16.81 -2.79 5.70
C ALA A 16 16.54 -1.37 6.16
N ILE A 17 15.31 -1.12 6.57
CA ILE A 17 14.97 0.24 7.03
C ILE A 17 13.76 0.21 7.97
N TYR A 18 12.61 0.36 7.40
CA TYR A 18 11.37 0.34 8.20
C TYR A 18 10.87 -1.09 8.34
N HIS A 19 11.54 -1.97 7.64
CA HIS A 19 11.22 -3.43 7.66
C HIS A 19 10.83 -3.95 9.06
N HIS A 20 10.96 -3.13 10.05
CA HIS A 20 10.61 -3.53 11.45
C HIS A 20 9.48 -4.58 11.54
N LYS A 21 8.25 -4.19 11.29
CA LYS A 21 7.11 -5.19 11.39
C LYS A 21 6.73 -5.78 10.02
N LEU A 22 6.08 -4.99 9.22
CA LEU A 22 5.67 -5.47 7.87
C LEU A 22 5.96 -4.42 6.83
N ARG A 23 6.51 -3.34 7.28
CA ARG A 23 6.84 -2.27 6.35
C ARG A 23 7.79 -2.81 5.31
N ASP A 24 8.37 -3.94 5.63
CA ASP A 24 9.31 -4.55 4.68
C ASP A 24 8.53 -5.03 3.50
N GLN A 25 7.40 -5.59 3.78
CA GLN A 25 6.53 -6.12 2.73
C GLN A 25 6.03 -4.98 1.89
N VAL A 26 5.86 -3.87 2.52
CA VAL A 26 5.39 -2.70 1.80
C VAL A 26 6.50 -2.16 0.92
N LEU A 27 7.61 -1.85 1.53
CA LEU A 27 8.73 -1.32 0.74
C LEU A 27 9.20 -2.37 -0.25
N LYS A 28 8.76 -3.59 -0.05
CA LYS A 28 9.18 -4.67 -0.98
C LYS A 28 8.29 -4.71 -2.20
N ALA A 29 7.01 -4.76 -1.95
CA ALA A 29 6.08 -4.79 -3.10
C ALA A 29 6.13 -3.47 -3.86
N LEU A 30 6.43 -2.42 -3.17
CA LEU A 30 6.50 -1.10 -3.83
C LEU A 30 7.76 -0.99 -4.65
N TYR A 31 8.82 -1.51 -4.12
CA TYR A 31 10.09 -1.45 -4.84
C TYR A 31 10.21 -2.49 -5.95
N ASP A 32 10.01 -3.73 -5.60
CA ASP A 32 10.10 -4.81 -6.61
C ASP A 32 9.08 -4.69 -7.74
N VAL A 33 7.97 -4.07 -7.48
CA VAL A 33 6.97 -3.95 -8.55
C VAL A 33 7.29 -2.78 -9.46
N LEU A 34 7.64 -1.67 -8.88
CA LEU A 34 7.97 -0.50 -9.73
C LEU A 34 9.39 -0.57 -10.24
N ALA A 35 10.20 -1.38 -9.62
CA ALA A 35 11.60 -1.50 -10.08
C ALA A 35 11.71 -2.41 -11.30
N LYS A 36 11.51 -3.68 -11.09
CA LYS A 36 11.59 -4.62 -12.22
C LYS A 36 10.90 -4.08 -13.46
N GLU A 37 9.81 -3.42 -13.24
CA GLU A 37 9.06 -2.86 -14.40
C GLU A 37 10.00 -2.18 -15.40
N SER A 38 10.54 -1.07 -15.00
CA SER A 38 11.46 -0.35 -15.90
C SER A 38 12.49 0.42 -15.09
N GLU A 39 13.72 0.33 -15.50
CA GLU A 39 14.80 1.05 -14.77
C GLU A 39 15.13 2.39 -15.42
N HIS A 40 14.61 2.63 -16.59
CA HIS A 40 14.92 3.95 -17.27
C HIS A 40 13.86 5.02 -16.98
N PRO A 41 12.59 4.61 -16.97
CA PRO A 41 11.49 5.52 -16.72
C PRO A 41 10.85 5.44 -15.28
N PRO A 42 11.61 5.02 -14.25
CA PRO A 42 11.04 4.94 -12.91
C PRO A 42 10.52 6.29 -12.42
N GLN A 43 9.34 6.28 -11.87
CA GLN A 43 8.75 7.55 -11.36
C GLN A 43 9.47 8.02 -10.10
N SER A 44 10.35 7.17 -9.60
CA SER A 44 11.16 7.45 -8.34
C SER A 44 10.79 6.45 -7.28
N ILE A 45 10.95 5.20 -7.61
CA ILE A 45 10.61 4.14 -6.65
C ILE A 45 11.04 4.50 -5.25
N LEU A 46 12.28 4.84 -5.10
CA LEU A 46 12.77 5.20 -3.77
C LEU A 46 11.92 6.30 -3.17
N HIS A 47 11.79 7.37 -3.88
CA HIS A 47 10.97 8.51 -3.38
C HIS A 47 9.48 8.22 -3.43
N THR A 48 9.12 7.15 -4.07
CA THR A 48 7.67 6.82 -4.14
C THR A 48 7.26 5.95 -2.99
N ALA A 49 7.86 4.80 -2.91
CA ALA A 49 7.51 3.88 -1.80
C ALA A 49 7.85 4.49 -0.45
N LYS A 50 8.76 5.44 -0.44
CA LYS A 50 9.12 6.07 0.87
C LYS A 50 8.07 7.08 1.33
N ALA A 51 7.41 7.70 0.40
CA ALA A 51 6.38 8.71 0.80
C ALA A 51 4.97 8.10 0.87
N ILE A 52 4.81 6.90 0.37
CA ILE A 52 3.47 6.26 0.40
C ILE A 52 3.31 5.34 1.61
N GLU A 53 4.28 4.49 1.80
CA GLU A 53 4.21 3.55 2.95
C GLU A 53 3.91 4.26 4.28
N SER A 54 3.90 5.57 4.26
CA SER A 54 3.62 6.30 5.53
C SER A 54 2.12 6.61 5.72
N GLU A 55 1.35 6.47 4.68
CA GLU A 55 -0.11 6.75 4.82
C GLU A 55 -0.93 5.49 5.08
N MET A 56 -0.96 4.63 4.12
CA MET A 56 -1.74 3.37 4.30
C MET A 56 -1.32 2.65 5.57
N ASN A 57 -0.18 3.03 6.10
CA ASN A 57 0.31 2.36 7.34
C ASN A 57 0.00 3.16 8.62
N LYS A 58 -0.52 4.38 8.47
CA LYS A 58 -0.84 5.20 9.69
C LYS A 58 -1.27 4.28 10.82
N VAL A 59 -2.43 3.73 10.71
CA VAL A 59 -2.90 2.81 11.76
C VAL A 59 -4.03 1.95 11.23
N ASN A 60 -3.64 0.98 10.46
CA ASN A 60 -4.61 0.05 9.86
C ASN A 60 -3.88 -1.20 9.44
N ASN A 61 -2.58 -1.09 9.48
CA ASN A 61 -1.71 -2.22 9.09
C ASN A 61 -1.98 -3.57 9.75
N CYS A 62 -1.50 -3.74 10.95
CA CYS A 62 -1.72 -5.06 11.63
C CYS A 62 -2.80 -5.08 12.73
N ASP A 63 -2.74 -4.16 13.64
CA ASP A 63 -3.76 -4.14 14.73
C ASP A 63 -5.02 -3.40 14.34
N THR A 64 -5.55 -3.79 13.22
CA THR A 64 -6.78 -3.15 12.76
C THR A 64 -7.56 -4.10 11.88
N ASN A 65 -7.08 -4.27 10.70
CA ASN A 65 -7.74 -5.18 9.77
C ASN A 65 -6.71 -5.80 8.86
N GLU A 66 -5.84 -6.58 9.45
CA GLU A 66 -4.78 -7.23 8.63
C GLU A 66 -5.38 -7.76 7.36
N ALA A 67 -6.65 -8.00 7.42
CA ALA A 67 -7.35 -8.51 6.24
C ALA A 67 -7.49 -7.40 5.22
N ALA A 68 -7.91 -6.26 5.70
CA ALA A 68 -8.10 -5.11 4.80
C ALA A 68 -6.74 -4.51 4.43
N TYR A 69 -5.89 -4.31 5.42
CA TYR A 69 -4.57 -3.73 5.11
C TYR A 69 -3.97 -4.42 3.88
N LYS A 70 -3.95 -5.73 3.93
CA LYS A 70 -3.38 -6.48 2.79
C LYS A 70 -4.14 -6.17 1.50
N ALA A 71 -5.40 -6.52 1.48
CA ALA A 71 -6.20 -6.25 0.26
C ALA A 71 -6.02 -4.82 -0.19
N ARG A 72 -6.43 -3.90 0.64
CA ARG A 72 -6.29 -2.47 0.29
C ARG A 72 -4.95 -2.19 -0.37
N TYR A 73 -3.92 -2.25 0.40
CA TYR A 73 -2.58 -1.99 -0.16
C TYR A 73 -2.33 -2.81 -1.41
N ARG A 74 -2.15 -4.08 -1.23
CA ARG A 74 -1.88 -4.99 -2.38
C ARG A 74 -2.78 -4.72 -3.60
N ILE A 75 -4.06 -4.89 -3.43
CA ILE A 75 -4.99 -4.66 -4.58
C ILE A 75 -4.95 -3.22 -5.08
N ILE A 76 -5.48 -2.35 -4.30
CA ILE A 76 -5.50 -0.92 -4.69
C ILE A 76 -4.10 -0.37 -4.97
N TYR A 77 -3.09 -1.14 -4.64
CA TYR A 77 -1.68 -0.66 -4.89
C TYR A 77 -1.61 0.12 -6.20
N SER A 78 -2.46 -0.21 -7.12
CA SER A 78 -2.44 0.51 -8.42
C SER A 78 -2.82 1.96 -8.21
N ASN A 79 -3.89 2.17 -7.51
CA ASN A 79 -4.33 3.55 -7.25
C ASN A 79 -3.40 4.23 -6.27
N VAL A 80 -2.65 3.44 -5.55
CA VAL A 80 -1.71 4.02 -4.57
C VAL A 80 -0.58 4.71 -5.30
N ILE A 81 -0.09 4.07 -6.34
CA ILE A 81 1.01 4.67 -7.10
C ILE A 81 0.50 5.89 -7.84
N SER A 82 -0.80 6.02 -7.88
CA SER A 82 -1.41 7.17 -8.58
C SER A 82 -1.70 8.32 -7.62
N LYS A 83 -2.60 8.08 -6.68
CA LYS A 83 -2.95 9.15 -5.69
C LYS A 83 -2.87 8.65 -4.25
N ASN A 84 -3.95 8.10 -3.74
CA ASN A 84 -3.91 7.61 -2.32
C ASN A 84 -4.99 6.56 -2.04
N ASN A 85 -5.31 6.39 -0.79
CA ASN A 85 -6.35 5.41 -0.40
C ASN A 85 -7.72 6.08 -0.15
N PRO A 86 -8.74 5.71 -0.93
CA PRO A 86 -10.06 6.29 -0.77
C PRO A 86 -10.69 5.80 0.53
N ASP A 87 -9.86 5.48 1.47
CA ASP A 87 -10.38 5.00 2.76
C ASP A 87 -11.21 3.74 2.55
N LEU A 88 -10.52 2.71 2.12
CA LEU A 88 -11.19 1.39 1.87
C LEU A 88 -12.35 1.13 2.84
N LYS A 89 -12.23 1.60 4.05
CA LYS A 89 -13.33 1.38 5.04
C LYS A 89 -14.32 2.55 5.14
N HIS A 90 -13.84 3.75 5.02
CA HIS A 90 -14.77 4.91 5.11
C HIS A 90 -15.45 5.20 3.78
N LYS A 91 -15.00 4.55 2.73
CA LYS A 91 -15.62 4.79 1.41
C LYS A 91 -17.13 4.85 1.52
N ILE A 92 -17.70 3.82 2.07
CA ILE A 92 -19.18 3.81 2.22
C ILE A 92 -19.64 5.01 3.02
N ALA A 93 -18.79 5.47 3.90
CA ALA A 93 -19.17 6.64 4.73
C ALA A 93 -19.41 7.86 3.85
N ASN A 94 -18.51 8.11 2.93
CA ASN A 94 -18.68 9.28 2.03
C ASN A 94 -17.95 9.09 0.71
N GLY A 95 -18.28 8.03 0.02
CA GLY A 95 -17.61 7.77 -1.28
C GLY A 95 -18.45 8.32 -2.44
N ASP A 96 -19.66 8.71 -2.13
CA ASP A 96 -20.54 9.26 -3.19
C ASP A 96 -19.94 10.52 -3.81
N ILE A 97 -19.17 11.24 -3.03
CA ILE A 97 -18.54 12.49 -3.56
C ILE A 97 -17.03 12.30 -3.75
N THR A 98 -16.39 13.39 -4.04
CA THR A 98 -14.90 13.42 -4.28
C THR A 98 -13.99 13.94 -3.09
N PRO A 99 -14.56 14.20 -1.85
CA PRO A 99 -13.74 14.71 -0.75
C PRO A 99 -12.42 15.34 -1.14
N GLU A 100 -12.45 15.98 -2.28
CA GLU A 100 -11.25 16.65 -2.79
C GLU A 100 -11.43 18.12 -2.44
N PHE A 101 -12.69 18.47 -2.32
CA PHE A 101 -13.06 19.86 -1.98
C PHE A 101 -13.08 20.05 -0.48
N LEU A 102 -14.03 19.42 0.14
CA LEU A 102 -14.18 19.52 1.60
C LEU A 102 -12.87 19.15 2.30
N ALA A 103 -11.93 18.64 1.52
CA ALA A 103 -10.62 18.25 2.12
C ALA A 103 -10.18 19.24 3.19
N THR A 104 -10.39 20.50 2.92
CA THR A 104 -10.01 21.55 3.90
C THR A 104 -10.93 22.75 3.78
N CYS A 105 -11.63 22.82 2.68
CA CYS A 105 -12.56 23.95 2.47
C CYS A 105 -13.48 24.15 3.67
N ASP A 106 -13.88 23.06 4.28
CA ASP A 106 -14.79 23.19 5.46
C ASP A 106 -13.99 23.22 6.76
N ALA A 107 -13.16 22.24 6.94
CA ALA A 107 -12.36 22.21 8.19
C ALA A 107 -11.50 23.45 8.30
N LYS A 108 -11.43 24.21 7.25
CA LYS A 108 -10.62 25.44 7.30
C LYS A 108 -11.31 26.47 8.16
N ASP A 109 -12.61 26.34 8.27
CA ASP A 109 -13.34 27.32 9.09
C ASP A 109 -12.77 27.25 10.48
N LEU A 110 -12.47 26.06 10.87
CA LEU A 110 -11.90 25.85 12.20
C LEU A 110 -10.99 24.65 12.14
N ALA A 111 -9.79 24.87 11.71
CA ALA A 111 -8.82 23.74 11.63
C ALA A 111 -8.19 23.43 12.99
N PRO A 112 -7.69 24.46 13.67
CA PRO A 112 -7.08 24.29 14.98
C PRO A 112 -8.08 23.75 16.00
N ALA A 113 -7.85 24.09 17.25
CA ALA A 113 -8.79 23.60 18.30
C ALA A 113 -8.52 24.32 19.63
N PRO A 114 -9.15 25.46 19.81
CA PRO A 114 -9.00 26.24 21.05
C PRO A 114 -9.57 25.50 22.26
N GLY A 1 32.23 -6.95 -20.86
CA GLY A 1 32.11 -8.14 -21.75
C GLY A 1 31.16 -9.16 -21.12
N SER A 2 31.26 -9.32 -19.83
CA SER A 2 30.37 -10.28 -19.14
C SER A 2 28.98 -9.71 -18.95
N HIS A 3 28.10 -10.51 -18.40
CA HIS A 3 26.72 -10.02 -18.18
C HIS A 3 26.06 -10.80 -17.05
N MET A 4 24.80 -10.51 -16.81
CA MET A 4 24.09 -11.22 -15.73
C MET A 4 22.59 -10.94 -15.80
N PRO A 5 21.98 -11.38 -16.87
CA PRO A 5 20.55 -11.19 -17.09
C PRO A 5 19.74 -11.95 -16.03
N ARG A 6 18.42 -11.90 -16.18
CA ARG A 6 17.50 -12.60 -15.22
C ARG A 6 18.15 -12.80 -13.85
N ASN A 7 18.02 -11.82 -13.00
CA ASN A 7 18.61 -11.93 -11.64
C ASN A 7 17.93 -10.98 -10.66
N SER A 8 18.03 -11.30 -9.39
CA SER A 8 17.40 -10.44 -8.35
C SER A 8 18.46 -9.73 -7.52
N LYS A 9 19.54 -10.43 -7.28
CA LYS A 9 20.64 -9.83 -6.48
C LYS A 9 21.06 -8.50 -7.07
N ASN A 10 21.07 -8.43 -8.37
CA ASN A 10 21.48 -7.16 -9.02
C ASN A 10 20.78 -5.97 -8.37
N ASP A 11 19.66 -6.23 -7.77
CA ASP A 11 18.92 -5.13 -7.11
C ASP A 11 19.72 -4.58 -5.93
N GLY A 12 20.25 -5.47 -5.14
CA GLY A 12 21.04 -5.02 -3.97
C GLY A 12 20.13 -4.42 -2.89
N VAL A 13 18.86 -4.71 -2.98
CA VAL A 13 17.91 -4.18 -1.96
C VAL A 13 17.60 -5.22 -0.89
N ASP A 14 18.06 -4.96 0.31
CA ASP A 14 17.79 -5.92 1.41
C ASP A 14 16.54 -5.49 2.17
N THR A 15 15.42 -6.10 1.82
CA THR A 15 14.15 -5.76 2.48
C THR A 15 13.64 -6.92 3.31
N ALA A 16 14.10 -6.97 4.51
CA ALA A 16 13.67 -8.05 5.41
C ALA A 16 13.92 -7.64 6.84
N ILE A 17 12.95 -7.00 7.41
CA ILE A 17 13.09 -6.56 8.80
C ILE A 17 11.73 -6.18 9.39
N TYR A 18 11.27 -5.01 9.07
CA TYR A 18 9.95 -4.56 9.60
C TYR A 18 8.89 -5.61 9.25
N HIS A 19 9.31 -6.59 8.49
CA HIS A 19 8.39 -7.69 8.07
C HIS A 19 7.46 -8.16 9.18
N HIS A 20 7.67 -7.67 10.39
CA HIS A 20 6.80 -8.09 11.51
C HIS A 20 5.38 -8.36 11.02
N LYS A 21 4.65 -7.32 10.70
CA LYS A 21 3.26 -7.53 10.20
C LYS A 21 3.24 -7.49 8.68
N LEU A 22 3.35 -6.30 8.15
CA LEU A 22 3.35 -6.14 6.68
C LEU A 22 4.11 -4.88 6.28
N ARG A 23 4.85 -4.35 7.22
CA ARG A 23 5.63 -3.12 6.93
C ARG A 23 6.71 -3.37 5.88
N ASP A 24 7.26 -4.55 5.88
CA ASP A 24 8.31 -4.83 4.88
C ASP A 24 7.70 -5.19 3.54
N GLN A 25 6.59 -5.85 3.58
CA GLN A 25 5.95 -6.25 2.31
C GLN A 25 5.49 -5.01 1.58
N VAL A 26 5.22 -3.97 2.33
CA VAL A 26 4.77 -2.73 1.69
C VAL A 26 5.93 -2.00 1.06
N LEU A 27 6.90 -1.66 1.84
CA LEU A 27 8.06 -0.94 1.27
C LEU A 27 8.76 -1.82 0.25
N LYS A 28 8.48 -3.10 0.31
CA LYS A 28 9.12 -4.03 -0.65
C LYS A 28 8.28 -4.14 -1.89
N ALA A 29 7.00 -4.21 -1.71
CA ALA A 29 6.13 -4.32 -2.88
C ALA A 29 6.09 -3.00 -3.63
N LEU A 30 6.43 -1.95 -2.95
CA LEU A 30 6.42 -0.63 -3.59
C LEU A 30 7.65 -0.44 -4.43
N TYR A 31 8.78 -0.69 -3.85
CA TYR A 31 10.03 -0.51 -4.62
C TYR A 31 10.30 -1.68 -5.59
N ASP A 32 9.96 -2.87 -5.18
CA ASP A 32 10.21 -4.04 -6.08
C ASP A 32 9.18 -4.17 -7.21
N VAL A 33 7.97 -3.75 -6.98
CA VAL A 33 6.96 -3.87 -8.08
C VAL A 33 7.02 -2.69 -9.02
N LEU A 34 7.47 -1.57 -8.52
CA LEU A 34 7.55 -0.38 -9.39
C LEU A 34 8.89 -0.30 -10.13
N ALA A 35 9.88 -1.00 -9.62
CA ALA A 35 11.21 -0.96 -10.28
C ALA A 35 11.42 -2.13 -11.26
N LYS A 36 11.33 -3.31 -10.74
CA LYS A 36 11.52 -4.53 -11.60
C LYS A 36 10.99 -4.36 -13.03
N GLU A 37 9.70 -4.29 -13.17
CA GLU A 37 9.13 -4.12 -14.54
C GLU A 37 9.92 -3.13 -15.38
N SER A 38 9.82 -1.88 -15.05
CA SER A 38 10.56 -0.86 -15.85
C SER A 38 10.93 0.34 -15.00
N GLU A 39 12.11 0.83 -15.22
CA GLU A 39 12.58 2.00 -14.45
C GLU A 39 12.36 3.31 -15.22
N HIS A 40 11.94 3.20 -16.46
CA HIS A 40 11.71 4.45 -17.25
C HIS A 40 10.35 5.14 -16.98
N PRO A 41 9.27 4.38 -17.05
CA PRO A 41 7.93 4.92 -16.81
C PRO A 41 7.70 5.53 -15.40
N PRO A 42 8.17 4.87 -14.37
CA PRO A 42 8.00 5.39 -13.01
C PRO A 42 8.63 6.76 -12.84
N GLN A 43 8.21 7.44 -11.81
CA GLN A 43 8.78 8.79 -11.55
C GLN A 43 9.93 8.75 -10.56
N SER A 44 9.79 7.99 -9.51
CA SER A 44 10.86 7.92 -8.51
C SER A 44 10.60 6.83 -7.50
N ILE A 45 10.86 5.62 -7.89
CA ILE A 45 10.63 4.50 -6.95
C ILE A 45 11.15 4.82 -5.58
N LEU A 46 12.31 5.40 -5.55
CA LEU A 46 12.90 5.74 -4.25
C LEU A 46 12.10 6.82 -3.55
N HIS A 47 11.89 7.90 -4.24
CA HIS A 47 11.11 9.01 -3.64
C HIS A 47 9.64 8.69 -3.52
N THR A 48 9.20 7.65 -4.14
CA THR A 48 7.78 7.30 -4.05
C THR A 48 7.54 6.37 -2.89
N ALA A 49 8.01 5.17 -3.02
CA ALA A 49 7.81 4.23 -1.92
C ALA A 49 8.33 4.83 -0.63
N LYS A 50 9.22 5.81 -0.74
CA LYS A 50 9.76 6.42 0.51
C LYS A 50 8.64 7.04 1.33
N ALA A 51 7.69 7.65 0.66
CA ALA A 51 6.56 8.28 1.41
C ALA A 51 5.33 7.37 1.52
N ILE A 52 4.95 6.80 0.41
CA ILE A 52 3.75 5.90 0.41
C ILE A 52 3.89 4.70 1.35
N GLU A 53 5.08 4.45 1.81
CA GLU A 53 5.26 3.28 2.73
C GLU A 53 4.84 3.60 4.17
N SER A 54 5.02 4.82 4.59
CA SER A 54 4.63 5.18 5.98
C SER A 54 3.24 5.81 6.05
N GLU A 55 2.67 6.10 4.91
CA GLU A 55 1.31 6.71 4.93
C GLU A 55 0.18 5.70 5.00
N MET A 56 -0.02 4.98 3.95
CA MET A 56 -1.10 3.97 3.96
C MET A 56 -1.01 3.05 5.18
N ASN A 57 0.15 3.02 5.79
CA ASN A 57 0.31 2.13 6.98
C ASN A 57 0.15 2.90 8.30
N LYS A 58 0.14 4.20 8.22
CA LYS A 58 -0.03 5.02 9.46
C LYS A 58 -1.03 4.39 10.42
N VAL A 59 -2.25 4.30 9.99
CA VAL A 59 -3.29 3.70 10.87
C VAL A 59 -4.45 3.16 10.04
N ASN A 60 -4.73 1.90 10.19
CA ASN A 60 -5.84 1.30 9.42
C ASN A 60 -6.51 0.19 10.21
N ASN A 61 -6.72 -0.93 9.56
CA ASN A 61 -7.36 -2.07 10.23
C ASN A 61 -6.32 -3.06 10.76
N CYS A 62 -5.09 -2.83 10.39
CA CYS A 62 -3.99 -3.73 10.84
C CYS A 62 -4.20 -4.21 12.28
N ASP A 63 -4.96 -3.46 13.04
CA ASP A 63 -5.19 -3.88 14.46
C ASP A 63 -6.51 -4.64 14.59
N THR A 64 -7.47 -4.29 13.77
CA THR A 64 -8.80 -4.98 13.83
C THR A 64 -8.93 -6.01 12.71
N ASN A 65 -8.84 -5.55 11.49
CA ASN A 65 -8.97 -6.47 10.33
C ASN A 65 -7.77 -6.34 9.43
N GLU A 66 -6.70 -6.98 9.81
CA GLU A 66 -5.48 -6.90 8.98
C GLU A 66 -5.75 -7.46 7.60
N ALA A 67 -6.83 -8.16 7.49
CA ALA A 67 -7.18 -8.75 6.19
C ALA A 67 -7.69 -7.69 5.24
N ALA A 68 -8.09 -6.58 5.82
CA ALA A 68 -8.60 -5.48 4.97
C ALA A 68 -7.46 -4.59 4.51
N TYR A 69 -6.75 -4.02 5.43
CA TYR A 69 -5.63 -3.13 5.04
C TYR A 69 -4.64 -3.91 4.17
N LYS A 70 -4.62 -5.21 4.34
CA LYS A 70 -3.69 -6.05 3.54
C LYS A 70 -4.24 -6.25 2.14
N ALA A 71 -5.43 -6.78 2.06
CA ALA A 71 -6.04 -7.02 0.72
C ALA A 71 -6.20 -5.70 -0.02
N ARG A 72 -6.47 -4.67 0.71
CA ARG A 72 -6.65 -3.36 0.07
C ARG A 72 -5.35 -2.91 -0.58
N TYR A 73 -4.39 -2.58 0.25
CA TYR A 73 -3.08 -2.12 -0.30
C TYR A 73 -2.63 -2.99 -1.47
N ARG A 74 -2.53 -4.27 -1.25
CA ARG A 74 -2.10 -5.18 -2.34
C ARG A 74 -2.93 -4.96 -3.60
N ILE A 75 -4.19 -4.68 -3.43
CA ILE A 75 -5.06 -4.46 -4.61
C ILE A 75 -5.11 -2.98 -4.98
N ILE A 76 -4.63 -2.15 -4.10
CA ILE A 76 -4.64 -0.69 -4.39
C ILE A 76 -3.45 -0.32 -5.26
N TYR A 77 -2.46 -1.16 -5.24
CA TYR A 77 -1.26 -0.88 -6.06
C TYR A 77 -1.65 -0.49 -7.47
N SER A 78 -2.37 -1.36 -8.12
CA SER A 78 -2.79 -1.06 -9.51
C SER A 78 -3.66 0.19 -9.54
N ASN A 79 -4.15 0.58 -8.39
CA ASN A 79 -4.99 1.79 -8.33
C ASN A 79 -4.16 3.00 -7.95
N VAL A 80 -2.94 2.73 -7.54
CA VAL A 80 -2.04 3.83 -7.15
C VAL A 80 -1.34 4.41 -8.36
N ILE A 81 -0.91 3.54 -9.26
CA ILE A 81 -0.22 4.05 -10.47
C ILE A 81 -1.23 4.29 -11.59
N SER A 82 -2.45 3.91 -11.34
CA SER A 82 -3.50 4.10 -12.37
C SER A 82 -4.25 5.41 -12.12
N LYS A 83 -5.01 5.43 -11.06
CA LYS A 83 -5.77 6.65 -10.71
C LYS A 83 -5.11 7.35 -9.53
N ASN A 84 -5.83 8.23 -8.87
CA ASN A 84 -5.24 8.94 -7.72
C ASN A 84 -5.62 8.28 -6.40
N ASN A 85 -4.88 8.57 -5.37
CA ASN A 85 -5.17 7.98 -4.04
C ASN A 85 -6.69 7.90 -3.79
N PRO A 86 -7.26 6.71 -3.89
CA PRO A 86 -8.70 6.53 -3.68
C PRO A 86 -9.06 6.73 -2.22
N ASP A 87 -8.09 7.06 -1.41
CA ASP A 87 -8.38 7.27 0.02
C ASP A 87 -9.16 6.09 0.56
N LEU A 88 -8.63 4.92 0.35
CA LEU A 88 -9.32 3.69 0.83
C LEU A 88 -9.98 3.89 2.20
N LYS A 89 -9.51 4.84 2.96
CA LYS A 89 -10.12 5.08 4.31
C LYS A 89 -11.59 5.50 4.20
N HIS A 90 -12.02 5.78 3.01
CA HIS A 90 -13.45 6.21 2.84
C HIS A 90 -14.41 5.15 3.36
N LYS A 91 -14.02 3.91 3.29
CA LYS A 91 -14.92 2.84 3.77
C LYS A 91 -15.22 3.01 5.26
N ILE A 92 -14.19 3.03 6.04
CA ILE A 92 -14.39 3.19 7.51
C ILE A 92 -15.09 4.51 7.80
N ALA A 93 -15.06 5.39 6.85
CA ALA A 93 -15.72 6.71 7.06
C ALA A 93 -17.22 6.58 6.87
N ASN A 94 -17.64 5.47 6.32
CA ASN A 94 -19.08 5.26 6.09
C ASN A 94 -19.63 6.30 5.13
N GLY A 95 -19.58 5.98 3.88
CA GLY A 95 -20.09 6.93 2.84
C GLY A 95 -21.47 7.49 3.23
N ASP A 96 -22.06 6.94 4.27
CA ASP A 96 -23.38 7.44 4.71
C ASP A 96 -23.33 8.93 5.06
N ILE A 97 -22.13 9.46 5.14
CA ILE A 97 -21.96 10.90 5.48
C ILE A 97 -21.65 11.73 4.23
N THR A 98 -21.72 11.09 3.10
CA THR A 98 -21.43 11.78 1.82
C THR A 98 -22.14 13.16 1.70
N PRO A 99 -23.42 13.20 1.98
CA PRO A 99 -24.19 14.46 1.90
C PRO A 99 -23.68 15.56 2.84
N GLU A 100 -22.75 15.23 3.70
CA GLU A 100 -22.23 16.27 4.64
C GLU A 100 -20.94 16.93 4.13
N PHE A 101 -19.87 16.16 4.12
CA PHE A 101 -18.55 16.71 3.65
C PHE A 101 -18.70 17.72 2.51
N LEU A 102 -19.73 17.55 1.73
CA LEU A 102 -19.95 18.49 0.59
C LEU A 102 -20.03 19.94 1.05
N ALA A 103 -20.08 20.16 2.35
CA ALA A 103 -20.16 21.55 2.86
C ALA A 103 -18.79 22.19 3.01
N THR A 104 -17.76 21.37 2.89
CA THR A 104 -16.37 21.91 3.02
C THR A 104 -15.67 21.92 1.67
N CYS A 105 -16.21 21.16 0.75
CA CYS A 105 -15.58 21.11 -0.60
C CYS A 105 -15.16 22.51 -1.04
N ASP A 106 -15.80 23.49 -0.48
CA ASP A 106 -15.48 24.88 -0.84
C ASP A 106 -14.45 25.44 0.12
N ALA A 107 -14.81 25.51 1.37
CA ALA A 107 -13.87 26.03 2.38
C ALA A 107 -12.59 25.23 2.36
N LYS A 108 -12.62 24.13 1.66
CA LYS A 108 -11.42 23.28 1.60
C LYS A 108 -10.26 24.09 1.04
N ASP A 109 -10.57 25.06 0.22
CA ASP A 109 -9.48 25.88 -0.34
C ASP A 109 -8.75 26.50 0.81
N LEU A 110 -9.50 26.71 1.86
CA LEU A 110 -8.93 27.30 3.06
C LEU A 110 -9.70 26.76 4.27
N ALA A 111 -9.31 25.60 4.70
CA ALA A 111 -9.97 24.96 5.86
C ALA A 111 -10.33 25.97 6.95
N PRO A 112 -9.35 26.72 7.44
CA PRO A 112 -9.61 27.70 8.48
C PRO A 112 -10.81 28.59 8.15
N ALA A 113 -11.92 28.26 8.75
CA ALA A 113 -13.16 29.04 8.51
C ALA A 113 -12.99 30.52 8.89
N PRO A 114 -12.44 30.75 10.08
CA PRO A 114 -12.23 32.12 10.56
C PRO A 114 -11.20 32.86 9.71
N GLY A 1 31.13 -16.49 -12.31
CA GLY A 1 31.90 -16.83 -11.08
C GLY A 1 33.34 -17.13 -11.43
N SER A 2 33.56 -17.70 -12.59
CA SER A 2 34.94 -18.02 -13.01
C SER A 2 35.81 -16.78 -12.95
N HIS A 3 35.21 -15.65 -13.19
CA HIS A 3 35.99 -14.39 -13.15
C HIS A 3 35.08 -13.20 -12.80
N MET A 4 34.32 -12.76 -13.78
CA MET A 4 33.42 -11.60 -13.52
C MET A 4 32.04 -12.09 -13.06
N PRO A 5 31.36 -11.25 -12.29
CA PRO A 5 30.02 -11.59 -11.79
C PRO A 5 29.05 -11.89 -12.92
N ARG A 6 27.80 -12.00 -12.60
CA ARG A 6 26.79 -12.29 -13.65
C ARG A 6 25.41 -11.83 -13.20
N ASN A 7 24.54 -11.61 -14.16
CA ASN A 7 23.17 -11.17 -13.80
C ASN A 7 23.22 -9.94 -12.89
N SER A 8 22.06 -9.54 -12.41
CA SER A 8 22.01 -8.35 -11.52
C SER A 8 21.69 -8.76 -10.09
N LYS A 9 22.63 -8.56 -9.21
CA LYS A 9 22.40 -8.94 -7.79
C LYS A 9 21.16 -8.25 -7.25
N ASN A 10 20.77 -7.18 -7.89
CA ASN A 10 19.56 -6.45 -7.42
C ASN A 10 18.32 -7.33 -7.54
N ASP A 11 18.27 -8.13 -8.57
CA ASP A 11 17.10 -9.01 -8.76
C ASP A 11 16.77 -9.75 -7.46
N GLY A 12 17.67 -9.64 -6.52
CA GLY A 12 17.47 -10.32 -5.22
C GLY A 12 17.93 -9.39 -4.10
N VAL A 13 17.14 -8.40 -3.82
CA VAL A 13 17.52 -7.46 -2.75
C VAL A 13 17.01 -7.93 -1.40
N ASP A 14 17.89 -7.93 -0.44
CA ASP A 14 17.47 -8.38 0.91
C ASP A 14 16.96 -7.19 1.68
N THR A 15 15.73 -7.28 2.11
CA THR A 15 15.14 -6.17 2.86
C THR A 15 14.19 -6.67 3.93
N ALA A 16 14.73 -6.90 5.10
CA ALA A 16 13.90 -7.38 6.21
C ALA A 16 14.30 -6.69 7.50
N ILE A 17 13.68 -5.57 7.75
CA ILE A 17 13.99 -4.82 8.98
C ILE A 17 12.71 -4.38 9.68
N TYR A 18 12.08 -3.35 9.16
CA TYR A 18 10.83 -2.88 9.78
C TYR A 18 9.77 -3.98 9.72
N HIS A 19 10.13 -5.05 9.04
CA HIS A 19 9.21 -6.22 8.88
C HIS A 19 8.49 -6.58 10.17
N HIS A 20 8.83 -5.92 11.26
CA HIS A 20 8.15 -6.23 12.55
C HIS A 20 6.70 -6.63 12.30
N LYS A 21 5.88 -5.67 11.91
CA LYS A 21 4.46 -6.00 11.65
C LYS A 21 4.21 -6.25 10.15
N LEU A 22 4.21 -5.20 9.37
CA LEU A 22 3.98 -5.35 7.91
C LEU A 22 4.63 -4.20 7.13
N ARG A 23 5.43 -3.44 7.81
CA ARG A 23 6.11 -2.31 7.15
C ARG A 23 7.15 -2.77 6.13
N ASP A 24 7.55 -4.02 6.21
CA ASP A 24 8.57 -4.48 5.23
C ASP A 24 7.90 -4.98 3.96
N GLN A 25 6.83 -5.70 4.11
CA GLN A 25 6.15 -6.21 2.92
C GLN A 25 5.72 -5.04 2.09
N VAL A 26 5.47 -3.96 2.75
CA VAL A 26 5.04 -2.77 2.02
C VAL A 26 6.24 -2.20 1.30
N LEU A 27 7.19 -1.74 2.07
CA LEU A 27 8.40 -1.16 1.47
C LEU A 27 8.96 -2.10 0.42
N LYS A 28 8.63 -3.36 0.53
CA LYS A 28 9.15 -4.32 -0.47
C LYS A 28 8.23 -4.37 -1.67
N ALA A 29 6.96 -4.40 -1.40
CA ALA A 29 6.01 -4.45 -2.52
C ALA A 29 6.05 -3.15 -3.31
N LEU A 30 6.47 -2.10 -2.67
CA LEU A 30 6.53 -0.81 -3.38
C LEU A 30 7.76 -0.72 -4.25
N TYR A 31 8.89 -0.98 -3.68
CA TYR A 31 10.12 -0.90 -4.47
C TYR A 31 10.32 -2.10 -5.40
N ASP A 32 9.89 -3.25 -4.97
CA ASP A 32 10.06 -4.45 -5.83
C ASP A 32 9.01 -4.54 -6.94
N VAL A 33 7.87 -3.93 -6.76
CA VAL A 33 6.85 -4.02 -7.84
C VAL A 33 7.12 -2.98 -8.91
N LEU A 34 7.46 -1.80 -8.51
CA LEU A 34 7.72 -0.76 -9.52
C LEU A 34 9.10 -0.92 -10.15
N ALA A 35 9.99 -1.53 -9.42
CA ALA A 35 11.35 -1.73 -9.97
C ALA A 35 11.36 -2.76 -11.09
N LYS A 36 11.09 -3.99 -10.74
CA LYS A 36 11.08 -5.06 -11.76
C LYS A 36 10.22 -4.69 -12.97
N GLU A 37 9.03 -4.22 -12.71
CA GLU A 37 8.13 -3.84 -13.84
C GLU A 37 8.81 -2.92 -14.83
N SER A 38 9.06 -1.70 -14.39
CA SER A 38 9.73 -0.71 -15.29
C SER A 38 11.02 -0.21 -14.66
N GLU A 39 12.11 -0.60 -15.24
CA GLU A 39 13.42 -0.16 -14.71
C GLU A 39 13.93 1.07 -15.46
N HIS A 40 13.55 1.21 -16.71
CA HIS A 40 14.03 2.39 -17.49
C HIS A 40 13.02 3.55 -17.50
N PRO A 41 11.75 3.22 -17.58
CA PRO A 41 10.68 4.22 -17.60
C PRO A 41 9.97 4.51 -16.22
N PRO A 42 10.60 4.24 -15.07
CA PRO A 42 9.94 4.50 -13.80
C PRO A 42 9.90 5.99 -13.48
N GLN A 43 9.25 6.32 -12.40
CA GLN A 43 9.16 7.74 -11.99
C GLN A 43 10.23 8.05 -10.93
N SER A 44 10.22 7.27 -9.89
CA SER A 44 11.20 7.45 -8.79
C SER A 44 10.87 6.49 -7.67
N ILE A 45 10.93 5.24 -8.00
CA ILE A 45 10.63 4.18 -7.02
C ILE A 45 11.08 4.52 -5.62
N LEU A 46 12.28 4.97 -5.49
CA LEU A 46 12.77 5.33 -4.15
C LEU A 46 11.94 6.44 -3.54
N HIS A 47 11.73 7.46 -4.30
CA HIS A 47 10.93 8.60 -3.79
C HIS A 47 9.44 8.25 -3.64
N THR A 48 8.93 7.46 -4.52
CA THR A 48 7.51 7.10 -4.41
C THR A 48 7.28 6.21 -3.21
N ALA A 49 7.86 5.05 -3.25
CA ALA A 49 7.67 4.14 -2.11
C ALA A 49 8.04 4.83 -0.80
N LYS A 50 9.05 5.65 -0.83
CA LYS A 50 9.45 6.34 0.42
C LYS A 50 8.26 7.03 1.08
N ALA A 51 7.36 7.52 0.27
CA ALA A 51 6.17 8.22 0.83
C ALA A 51 4.95 7.30 0.96
N ILE A 52 4.55 6.70 -0.13
CA ILE A 52 3.37 5.80 -0.09
C ILE A 52 3.49 4.72 1.00
N GLU A 53 4.67 4.54 1.50
CA GLU A 53 4.86 3.50 2.56
C GLU A 53 4.52 4.03 3.96
N SER A 54 4.60 5.32 4.13
CA SER A 54 4.29 5.90 5.47
C SER A 54 2.84 6.39 5.60
N GLU A 55 2.11 6.39 4.50
CA GLU A 55 0.70 6.86 4.57
C GLU A 55 -0.30 5.71 4.76
N MET A 56 -0.47 4.93 3.74
CA MET A 56 -1.43 3.80 3.86
C MET A 56 -1.12 2.92 5.06
N ASN A 57 0.04 3.12 5.65
CA ASN A 57 0.40 2.29 6.83
C ASN A 57 0.08 2.97 8.17
N LYS A 58 -0.26 4.23 8.13
CA LYS A 58 -0.57 4.94 9.39
C LYS A 58 -1.72 4.26 10.16
N VAL A 59 -2.92 4.39 9.65
CA VAL A 59 -4.11 3.78 10.33
C VAL A 59 -4.80 2.77 9.43
N ASN A 60 -4.88 1.54 9.87
CA ASN A 60 -5.54 0.51 9.02
C ASN A 60 -6.18 -0.59 9.86
N ASN A 61 -6.22 -1.77 9.28
CA ASN A 61 -6.81 -2.92 10.00
C ASN A 61 -5.73 -3.74 10.71
N CYS A 62 -4.50 -3.38 10.47
CA CYS A 62 -3.36 -4.10 11.11
C CYS A 62 -3.59 -4.34 12.61
N ASP A 63 -4.64 -3.79 13.15
CA ASP A 63 -4.91 -3.99 14.61
C ASP A 63 -5.71 -5.27 14.89
N THR A 64 -6.43 -5.77 13.92
CA THR A 64 -7.23 -7.00 14.16
C THR A 64 -7.37 -7.84 12.89
N ASN A 65 -6.97 -7.29 11.79
CA ASN A 65 -7.08 -8.04 10.52
C ASN A 65 -5.97 -7.65 9.57
N GLU A 66 -4.84 -8.29 9.72
CA GLU A 66 -3.69 -7.97 8.84
C GLU A 66 -3.99 -8.39 7.41
N ALA A 67 -4.88 -9.33 7.28
CA ALA A 67 -5.23 -9.81 5.94
C ALA A 67 -5.96 -8.72 5.18
N ALA A 68 -6.62 -7.86 5.92
CA ALA A 68 -7.35 -6.76 5.27
C ALA A 68 -6.38 -5.71 4.78
N TYR A 69 -5.28 -5.56 5.47
CA TYR A 69 -4.27 -4.56 5.05
C TYR A 69 -3.69 -4.94 3.71
N LYS A 70 -3.28 -6.17 3.59
CA LYS A 70 -2.69 -6.63 2.32
C LYS A 70 -3.70 -6.50 1.18
N ALA A 71 -4.91 -6.91 1.43
CA ALA A 71 -5.94 -6.82 0.38
C ALA A 71 -6.06 -5.40 -0.16
N ARG A 72 -6.38 -4.47 0.70
CA ARG A 72 -6.51 -3.07 0.25
C ARG A 72 -5.25 -2.59 -0.45
N TYR A 73 -4.18 -2.51 0.29
CA TYR A 73 -2.89 -2.06 -0.31
C TYR A 73 -2.70 -2.59 -1.73
N ARG A 74 -2.51 -3.86 -1.85
CA ARG A 74 -2.30 -4.46 -3.20
C ARG A 74 -3.40 -4.06 -4.19
N ILE A 75 -4.62 -4.37 -3.85
CA ILE A 75 -5.75 -4.02 -4.77
C ILE A 75 -5.69 -2.58 -5.24
N ILE A 76 -5.66 -1.67 -4.31
CA ILE A 76 -5.61 -0.23 -4.67
C ILE A 76 -4.18 0.25 -4.96
N TYR A 77 -3.20 -0.60 -4.69
CA TYR A 77 -1.79 -0.20 -4.94
C TYR A 77 -1.66 0.58 -6.24
N SER A 78 -2.51 0.30 -7.19
CA SER A 78 -2.44 1.03 -8.48
C SER A 78 -2.72 2.50 -8.28
N ASN A 79 -3.91 2.81 -7.87
CA ASN A 79 -4.26 4.23 -7.65
C ASN A 79 -3.35 4.84 -6.60
N VAL A 80 -2.86 4.01 -5.72
CA VAL A 80 -1.97 4.53 -4.66
C VAL A 80 -0.72 5.13 -5.27
N ILE A 81 -0.22 4.51 -6.31
CA ILE A 81 1.00 5.05 -6.95
C ILE A 81 0.66 6.26 -7.79
N SER A 82 -0.60 6.42 -8.08
CA SER A 82 -1.03 7.58 -8.90
C SER A 82 -1.49 8.75 -8.04
N LYS A 83 -2.62 8.59 -7.40
CA LYS A 83 -3.13 9.69 -6.54
C LYS A 83 -2.41 9.72 -5.20
N ASN A 84 -3.16 9.92 -4.14
CA ASN A 84 -2.55 9.97 -2.79
C ASN A 84 -3.16 8.94 -1.85
N ASN A 85 -3.71 9.40 -0.77
CA ASN A 85 -4.34 8.47 0.22
C ASN A 85 -5.75 8.02 -0.25
N PRO A 86 -5.92 6.70 -0.47
CA PRO A 86 -7.21 6.17 -0.92
C PRO A 86 -8.24 6.19 0.22
N ASP A 87 -7.77 6.42 1.42
CA ASP A 87 -8.68 6.45 2.58
C ASP A 87 -9.33 5.09 2.81
N LEU A 88 -8.51 4.06 2.82
CA LEU A 88 -9.05 2.68 3.03
C LEU A 88 -10.19 2.67 4.03
N LYS A 89 -10.11 3.52 5.02
CA LYS A 89 -11.17 3.59 6.06
C LYS A 89 -12.57 3.65 5.43
N HIS A 90 -12.62 3.77 4.13
CA HIS A 90 -13.94 3.84 3.44
C HIS A 90 -14.94 2.82 4.00
N LYS A 91 -14.45 1.89 4.77
CA LYS A 91 -15.37 0.86 5.34
C LYS A 91 -16.61 1.51 5.97
N ILE A 92 -16.61 2.81 6.08
CA ILE A 92 -17.78 3.49 6.68
C ILE A 92 -18.89 3.69 5.65
N ALA A 93 -18.51 3.90 4.42
CA ALA A 93 -19.54 4.10 3.36
C ALA A 93 -19.99 2.76 2.78
N ASN A 94 -19.09 1.83 2.72
CA ASN A 94 -19.44 0.50 2.16
C ASN A 94 -20.79 0.02 2.70
N GLY A 95 -21.19 0.55 3.82
CA GLY A 95 -22.49 0.12 4.40
C GLY A 95 -23.65 0.97 3.86
N ASP A 96 -23.40 2.24 3.68
CA ASP A 96 -24.49 3.11 3.16
C ASP A 96 -24.77 2.84 1.68
N ILE A 97 -23.92 2.05 1.07
CA ILE A 97 -24.12 1.72 -0.37
C ILE A 97 -24.73 0.33 -0.54
N THR A 98 -25.30 -0.16 0.52
CA THR A 98 -25.91 -1.51 0.46
C THR A 98 -27.40 -1.51 0.01
N PRO A 99 -28.10 -0.39 0.15
CA PRO A 99 -29.50 -0.32 -0.24
C PRO A 99 -29.70 -0.58 -1.73
N GLU A 100 -30.94 -0.78 -2.11
CA GLU A 100 -31.27 -1.05 -3.54
C GLU A 100 -30.59 -0.05 -4.47
N PHE A 101 -29.98 0.95 -3.91
CA PHE A 101 -29.29 1.96 -4.77
C PHE A 101 -28.36 1.32 -5.78
N LEU A 102 -27.67 0.30 -5.36
CA LEU A 102 -26.74 -0.38 -6.30
C LEU A 102 -27.48 -1.12 -7.41
N ALA A 103 -28.77 -1.21 -7.27
CA ALA A 103 -29.57 -1.93 -8.31
C ALA A 103 -29.83 -1.03 -9.51
N THR A 104 -30.67 -0.06 -9.32
CA THR A 104 -30.98 0.86 -10.43
C THR A 104 -31.33 2.24 -9.92
N CYS A 105 -30.35 3.05 -9.88
CA CYS A 105 -30.57 4.44 -9.39
C CYS A 105 -30.74 5.41 -10.55
N ASP A 106 -30.48 4.95 -11.74
CA ASP A 106 -30.61 5.84 -12.92
C ASP A 106 -32.00 6.44 -13.06
N ALA A 107 -32.95 5.64 -13.43
CA ALA A 107 -34.31 6.18 -13.58
C ALA A 107 -34.86 6.64 -12.25
N LYS A 108 -34.16 6.34 -11.21
CA LYS A 108 -34.65 6.76 -9.87
C LYS A 108 -33.99 8.04 -9.50
N ASP A 109 -32.96 8.37 -10.22
CA ASP A 109 -32.26 9.62 -9.92
C ASP A 109 -33.08 10.73 -10.51
N LEU A 110 -33.75 10.38 -11.57
CA LEU A 110 -34.59 11.34 -12.25
C LEU A 110 -35.61 10.63 -13.09
N ALA A 111 -36.68 10.21 -12.47
CA ALA A 111 -37.72 9.51 -13.24
C ALA A 111 -38.02 10.27 -14.53
N PRO A 112 -38.26 11.58 -14.40
CA PRO A 112 -38.55 12.41 -15.56
C PRO A 112 -37.31 12.60 -16.41
N ALA A 113 -37.45 13.31 -17.51
CA ALA A 113 -36.27 13.53 -18.39
C ALA A 113 -36.66 14.23 -19.70
N PRO A 114 -37.65 13.68 -20.39
CA PRO A 114 -38.09 14.27 -21.65
C PRO A 114 -38.69 15.66 -21.44
N GLY A 1 3.05 -18.45 -7.66
CA GLY A 1 3.16 -17.22 -6.83
C GLY A 1 4.38 -17.33 -5.91
N SER A 2 4.77 -18.54 -5.61
CA SER A 2 5.94 -18.73 -4.72
C SER A 2 7.22 -18.22 -5.40
N HIS A 3 8.22 -17.98 -4.60
CA HIS A 3 9.50 -17.49 -5.18
C HIS A 3 10.32 -18.64 -5.73
N MET A 4 9.71 -19.41 -6.60
CA MET A 4 10.44 -20.57 -7.18
C MET A 4 11.28 -20.17 -8.41
N PRO A 5 10.84 -19.17 -9.16
CA PRO A 5 11.57 -18.73 -10.35
C PRO A 5 12.91 -18.08 -9.97
N ARG A 6 13.89 -18.27 -10.82
CA ARG A 6 15.22 -17.68 -10.53
C ARG A 6 15.70 -18.05 -9.13
N ASN A 7 15.53 -17.16 -8.20
CA ASN A 7 15.97 -17.45 -6.81
C ASN A 7 15.55 -16.34 -5.87
N SER A 8 16.26 -16.20 -4.79
CA SER A 8 15.92 -15.14 -3.82
C SER A 8 15.78 -13.79 -4.52
N LYS A 9 14.94 -12.94 -3.99
CA LYS A 9 14.76 -11.60 -4.61
C LYS A 9 15.65 -10.56 -3.96
N ASN A 10 15.57 -10.47 -2.66
CA ASN A 10 16.41 -9.48 -1.94
C ASN A 10 17.85 -9.54 -2.44
N ASP A 11 18.20 -10.62 -3.08
CA ASP A 11 19.58 -10.74 -3.58
C ASP A 11 19.95 -9.54 -4.45
N GLY A 12 19.01 -9.07 -5.20
CA GLY A 12 19.30 -7.90 -6.07
C GLY A 12 19.23 -6.62 -5.25
N VAL A 13 18.53 -6.68 -4.15
CA VAL A 13 18.42 -5.47 -3.30
C VAL A 13 18.24 -5.84 -1.84
N ASP A 14 19.09 -5.32 -1.00
CA ASP A 14 18.98 -5.63 0.44
C ASP A 14 18.04 -4.63 1.11
N THR A 15 16.91 -5.10 1.55
CA THR A 15 15.95 -4.18 2.20
C THR A 15 15.17 -4.90 3.30
N ALA A 16 15.70 -4.86 4.49
CA ALA A 16 15.02 -5.52 5.63
C ALA A 16 15.15 -4.66 6.89
N ILE A 17 14.17 -3.81 7.11
CA ILE A 17 14.20 -2.94 8.29
C ILE A 17 12.85 -2.92 9.02
N TYR A 18 11.81 -2.85 8.25
CA TYR A 18 10.44 -2.83 8.84
C TYR A 18 9.89 -4.25 9.03
N HIS A 19 10.65 -5.25 8.62
CA HIS A 19 10.19 -6.67 8.77
C HIS A 19 9.39 -6.91 10.06
N HIS A 20 9.39 -5.95 10.94
CA HIS A 20 8.64 -6.12 12.21
C HIS A 20 7.29 -6.79 11.96
N LYS A 21 6.33 -6.06 11.42
CA LYS A 21 4.99 -6.67 11.15
C LYS A 21 4.86 -7.06 9.69
N LEU A 22 4.68 -6.08 8.85
CA LEU A 22 4.53 -6.32 7.39
C LEU A 22 4.99 -5.10 6.63
N ARG A 23 5.16 -4.02 7.35
CA ARG A 23 5.60 -2.77 6.71
C ARG A 23 6.74 -3.05 5.79
N ASP A 24 7.36 -4.18 5.97
CA ASP A 24 8.47 -4.53 5.10
C ASP A 24 7.96 -4.97 3.75
N GLN A 25 7.00 -5.84 3.79
CA GLN A 25 6.43 -6.34 2.53
C GLN A 25 5.91 -5.17 1.74
N VAL A 26 5.72 -4.10 2.43
CA VAL A 26 5.23 -2.91 1.76
C VAL A 26 6.38 -2.16 1.09
N LEU A 27 7.38 -1.86 1.86
CA LEU A 27 8.53 -1.14 1.28
C LEU A 27 9.16 -2.03 0.23
N LYS A 28 8.86 -3.29 0.32
CA LYS A 28 9.42 -4.24 -0.66
C LYS A 28 8.53 -4.33 -1.87
N ALA A 29 7.25 -4.39 -1.61
CA ALA A 29 6.31 -4.49 -2.75
C ALA A 29 6.32 -3.19 -3.54
N LEU A 30 6.64 -2.12 -2.88
CA LEU A 30 6.68 -0.81 -3.58
C LEU A 30 7.94 -0.67 -4.40
N TYR A 31 9.04 -0.98 -3.80
CA TYR A 31 10.30 -0.86 -4.53
C TYR A 31 10.54 -1.96 -5.56
N ASP A 32 10.19 -3.16 -5.23
CA ASP A 32 10.41 -4.26 -6.20
C ASP A 32 9.34 -4.37 -7.29
N VAL A 33 8.17 -3.84 -7.07
CA VAL A 33 7.14 -3.95 -8.14
C VAL A 33 7.26 -2.81 -9.15
N LEU A 34 7.53 -1.63 -8.67
CA LEU A 34 7.65 -0.50 -9.62
C LEU A 34 9.05 -0.39 -10.21
N ALA A 35 10.04 -0.86 -9.48
CA ALA A 35 11.42 -0.77 -10.02
C ALA A 35 11.66 -1.83 -11.09
N LYS A 36 11.57 -3.07 -10.68
CA LYS A 36 11.79 -4.17 -11.65
C LYS A 36 11.05 -3.92 -12.96
N GLU A 37 9.88 -3.35 -12.86
CA GLU A 37 9.11 -3.08 -14.10
C GLU A 37 9.78 -2.00 -14.92
N SER A 38 9.74 -0.80 -14.42
CA SER A 38 10.37 0.32 -15.15
C SER A 38 11.75 0.63 -14.60
N GLU A 39 12.74 0.24 -15.34
CA GLU A 39 14.13 0.50 -14.88
C GLU A 39 14.58 1.86 -15.39
N HIS A 40 14.23 2.16 -16.62
CA HIS A 40 14.65 3.48 -17.20
C HIS A 40 13.53 4.53 -17.07
N PRO A 41 12.28 4.08 -17.09
CA PRO A 41 11.13 4.98 -16.98
C PRO A 41 10.47 5.06 -15.54
N PRO A 42 11.20 4.76 -14.45
CA PRO A 42 10.60 4.84 -13.13
C PRO A 42 10.12 6.24 -12.80
N GLN A 43 8.96 6.33 -12.23
CA GLN A 43 8.41 7.67 -11.87
C GLN A 43 9.08 8.18 -10.60
N SER A 44 9.85 7.30 -9.98
CA SER A 44 10.61 7.63 -8.70
C SER A 44 10.13 6.71 -7.62
N ILE A 45 10.37 5.45 -7.84
CA ILE A 45 9.93 4.45 -6.87
C ILE A 45 10.49 4.71 -5.50
N LEU A 46 11.77 4.87 -5.42
CA LEU A 46 12.37 5.12 -4.11
C LEU A 46 11.73 6.33 -3.44
N HIS A 47 11.80 7.44 -4.09
CA HIS A 47 11.19 8.66 -3.51
C HIS A 47 9.69 8.48 -3.28
N THR A 48 9.08 7.67 -4.09
CA THR A 48 7.62 7.47 -3.91
C THR A 48 7.36 6.54 -2.74
N ALA A 49 7.76 5.32 -2.89
CA ALA A 49 7.54 4.36 -1.79
C ALA A 49 7.95 4.98 -0.47
N LYS A 50 8.92 5.89 -0.52
CA LYS A 50 9.37 6.55 0.73
C LYS A 50 8.19 7.10 1.50
N ALA A 51 7.30 7.75 0.80
CA ALA A 51 6.13 8.32 1.49
C ALA A 51 4.98 7.32 1.59
N ILE A 52 4.59 6.77 0.47
CA ILE A 52 3.48 5.79 0.49
C ILE A 52 3.66 4.75 1.58
N GLU A 53 4.77 4.07 1.57
CA GLU A 53 5.01 3.04 2.61
C GLU A 53 4.78 3.61 4.02
N SER A 54 4.98 4.88 4.17
CA SER A 54 4.79 5.49 5.51
C SER A 54 3.38 6.08 5.65
N GLU A 55 2.70 6.23 4.55
CA GLU A 55 1.32 6.78 4.61
C GLU A 55 0.27 5.69 4.64
N MET A 56 0.39 4.76 3.76
CA MET A 56 -0.61 3.66 3.73
C MET A 56 -0.72 3.01 5.11
N ASN A 57 0.31 3.14 5.90
CA ASN A 57 0.28 2.53 7.26
C ASN A 57 -0.12 3.54 8.33
N LYS A 58 -0.19 4.79 7.93
CA LYS A 58 -0.58 5.85 8.91
C LYS A 58 -1.70 5.39 9.83
N VAL A 59 -2.81 5.03 9.24
CA VAL A 59 -3.95 4.55 10.06
C VAL A 59 -4.81 3.58 9.28
N ASN A 60 -4.74 2.33 9.64
CA ASN A 60 -5.55 1.32 8.91
C ASN A 60 -6.06 0.23 9.85
N ASN A 61 -6.21 -0.95 9.30
CA ASN A 61 -6.71 -2.09 10.12
C ASN A 61 -5.56 -2.93 10.67
N CYS A 62 -4.36 -2.66 10.23
CA CYS A 62 -3.20 -3.45 10.73
C CYS A 62 -3.22 -3.61 12.26
N ASP A 63 -4.10 -2.90 12.93
CA ASP A 63 -4.17 -3.02 14.43
C ASP A 63 -5.25 -4.01 14.88
N THR A 64 -5.91 -4.62 13.94
CA THR A 64 -6.97 -5.59 14.31
C THR A 64 -7.14 -6.65 13.24
N ASN A 65 -7.09 -6.23 12.01
CA ASN A 65 -7.25 -7.19 10.89
C ASN A 65 -6.25 -6.87 9.78
N GLU A 66 -5.05 -7.33 9.96
CA GLU A 66 -4.00 -7.07 8.94
C GLU A 66 -4.42 -7.66 7.60
N ALA A 67 -5.47 -8.41 7.63
CA ALA A 67 -5.97 -9.04 6.40
C ALA A 67 -6.55 -7.99 5.47
N ALA A 68 -7.26 -7.06 6.04
CA ALA A 68 -7.87 -6.00 5.22
C ALA A 68 -6.80 -5.04 4.70
N TYR A 69 -6.05 -4.46 5.60
CA TYR A 69 -4.99 -3.51 5.17
C TYR A 69 -4.18 -4.10 4.02
N LYS A 70 -3.96 -5.39 4.05
CA LYS A 70 -3.18 -6.01 2.95
C LYS A 70 -4.02 -6.13 1.68
N ALA A 71 -5.29 -6.40 1.88
CA ALA A 71 -6.18 -6.54 0.71
C ALA A 71 -6.29 -5.22 -0.05
N ARG A 72 -6.65 -4.19 0.66
CA ARG A 72 -6.78 -2.87 -0.01
C ARG A 72 -5.44 -2.39 -0.57
N TYR A 73 -4.40 -2.61 0.18
CA TYR A 73 -3.05 -2.18 -0.29
C TYR A 73 -2.72 -2.79 -1.65
N ARG A 74 -2.85 -4.09 -1.74
CA ARG A 74 -2.54 -4.78 -3.03
C ARG A 74 -3.64 -4.57 -4.08
N ILE A 75 -4.86 -4.77 -3.67
CA ILE A 75 -5.99 -4.59 -4.63
C ILE A 75 -6.01 -3.18 -5.23
N ILE A 76 -5.69 -2.21 -4.43
CA ILE A 76 -5.68 -0.81 -4.94
C ILE A 76 -4.29 -0.37 -5.38
N TYR A 77 -3.30 -1.19 -5.09
CA TYR A 77 -1.91 -0.83 -5.49
C TYR A 77 -1.89 -0.26 -6.91
N SER A 78 -2.43 -1.01 -7.82
CA SER A 78 -2.46 -0.56 -9.24
C SER A 78 -2.81 0.92 -9.36
N ASN A 79 -3.91 1.31 -8.78
CA ASN A 79 -4.29 2.74 -8.86
C ASN A 79 -3.19 3.64 -8.33
N VAL A 80 -2.59 3.24 -7.23
CA VAL A 80 -1.51 4.09 -6.67
C VAL A 80 -0.48 4.38 -7.74
N ILE A 81 -0.17 3.37 -8.52
CA ILE A 81 0.83 3.57 -9.59
C ILE A 81 0.31 4.57 -10.62
N SER A 82 -0.99 4.69 -10.67
CA SER A 82 -1.59 5.63 -11.65
C SER A 82 -1.59 7.05 -11.08
N LYS A 83 -2.27 7.23 -9.99
CA LYS A 83 -2.32 8.58 -9.36
C LYS A 83 -2.67 8.49 -7.88
N ASN A 84 -3.07 9.59 -7.31
CA ASN A 84 -3.43 9.60 -5.88
C ASN A 84 -4.91 9.26 -5.68
N ASN A 85 -5.38 9.41 -4.46
CA ASN A 85 -6.81 9.12 -4.19
C ASN A 85 -7.13 7.65 -4.51
N PRO A 86 -6.68 6.80 -3.64
CA PRO A 86 -6.88 5.37 -3.79
C PRO A 86 -8.27 4.95 -3.28
N ASP A 87 -8.80 5.67 -2.33
CA ASP A 87 -10.14 5.32 -1.81
C ASP A 87 -10.11 3.90 -1.26
N LEU A 88 -9.05 3.60 -0.55
CA LEU A 88 -8.91 2.24 0.04
C LEU A 88 -10.13 1.80 0.84
N LYS A 89 -10.48 2.54 1.87
CA LYS A 89 -11.67 2.15 2.69
C LYS A 89 -12.95 2.86 2.24
N HIS A 90 -12.82 3.93 1.53
CA HIS A 90 -14.04 4.66 1.07
C HIS A 90 -14.94 3.77 0.23
N LYS A 91 -14.41 2.67 -0.23
CA LYS A 91 -15.25 1.77 -1.06
C LYS A 91 -16.10 0.86 -0.20
N ILE A 92 -15.79 0.80 1.06
CA ILE A 92 -16.58 -0.05 1.98
C ILE A 92 -17.94 0.58 2.24
N ALA A 93 -17.96 1.87 2.39
CA ALA A 93 -19.23 2.56 2.66
C ALA A 93 -20.22 2.32 1.52
N ASN A 94 -19.80 2.57 0.31
CA ASN A 94 -20.72 2.36 -0.84
C ASN A 94 -19.97 2.54 -2.17
N GLY A 95 -19.14 1.58 -2.49
CA GLY A 95 -18.36 1.68 -3.76
C GLY A 95 -19.02 0.90 -4.91
N ASP A 96 -18.97 -0.41 -4.84
CA ASP A 96 -19.58 -1.24 -5.92
C ASP A 96 -21.00 -1.73 -5.59
N ILE A 97 -21.17 -2.31 -4.44
CA ILE A 97 -22.52 -2.80 -4.08
C ILE A 97 -23.36 -1.75 -3.39
N THR A 98 -24.32 -1.23 -4.11
CA THR A 98 -25.20 -0.19 -3.55
C THR A 98 -26.54 -0.78 -3.04
N PRO A 99 -27.13 -1.66 -3.83
CA PRO A 99 -28.40 -2.28 -3.46
C PRO A 99 -28.28 -3.17 -2.23
N GLU A 100 -29.39 -3.77 -1.87
CA GLU A 100 -29.40 -4.67 -0.68
C GLU A 100 -28.91 -6.06 -1.04
N PHE A 101 -28.70 -6.27 -2.32
CA PHE A 101 -28.21 -7.62 -2.79
C PHE A 101 -27.26 -8.27 -1.78
N LEU A 102 -26.59 -7.48 -1.01
CA LEU A 102 -25.65 -8.05 0.00
C LEU A 102 -26.28 -9.26 0.69
N ALA A 103 -27.57 -9.22 0.84
CA ALA A 103 -28.27 -10.35 1.51
C ALA A 103 -28.81 -11.35 0.49
N THR A 104 -29.82 -10.93 -0.22
CA THR A 104 -30.43 -11.82 -1.24
C THR A 104 -30.78 -11.04 -2.50
N CYS A 105 -31.10 -11.76 -3.54
CA CYS A 105 -31.45 -11.08 -4.81
C CYS A 105 -32.96 -10.90 -4.94
N ASP A 106 -33.66 -11.99 -5.10
CA ASP A 106 -35.14 -11.91 -5.24
C ASP A 106 -35.80 -11.85 -3.87
N ALA A 107 -35.38 -12.72 -2.99
CA ALA A 107 -35.98 -12.72 -1.64
C ALA A 107 -36.07 -11.32 -1.07
N LYS A 108 -35.38 -10.40 -1.69
CA LYS A 108 -35.43 -9.00 -1.19
C LYS A 108 -36.86 -8.57 -1.01
N ASP A 109 -37.74 -9.09 -1.83
CA ASP A 109 -39.15 -8.71 -1.70
C ASP A 109 -39.53 -8.86 -0.26
N LEU A 110 -39.11 -9.95 0.29
CA LEU A 110 -39.41 -10.22 1.70
C LEU A 110 -38.23 -10.92 2.33
N ALA A 111 -37.26 -10.12 2.74
CA ALA A 111 -36.06 -10.71 3.39
C ALA A 111 -36.19 -10.73 4.91
N PRO A 112 -36.56 -9.60 5.49
CA PRO A 112 -36.72 -9.50 6.94
C PRO A 112 -37.90 -10.35 7.44
N ALA A 113 -38.77 -10.70 6.53
CA ALA A 113 -39.94 -11.52 6.94
C ALA A 113 -40.71 -10.84 8.07
N PRO A 114 -41.25 -9.68 7.76
CA PRO A 114 -42.03 -8.91 8.73
C PRO A 114 -43.25 -9.68 9.21
N GLY A 1 36.53 -2.24 -8.95
CA GLY A 1 36.65 -3.73 -8.91
C GLY A 1 35.87 -4.28 -7.71
N SER A 2 36.03 -3.63 -6.58
CA SER A 2 35.30 -4.09 -5.37
C SER A 2 35.24 -2.99 -4.33
N HIS A 3 35.05 -1.79 -4.78
CA HIS A 3 34.99 -0.66 -3.84
C HIS A 3 33.54 -0.36 -3.46
N MET A 4 32.69 -0.34 -4.44
CA MET A 4 31.25 -0.06 -4.17
C MET A 4 30.42 -0.27 -5.43
N PRO A 5 30.18 -1.51 -5.76
CA PRO A 5 29.41 -1.86 -6.95
C PRO A 5 27.97 -1.35 -6.84
N ARG A 6 27.67 -0.31 -7.58
CA ARG A 6 26.31 0.26 -7.55
C ARG A 6 25.27 -0.82 -7.87
N ASN A 7 25.39 -1.39 -9.03
CA ASN A 7 24.43 -2.44 -9.44
C ASN A 7 24.47 -3.61 -8.46
N SER A 8 23.65 -4.60 -8.73
CA SER A 8 23.61 -5.79 -7.84
C SER A 8 23.01 -5.43 -6.48
N LYS A 9 22.48 -4.24 -6.39
CA LYS A 9 21.87 -3.81 -5.10
C LYS A 9 20.39 -4.14 -5.07
N ASN A 10 19.83 -4.36 -6.23
CA ASN A 10 18.39 -4.69 -6.30
C ASN A 10 18.14 -6.19 -6.14
N ASP A 11 18.99 -6.98 -6.74
CA ASP A 11 18.81 -8.46 -6.64
C ASP A 11 18.64 -8.88 -5.19
N GLY A 12 19.44 -8.30 -4.32
CA GLY A 12 19.35 -8.64 -2.87
C GLY A 12 19.12 -7.39 -2.05
N VAL A 13 17.91 -7.21 -1.59
CA VAL A 13 17.61 -5.99 -0.79
C VAL A 13 16.63 -6.28 0.33
N ASP A 14 17.06 -6.01 1.53
CA ASP A 14 16.18 -6.26 2.68
C ASP A 14 15.37 -4.99 2.87
N THR A 15 14.14 -5.11 3.29
CA THR A 15 13.34 -3.88 3.47
C THR A 15 12.32 -3.99 4.61
N ALA A 16 12.73 -3.51 5.74
CA ALA A 16 11.85 -3.52 6.95
C ALA A 16 12.40 -2.51 7.95
N ILE A 17 11.89 -1.29 7.94
CA ILE A 17 12.42 -0.29 8.88
C ILE A 17 11.45 0.82 9.29
N TYR A 18 10.37 0.95 8.60
CA TYR A 18 9.43 2.04 8.99
C TYR A 18 8.48 1.77 10.18
N HIS A 19 7.41 0.99 10.04
CA HIS A 19 6.54 0.82 11.27
C HIS A 19 6.71 -0.47 12.10
N HIS A 20 5.89 -1.50 11.83
CA HIS A 20 6.03 -2.77 12.64
C HIS A 20 6.42 -4.07 11.90
N LYS A 21 5.37 -4.71 11.38
CA LYS A 21 5.54 -6.02 10.64
C LYS A 21 5.42 -5.94 9.12
N LEU A 22 4.30 -5.43 8.66
CA LEU A 22 4.11 -5.33 7.20
C LEU A 22 4.73 -4.10 6.66
N ARG A 23 5.41 -3.44 7.48
CA ARG A 23 6.04 -2.23 7.03
C ARG A 23 7.07 -2.64 5.98
N ASP A 24 7.33 -3.93 5.97
CA ASP A 24 8.32 -4.49 5.00
C ASP A 24 7.65 -4.96 3.73
N GLN A 25 6.66 -5.81 3.85
CA GLN A 25 5.98 -6.29 2.63
C GLN A 25 5.58 -5.10 1.82
N VAL A 26 5.40 -4.02 2.50
CA VAL A 26 5.01 -2.81 1.79
C VAL A 26 6.24 -2.22 1.13
N LEU A 27 7.22 -1.97 1.93
CA LEU A 27 8.46 -1.39 1.39
C LEU A 27 8.97 -2.23 0.23
N LYS A 28 8.60 -3.48 0.24
CA LYS A 28 9.04 -4.37 -0.84
C LYS A 28 8.10 -4.33 -2.00
N ALA A 29 6.86 -4.43 -1.72
CA ALA A 29 5.88 -4.41 -2.81
C ALA A 29 5.98 -3.10 -3.60
N LEU A 30 6.43 -2.06 -2.95
CA LEU A 30 6.53 -0.78 -3.69
C LEU A 30 7.81 -0.66 -4.48
N TYR A 31 8.91 -0.86 -3.83
CA TYR A 31 10.19 -0.74 -4.55
C TYR A 31 10.47 -1.95 -5.44
N ASP A 32 10.04 -3.10 -5.04
CA ASP A 32 10.30 -4.30 -5.87
C ASP A 32 9.30 -4.48 -7.01
N VAL A 33 8.07 -4.05 -6.85
CA VAL A 33 7.13 -4.24 -7.98
C VAL A 33 7.33 -3.18 -9.04
N LEU A 34 7.75 -2.01 -8.65
CA LEU A 34 7.96 -0.95 -9.67
C LEU A 34 9.36 -1.03 -10.27
N ALA A 35 10.32 -1.38 -9.45
CA ALA A 35 11.71 -1.48 -9.97
C ALA A 35 11.83 -2.59 -11.00
N LYS A 36 11.67 -3.80 -10.54
CA LYS A 36 11.77 -4.95 -11.47
C LYS A 36 11.09 -4.67 -12.81
N GLU A 37 9.85 -4.29 -12.74
CA GLU A 37 9.11 -4.00 -13.99
C GLU A 37 9.93 -3.14 -14.93
N SER A 38 10.21 -1.92 -14.52
CA SER A 38 11.00 -1.04 -15.40
C SER A 38 11.91 -0.10 -14.61
N GLU A 39 13.06 0.14 -15.17
CA GLU A 39 14.05 1.04 -14.52
C GLU A 39 13.83 2.47 -14.98
N HIS A 40 12.89 2.61 -15.90
CA HIS A 40 12.58 3.95 -16.45
C HIS A 40 11.42 4.73 -15.73
N PRO A 41 10.69 4.12 -14.80
CA PRO A 41 9.62 4.84 -14.13
C PRO A 41 10.08 6.27 -13.71
N PRO A 42 9.52 7.29 -14.37
CA PRO A 42 9.86 8.69 -14.07
C PRO A 42 9.57 9.09 -12.63
N GLN A 43 8.45 8.66 -12.12
CA GLN A 43 8.08 9.02 -10.73
C GLN A 43 9.30 9.03 -9.79
N SER A 44 9.80 7.84 -9.51
CA SER A 44 11.00 7.65 -8.60
C SER A 44 10.68 6.60 -7.59
N ILE A 45 10.73 5.38 -8.04
CA ILE A 45 10.42 4.24 -7.14
C ILE A 45 10.85 4.50 -5.72
N LEU A 46 12.01 5.04 -5.56
CA LEU A 46 12.48 5.33 -4.20
C LEU A 46 11.59 6.35 -3.53
N HIS A 47 11.34 7.40 -4.24
CA HIS A 47 10.48 8.47 -3.69
C HIS A 47 9.04 7.99 -3.51
N THR A 48 8.56 7.24 -4.45
CA THR A 48 7.16 6.74 -4.35
C THR A 48 7.02 5.76 -3.20
N ALA A 49 7.81 4.74 -3.22
CA ALA A 49 7.72 3.74 -2.12
C ALA A 49 8.02 4.36 -0.76
N LYS A 50 8.86 5.36 -0.74
CA LYS A 50 9.18 6.00 0.57
C LYS A 50 8.10 6.94 1.04
N ALA A 51 7.47 7.59 0.11
CA ALA A 51 6.40 8.53 0.51
C ALA A 51 5.02 7.86 0.66
N ILE A 52 4.86 6.67 0.14
CA ILE A 52 3.53 5.99 0.25
C ILE A 52 3.47 4.99 1.42
N GLU A 53 4.47 4.19 1.54
CA GLU A 53 4.49 3.18 2.64
C GLU A 53 4.24 3.80 4.02
N SER A 54 4.38 5.10 4.13
CA SER A 54 4.15 5.75 5.44
C SER A 54 2.74 6.33 5.61
N GLU A 55 1.98 6.36 4.54
CA GLU A 55 0.59 6.93 4.66
C GLU A 55 -0.48 5.88 4.92
N MET A 56 -0.77 5.10 3.93
CA MET A 56 -1.81 4.06 4.14
C MET A 56 -1.42 3.10 5.25
N ASN A 57 -0.21 3.22 5.72
CA ASN A 57 0.25 2.32 6.81
C ASN A 57 0.08 2.96 8.18
N LYS A 58 -0.23 4.25 8.18
CA LYS A 58 -0.41 4.95 9.49
C LYS A 58 -1.14 4.07 10.50
N VAL A 59 -2.38 3.79 10.23
CA VAL A 59 -3.16 2.93 11.16
C VAL A 59 -4.20 2.11 10.39
N ASN A 60 -4.19 0.82 10.60
CA ASN A 60 -5.17 -0.03 9.90
C ASN A 60 -5.53 -1.26 10.72
N ASN A 61 -5.69 -2.37 10.05
CA ASN A 61 -6.04 -3.62 10.76
C ASN A 61 -4.78 -4.44 11.07
N CYS A 62 -3.68 -4.00 10.55
CA CYS A 62 -2.40 -4.74 10.80
C CYS A 62 -2.21 -5.07 12.30
N ASP A 63 -3.07 -4.56 13.14
CA ASP A 63 -2.91 -4.85 14.61
C ASP A 63 -3.63 -6.14 15.02
N THR A 64 -4.52 -6.61 14.19
CA THR A 64 -5.25 -7.86 14.55
C THR A 64 -5.59 -8.63 13.28
N ASN A 65 -6.15 -7.95 12.33
CA ASN A 65 -6.53 -8.60 11.05
C ASN A 65 -5.73 -8.00 9.90
N GLU A 66 -4.47 -8.33 9.86
CA GLU A 66 -3.60 -7.79 8.78
C GLU A 66 -4.02 -8.32 7.44
N ALA A 67 -4.89 -9.28 7.44
CA ALA A 67 -5.35 -9.86 6.17
C ALA A 67 -6.10 -8.81 5.36
N ALA A 68 -6.77 -7.94 6.07
CA ALA A 68 -7.52 -6.87 5.38
C ALA A 68 -6.57 -5.85 4.78
N TYR A 69 -5.84 -5.18 5.63
CA TYR A 69 -4.89 -4.17 5.11
C TYR A 69 -4.09 -4.75 3.95
N LYS A 70 -4.01 -6.05 3.92
CA LYS A 70 -3.25 -6.71 2.82
C LYS A 70 -3.99 -6.52 1.51
N ALA A 71 -5.16 -7.09 1.42
CA ALA A 71 -5.95 -6.96 0.17
C ALA A 71 -6.10 -5.49 -0.19
N ARG A 72 -6.31 -4.68 0.80
CA ARG A 72 -6.48 -3.23 0.55
C ARG A 72 -5.20 -2.64 -0.05
N TYR A 73 -4.11 -2.86 0.62
CA TYR A 73 -2.81 -2.33 0.12
C TYR A 73 -2.50 -2.84 -1.27
N ARG A 74 -2.42 -4.14 -1.40
CA ARG A 74 -2.11 -4.74 -2.73
C ARG A 74 -2.94 -4.09 -3.83
N ILE A 75 -4.20 -3.90 -3.58
CA ILE A 75 -5.07 -3.27 -4.60
C ILE A 75 -4.82 -1.78 -4.69
N ILE A 76 -4.25 -1.22 -3.66
CA ILE A 76 -3.98 0.23 -3.68
C ILE A 76 -2.84 0.55 -4.63
N TYR A 77 -2.02 -0.44 -4.87
CA TYR A 77 -0.86 -0.25 -5.79
C TYR A 77 -1.22 0.64 -6.97
N SER A 78 -2.14 0.17 -7.77
CA SER A 78 -2.54 0.98 -8.94
C SER A 78 -2.87 2.40 -8.53
N ASN A 79 -3.39 2.56 -7.35
CA ASN A 79 -3.74 3.92 -6.88
C ASN A 79 -2.48 4.73 -6.59
N VAL A 80 -1.45 4.06 -6.18
CA VAL A 80 -0.18 4.77 -5.88
C VAL A 80 0.39 5.39 -7.15
N ILE A 81 0.40 4.63 -8.20
CA ILE A 81 0.93 5.16 -9.48
C ILE A 81 -0.07 6.11 -10.11
N SER A 82 -1.30 6.02 -9.71
CA SER A 82 -2.34 6.91 -10.29
C SER A 82 -2.28 8.29 -9.64
N LYS A 83 -2.40 8.32 -8.33
CA LYS A 83 -2.38 9.62 -7.62
C LYS A 83 -1.51 9.52 -6.37
N ASN A 84 -2.04 9.95 -5.25
CA ASN A 84 -1.25 9.87 -3.99
C ASN A 84 -2.15 9.80 -2.77
N ASN A 85 -1.62 9.26 -1.69
CA ASN A 85 -2.42 9.13 -0.44
C ASN A 85 -3.88 8.79 -0.73
N PRO A 86 -4.09 7.53 -1.03
CA PRO A 86 -5.41 7.03 -1.32
C PRO A 86 -6.20 6.84 -0.05
N ASP A 87 -5.47 6.59 1.02
CA ASP A 87 -6.15 6.39 2.30
C ASP A 87 -7.29 5.42 2.12
N LEU A 88 -6.98 4.31 1.49
CA LEU A 88 -8.02 3.27 1.25
C LEU A 88 -9.01 3.18 2.41
N LYS A 89 -8.58 3.56 3.57
CA LYS A 89 -9.50 3.49 4.74
C LYS A 89 -10.44 4.68 4.78
N HIS A 90 -9.88 5.87 4.71
CA HIS A 90 -10.73 7.09 4.74
C HIS A 90 -12.00 6.91 3.92
N LYS A 91 -11.86 6.28 2.80
CA LYS A 91 -13.06 6.06 1.94
C LYS A 91 -14.20 5.49 2.75
N ILE A 92 -13.92 4.46 3.51
CA ILE A 92 -14.99 3.85 4.32
C ILE A 92 -15.41 4.80 5.44
N ALA A 93 -14.51 5.67 5.82
CA ALA A 93 -14.85 6.62 6.92
C ALA A 93 -15.76 7.72 6.39
N ASN A 94 -15.67 7.98 5.11
CA ASN A 94 -16.52 9.04 4.51
C ASN A 94 -16.33 10.37 5.23
N GLY A 95 -15.12 10.66 5.60
CA GLY A 95 -14.85 11.94 6.30
C GLY A 95 -14.46 13.01 5.28
N ASP A 96 -14.18 12.57 4.09
CA ASP A 96 -13.79 13.52 3.02
C ASP A 96 -15.01 13.91 2.17
N ILE A 97 -16.09 13.22 2.39
CA ILE A 97 -17.33 13.52 1.60
C ILE A 97 -18.28 14.43 2.38
N THR A 98 -17.86 14.82 3.56
CA THR A 98 -18.73 15.70 4.37
C THR A 98 -18.48 17.20 4.09
N PRO A 99 -17.26 17.54 3.78
CA PRO A 99 -16.89 18.93 3.49
C PRO A 99 -17.29 19.36 2.07
N GLU A 100 -16.86 18.59 1.11
CA GLU A 100 -17.18 18.92 -0.31
C GLU A 100 -18.67 19.20 -0.54
N PHE A 101 -19.48 18.19 -0.45
CA PHE A 101 -20.94 18.37 -0.67
C PHE A 101 -21.52 19.54 0.11
N LEU A 102 -21.61 19.36 1.38
CA LEU A 102 -22.16 20.42 2.22
C LEU A 102 -21.56 21.78 1.90
N ALA A 103 -20.45 21.77 1.20
CA ALA A 103 -19.82 23.08 0.85
C ALA A 103 -20.25 23.50 -0.55
N THR A 104 -19.74 22.82 -1.53
CA THR A 104 -20.09 23.15 -2.92
C THR A 104 -20.02 21.91 -3.80
N CYS A 105 -20.92 21.81 -4.72
CA CYS A 105 -20.92 20.62 -5.63
C CYS A 105 -20.19 20.91 -6.93
N ASP A 106 -20.79 21.72 -7.76
CA ASP A 106 -20.15 22.06 -9.05
C ASP A 106 -19.41 23.39 -8.96
N ALA A 107 -20.07 24.36 -8.41
CA ALA A 107 -19.44 25.69 -8.28
C ALA A 107 -18.03 25.59 -7.71
N LYS A 108 -17.72 24.48 -7.10
CA LYS A 108 -16.36 24.33 -6.53
C LYS A 108 -15.33 24.68 -7.57
N ASP A 109 -15.65 24.46 -8.82
CA ASP A 109 -14.68 24.78 -9.88
C ASP A 109 -14.24 26.20 -9.66
N LEU A 110 -15.19 27.02 -9.37
CA LEU A 110 -14.88 28.42 -9.14
C LEU A 110 -15.83 28.98 -8.10
N ALA A 111 -15.50 28.76 -6.86
CA ALA A 111 -16.37 29.26 -5.77
C ALA A 111 -16.77 30.72 -6.01
N PRO A 112 -15.79 31.59 -6.24
CA PRO A 112 -16.06 33.00 -6.47
C PRO A 112 -16.91 33.19 -7.72
N ALA A 113 -17.13 34.41 -8.07
CA ALA A 113 -17.95 34.70 -9.27
C ALA A 113 -18.22 36.20 -9.43
N PRO A 114 -18.62 36.84 -8.33
CA PRO A 114 -18.90 38.28 -8.35
C PRO A 114 -17.64 39.09 -8.61
N GLY A 1 42.93 -4.54 -9.30
CA GLY A 1 43.60 -5.85 -9.56
C GLY A 1 42.63 -6.79 -10.29
N SER A 2 41.37 -6.47 -10.23
CA SER A 2 40.37 -7.32 -10.91
C SER A 2 39.07 -6.55 -11.10
N HIS A 3 38.36 -6.83 -12.16
CA HIS A 3 37.09 -6.11 -12.39
C HIS A 3 36.12 -6.95 -13.21
N MET A 4 34.88 -6.95 -12.81
CA MET A 4 33.87 -7.74 -13.56
C MET A 4 32.52 -7.02 -13.55
N PRO A 5 31.67 -7.40 -14.47
CA PRO A 5 30.34 -6.81 -14.58
C PRO A 5 29.58 -6.85 -13.26
N ARG A 6 28.89 -5.78 -12.96
CA ARG A 6 28.12 -5.74 -11.69
C ARG A 6 26.86 -6.59 -11.78
N ASN A 7 26.75 -7.35 -12.83
CA ASN A 7 25.54 -8.20 -13.00
C ASN A 7 24.28 -7.43 -12.64
N SER A 8 23.86 -7.55 -11.40
CA SER A 8 22.64 -6.83 -10.97
C SER A 8 22.39 -7.02 -9.48
N LYS A 9 22.88 -6.10 -8.69
CA LYS A 9 22.68 -6.22 -7.22
C LYS A 9 21.41 -5.49 -6.78
N ASN A 10 21.05 -4.46 -7.53
CA ASN A 10 19.83 -3.70 -7.17
C ASN A 10 18.57 -4.58 -7.27
N ASP A 11 18.40 -5.20 -8.41
CA ASP A 11 17.22 -6.06 -8.59
C ASP A 11 17.09 -7.03 -7.42
N GLY A 12 18.12 -7.07 -6.62
CA GLY A 12 18.12 -7.97 -5.44
C GLY A 12 18.27 -7.12 -4.20
N VAL A 13 17.26 -6.37 -3.93
CA VAL A 13 17.30 -5.48 -2.75
C VAL A 13 16.79 -6.17 -1.51
N ASP A 14 17.63 -6.21 -0.52
CA ASP A 14 17.24 -6.85 0.73
C ASP A 14 16.57 -5.79 1.57
N THR A 15 15.55 -6.15 2.28
CA THR A 15 14.87 -5.14 3.10
C THR A 15 14.35 -5.72 4.40
N ALA A 16 15.17 -5.67 5.41
CA ALA A 16 14.76 -6.20 6.73
C ALA A 16 14.76 -5.08 7.76
N ILE A 17 13.63 -4.41 7.84
CA ILE A 17 13.50 -3.30 8.80
C ILE A 17 12.14 -3.35 9.48
N TYR A 18 11.30 -2.46 9.05
CA TYR A 18 9.93 -2.37 9.61
C TYR A 18 9.25 -3.74 9.59
N HIS A 19 9.94 -4.72 9.03
CA HIS A 19 9.41 -6.12 8.95
C HIS A 19 8.59 -6.53 10.17
N HIS A 20 8.60 -5.72 11.19
CA HIS A 20 7.82 -6.06 12.42
C HIS A 20 6.57 -6.85 12.07
N LYS A 21 5.60 -6.18 11.50
CA LYS A 21 4.35 -6.88 11.13
C LYS A 21 4.38 -7.26 9.64
N LEU A 22 4.22 -6.26 8.82
CA LEU A 22 4.24 -6.49 7.37
C LEU A 22 4.71 -5.22 6.64
N ARG A 23 5.13 -4.26 7.41
CA ARG A 23 5.59 -2.99 6.83
C ARG A 23 6.72 -3.23 5.86
N ASP A 24 7.51 -4.24 6.11
CA ASP A 24 8.61 -4.49 5.18
C ASP A 24 8.08 -5.03 3.87
N GLN A 25 6.97 -5.72 3.97
CA GLN A 25 6.36 -6.28 2.74
C GLN A 25 5.94 -5.15 1.87
N VAL A 26 5.66 -4.05 2.49
CA VAL A 26 5.25 -2.88 1.73
C VAL A 26 6.46 -2.31 1.05
N LEU A 27 7.41 -1.96 1.85
CA LEU A 27 8.65 -1.39 1.31
C LEU A 27 9.18 -2.24 0.16
N LYS A 28 8.84 -3.50 0.18
CA LYS A 28 9.32 -4.38 -0.91
C LYS A 28 8.30 -4.43 -2.01
N ALA A 29 7.07 -4.56 -1.64
CA ALA A 29 6.03 -4.61 -2.68
C ALA A 29 6.01 -3.30 -3.43
N LEU A 30 6.52 -2.26 -2.82
CA LEU A 30 6.53 -0.97 -3.49
C LEU A 30 7.72 -0.85 -4.40
N TYR A 31 8.87 -1.13 -3.86
CA TYR A 31 10.09 -1.03 -4.68
C TYR A 31 10.05 -1.97 -5.89
N ASP A 32 9.64 -3.19 -5.69
CA ASP A 32 9.59 -4.14 -6.84
C ASP A 32 8.39 -3.91 -7.77
N VAL A 33 7.28 -3.49 -7.24
CA VAL A 33 6.11 -3.28 -8.13
C VAL A 33 6.19 -1.92 -8.81
N LEU A 34 6.88 -1.00 -8.20
CA LEU A 34 6.97 0.33 -8.82
C LEU A 34 8.14 0.38 -9.82
N ALA A 35 9.09 -0.51 -9.64
CA ALA A 35 10.24 -0.51 -10.57
C ALA A 35 10.06 -1.53 -11.70
N LYS A 36 9.38 -2.61 -11.40
CA LYS A 36 9.16 -3.65 -12.45
C LYS A 36 8.08 -3.24 -13.45
N GLU A 37 6.86 -3.24 -13.00
CA GLU A 37 5.74 -2.86 -13.90
C GLU A 37 6.00 -1.56 -14.65
N SER A 38 5.99 -0.47 -13.93
CA SER A 38 6.23 0.86 -14.56
C SER A 38 7.61 1.41 -14.19
N GLU A 39 8.53 1.34 -15.13
CA GLU A 39 9.90 1.86 -14.85
C GLU A 39 10.13 3.29 -15.35
N HIS A 40 9.27 3.77 -16.22
CA HIS A 40 9.47 5.17 -16.75
C HIS A 40 8.66 6.26 -15.99
N PRO A 41 7.39 6.01 -15.77
CA PRO A 41 6.52 6.96 -15.06
C PRO A 41 7.00 7.36 -13.65
N PRO A 42 7.47 6.40 -12.86
CA PRO A 42 7.94 6.69 -11.51
C PRO A 42 9.00 7.78 -11.49
N GLN A 43 9.03 8.50 -10.41
CA GLN A 43 10.03 9.59 -10.29
C GLN A 43 11.27 9.13 -9.52
N SER A 44 11.05 8.24 -8.58
CA SER A 44 12.18 7.72 -7.78
C SER A 44 11.66 6.63 -6.89
N ILE A 45 11.55 5.46 -7.45
CA ILE A 45 11.05 4.30 -6.68
C ILE A 45 11.49 4.36 -5.24
N LEU A 46 12.70 4.70 -5.01
CA LEU A 46 13.17 4.76 -3.63
C LEU A 46 12.46 5.89 -2.90
N HIS A 47 12.42 7.02 -3.54
CA HIS A 47 11.75 8.19 -2.94
C HIS A 47 10.24 8.12 -3.07
N THR A 48 9.76 7.19 -3.84
CA THR A 48 8.29 7.07 -4.02
C THR A 48 7.74 6.04 -3.05
N ALA A 49 8.38 4.91 -3.01
CA ALA A 49 7.90 3.86 -2.10
C ALA A 49 8.05 4.32 -0.65
N LYS A 50 9.01 5.19 -0.40
CA LYS A 50 9.19 5.67 0.99
C LYS A 50 8.09 6.66 1.36
N ALA A 51 7.84 7.58 0.49
CA ALA A 51 6.79 8.58 0.78
C ALA A 51 5.40 7.96 0.77
N ILE A 52 5.29 6.78 0.22
CA ILE A 52 3.94 6.12 0.18
C ILE A 52 3.73 5.17 1.35
N GLU A 53 4.60 4.20 1.46
CA GLU A 53 4.48 3.21 2.57
C GLU A 53 4.15 3.89 3.90
N SER A 54 4.45 5.16 4.00
CA SER A 54 4.15 5.87 5.27
C SER A 54 2.79 6.59 5.25
N GLU A 55 2.31 6.94 4.09
CA GLU A 55 1.00 7.65 4.03
C GLU A 55 -0.21 6.74 3.78
N MET A 56 -0.03 5.62 3.14
CA MET A 56 -1.21 4.77 2.90
C MET A 56 -1.48 3.88 4.11
N ASN A 57 -0.54 3.87 5.01
CA ASN A 57 -0.69 3.03 6.23
C ASN A 57 -1.25 3.85 7.39
N LYS A 58 -1.30 5.15 7.19
CA LYS A 58 -1.82 6.06 8.27
C LYS A 58 -2.95 5.41 9.07
N VAL A 59 -3.77 4.64 8.42
CA VAL A 59 -4.88 4.01 9.16
C VAL A 59 -5.37 2.75 8.43
N ASN A 60 -5.22 1.62 9.07
CA ASN A 60 -5.66 0.38 8.42
C ASN A 60 -6.10 -0.65 9.46
N ASN A 61 -6.21 -1.87 9.03
CA ASN A 61 -6.62 -2.95 9.95
C ASN A 61 -5.41 -3.63 10.59
N CYS A 62 -4.24 -3.26 10.13
CA CYS A 62 -2.99 -3.85 10.68
C CYS A 62 -2.99 -3.92 12.22
N ASP A 63 -3.97 -3.35 12.84
CA ASP A 63 -4.01 -3.39 14.34
C ASP A 63 -4.71 -4.65 14.87
N THR A 64 -5.48 -5.29 14.02
CA THR A 64 -6.17 -6.52 14.47
C THR A 64 -6.38 -7.48 13.31
N ASN A 65 -6.91 -6.96 12.22
CA ASN A 65 -7.15 -7.81 11.02
C ASN A 65 -6.16 -7.47 9.91
N GLU A 66 -4.93 -7.84 10.14
CA GLU A 66 -3.89 -7.55 9.11
C GLU A 66 -4.26 -8.20 7.80
N ALA A 67 -5.26 -9.00 7.83
CA ALA A 67 -5.69 -9.69 6.60
C ALA A 67 -6.35 -8.69 5.66
N ALA A 68 -7.09 -7.80 6.21
CA ALA A 68 -7.77 -6.79 5.38
C ALA A 68 -6.76 -5.79 4.85
N TYR A 69 -5.92 -5.31 5.71
CA TYR A 69 -4.90 -4.32 5.26
C TYR A 69 -4.04 -4.94 4.17
N LYS A 70 -3.90 -6.23 4.22
CA LYS A 70 -3.10 -6.93 3.20
C LYS A 70 -3.73 -6.82 1.82
N ALA A 71 -4.94 -7.29 1.72
CA ALA A 71 -5.63 -7.22 0.41
C ALA A 71 -5.75 -5.77 -0.06
N ARG A 72 -5.98 -4.90 0.88
CA ARG A 72 -6.11 -3.47 0.51
C ARG A 72 -4.92 -3.02 -0.32
N TYR A 73 -3.78 -2.90 0.32
CA TYR A 73 -2.57 -2.48 -0.41
C TYR A 73 -2.42 -3.25 -1.73
N ARG A 74 -2.17 -4.52 -1.61
CA ARG A 74 -2.00 -5.36 -2.84
C ARG A 74 -2.98 -5.00 -3.96
N ILE A 75 -4.22 -4.78 -3.60
CA ILE A 75 -5.21 -4.43 -4.66
C ILE A 75 -5.17 -2.96 -5.03
N ILE A 76 -5.62 -2.13 -4.14
CA ILE A 76 -5.62 -0.67 -4.42
C ILE A 76 -4.22 -0.15 -4.71
N TYR A 77 -3.22 -0.98 -4.54
CA TYR A 77 -1.83 -0.51 -4.82
C TYR A 77 -1.78 0.32 -6.08
N SER A 78 -2.77 0.15 -6.93
CA SER A 78 -2.79 0.94 -8.19
C SER A 78 -3.11 2.39 -7.91
N ASN A 79 -4.25 2.63 -7.32
CA ASN A 79 -4.60 4.03 -7.02
C ASN A 79 -3.63 4.59 -6.00
N VAL A 80 -2.94 3.71 -5.30
CA VAL A 80 -1.97 4.20 -4.31
C VAL A 80 -0.86 4.93 -5.01
N ILE A 81 -0.34 4.34 -6.07
CA ILE A 81 0.75 5.04 -6.79
C ILE A 81 0.33 6.45 -7.10
N SER A 82 -0.97 6.65 -7.09
CA SER A 82 -1.52 7.99 -7.38
C SER A 82 -1.25 8.95 -6.22
N LYS A 83 -1.81 8.65 -5.07
CA LYS A 83 -1.60 9.54 -3.90
C LYS A 83 -1.97 8.83 -2.60
N ASN A 84 -3.23 8.90 -2.22
CA ASN A 84 -3.64 8.24 -0.96
C ASN A 84 -5.16 8.33 -0.76
N ASN A 85 -5.60 7.95 0.43
CA ASN A 85 -7.05 8.02 0.73
C ASN A 85 -7.84 7.07 -0.18
N PRO A 86 -7.67 5.81 0.07
CA PRO A 86 -8.33 4.76 -0.68
C PRO A 86 -9.78 4.59 -0.26
N ASP A 87 -10.03 4.71 1.01
CA ASP A 87 -11.40 4.56 1.51
C ASP A 87 -11.84 3.10 1.41
N LEU A 88 -10.91 2.21 1.61
CA LEU A 88 -11.25 0.76 1.53
C LEU A 88 -12.61 0.46 2.18
N LYS A 89 -12.91 1.18 3.23
CA LYS A 89 -14.22 0.95 3.91
C LYS A 89 -15.39 1.36 3.01
N HIS A 90 -15.28 2.50 2.40
CA HIS A 90 -16.37 2.98 1.50
C HIS A 90 -16.80 1.87 0.54
N LYS A 91 -16.06 0.81 0.51
CA LYS A 91 -16.42 -0.30 -0.40
C LYS A 91 -17.92 -0.58 -0.35
N ILE A 92 -18.52 -0.27 0.77
CA ILE A 92 -19.99 -0.51 0.90
C ILE A 92 -20.77 0.52 0.09
N ALA A 93 -20.27 1.72 0.04
CA ALA A 93 -20.98 2.78 -0.74
C ALA A 93 -20.50 2.82 -2.18
N ASN A 94 -19.44 2.10 -2.47
CA ASN A 94 -18.92 2.09 -3.86
C ASN A 94 -19.61 1.03 -4.71
N GLY A 95 -20.49 0.29 -4.09
CA GLY A 95 -21.22 -0.78 -4.85
C GLY A 95 -21.91 -0.19 -6.09
N ASP A 96 -21.92 1.12 -6.17
CA ASP A 96 -22.56 1.77 -7.34
C ASP A 96 -21.77 1.54 -8.64
N ILE A 97 -20.48 1.55 -8.52
CA ILE A 97 -19.62 1.35 -9.73
C ILE A 97 -19.09 -0.08 -9.78
N THR A 98 -19.79 -0.96 -9.15
CA THR A 98 -19.38 -2.37 -9.12
C THR A 98 -20.06 -3.27 -10.19
N PRO A 99 -21.10 -2.77 -10.90
CA PRO A 99 -21.77 -3.58 -11.91
C PRO A 99 -20.84 -4.03 -13.06
N GLU A 100 -21.42 -4.24 -14.21
CA GLU A 100 -20.62 -4.68 -15.39
C GLU A 100 -19.21 -4.08 -15.43
N PHE A 101 -19.02 -2.95 -14.82
CA PHE A 101 -17.66 -2.34 -14.84
C PHE A 101 -16.60 -3.36 -14.52
N LEU A 102 -16.57 -3.76 -13.28
CA LEU A 102 -15.59 -4.75 -12.84
C LEU A 102 -15.78 -6.07 -13.58
N ALA A 103 -16.85 -6.15 -14.33
CA ALA A 103 -17.11 -7.40 -15.08
C ALA A 103 -16.54 -7.34 -16.50
N THR A 104 -16.08 -6.18 -16.90
CA THR A 104 -15.50 -6.05 -18.27
C THR A 104 -14.16 -5.34 -18.24
N CYS A 105 -13.62 -5.18 -17.08
CA CYS A 105 -12.31 -4.51 -16.98
C CYS A 105 -11.17 -5.41 -17.45
N ASP A 106 -10.85 -6.39 -16.65
CA ASP A 106 -9.75 -7.33 -17.02
C ASP A 106 -10.26 -8.61 -17.64
N ALA A 107 -10.99 -9.36 -16.86
CA ALA A 107 -11.54 -10.65 -17.36
C ALA A 107 -12.09 -10.51 -18.77
N LYS A 108 -12.31 -9.31 -19.20
CA LYS A 108 -12.83 -9.13 -20.57
C LYS A 108 -12.03 -9.96 -21.55
N ASP A 109 -10.77 -10.13 -21.28
CA ASP A 109 -9.94 -10.92 -22.20
C ASP A 109 -10.66 -12.22 -22.46
N LEU A 110 -11.17 -12.76 -21.41
CA LEU A 110 -11.89 -14.03 -21.52
C LEU A 110 -13.01 -14.04 -20.50
N ALA A 111 -14.11 -13.43 -20.87
CA ALA A 111 -15.27 -13.39 -19.94
C ALA A 111 -16.27 -14.53 -20.22
N PRO A 112 -16.64 -14.71 -21.47
CA PRO A 112 -17.57 -15.76 -21.84
C PRO A 112 -17.04 -17.15 -21.49
N ALA A 113 -17.80 -18.15 -21.83
CA ALA A 113 -17.35 -19.55 -21.53
C ALA A 113 -17.74 -20.50 -22.67
N PRO A 114 -16.90 -20.55 -23.68
CA PRO A 114 -17.13 -21.43 -24.83
C PRO A 114 -17.09 -22.90 -24.43
N GLY A 1 41.66 -15.32 -9.34
CA GLY A 1 40.84 -14.16 -8.92
C GLY A 1 39.37 -14.53 -8.92
N SER A 2 38.54 -13.61 -9.31
CA SER A 2 37.07 -13.89 -9.34
C SER A 2 36.36 -12.87 -10.21
N HIS A 3 35.06 -12.87 -10.15
CA HIS A 3 34.29 -11.90 -10.97
C HIS A 3 32.83 -11.88 -10.55
N MET A 4 31.98 -12.49 -11.35
CA MET A 4 30.53 -12.51 -11.02
C MET A 4 29.95 -11.07 -10.94
N PRO A 5 29.12 -10.70 -11.90
CA PRO A 5 28.53 -9.35 -11.90
C PRO A 5 27.75 -9.08 -10.62
N ARG A 6 27.18 -10.12 -10.06
CA ARG A 6 26.39 -9.93 -8.82
C ARG A 6 25.22 -8.98 -9.05
N ASN A 7 24.04 -9.54 -9.17
CA ASN A 7 22.85 -8.68 -9.39
C ASN A 7 21.63 -9.28 -8.71
N SER A 8 21.22 -8.66 -7.63
CA SER A 8 20.03 -9.17 -6.91
C SER A 8 19.20 -8.02 -6.37
N LYS A 9 18.07 -8.33 -5.80
CA LYS A 9 17.21 -7.27 -5.25
C LYS A 9 17.87 -6.61 -4.05
N ASN A 10 18.45 -7.41 -3.21
CA ASN A 10 19.12 -6.84 -2.01
C ASN A 10 20.06 -5.70 -2.38
N ASP A 11 20.51 -5.71 -3.61
CA ASP A 11 21.42 -4.63 -4.05
C ASP A 11 20.67 -3.47 -4.69
N GLY A 12 19.46 -3.75 -5.12
CA GLY A 12 18.66 -2.68 -5.75
C GLY A 12 17.82 -1.96 -4.70
N VAL A 13 17.57 -2.62 -3.60
CA VAL A 13 16.75 -1.98 -2.55
C VAL A 13 17.11 -2.50 -1.16
N ASP A 14 17.34 -1.58 -0.26
CA ASP A 14 17.68 -1.99 1.11
C ASP A 14 16.39 -2.13 1.88
N THR A 15 16.27 -3.18 2.65
CA THR A 15 15.02 -3.35 3.40
C THR A 15 15.25 -4.02 4.76
N ALA A 16 15.46 -3.22 5.74
CA ALA A 16 15.69 -3.74 7.10
C ALA A 16 15.40 -2.65 8.12
N ILE A 17 14.17 -2.55 8.50
CA ILE A 17 13.78 -1.52 9.47
C ILE A 17 12.31 -1.68 9.86
N TYR A 18 11.45 -1.47 8.91
CA TYR A 18 9.99 -1.61 9.19
C TYR A 18 9.61 -3.07 9.42
N HIS A 19 10.56 -3.94 9.22
CA HIS A 19 10.32 -5.40 9.41
C HIS A 19 9.47 -5.73 10.64
N HIS A 20 9.20 -4.75 11.48
CA HIS A 20 8.38 -5.02 12.69
C HIS A 20 7.22 -5.98 12.37
N LYS A 21 6.19 -5.47 11.72
CA LYS A 21 5.04 -6.36 11.38
C LYS A 21 5.11 -6.80 9.92
N LEU A 22 4.82 -5.88 9.04
CA LEU A 22 4.86 -6.18 7.59
C LEU A 22 5.15 -4.91 6.82
N ARG A 23 5.14 -3.82 7.53
CA ARG A 23 5.42 -2.53 6.88
C ARG A 23 6.62 -2.66 5.98
N ASP A 24 7.35 -3.72 6.16
CA ASP A 24 8.54 -3.92 5.33
C ASP A 24 8.14 -4.51 3.99
N GLN A 25 7.29 -5.50 4.02
CA GLN A 25 6.86 -6.12 2.75
C GLN A 25 6.16 -5.08 1.94
N VAL A 26 5.74 -4.04 2.61
CA VAL A 26 5.04 -2.96 1.91
C VAL A 26 6.08 -2.12 1.18
N LEU A 27 7.04 -1.66 1.91
CA LEU A 27 8.09 -0.83 1.28
C LEU A 27 8.79 -1.64 0.20
N LYS A 28 8.62 -2.94 0.29
CA LYS A 28 9.26 -3.83 -0.71
C LYS A 28 8.35 -3.98 -1.89
N ALA A 29 7.12 -4.26 -1.62
CA ALA A 29 6.17 -4.43 -2.73
C ALA A 29 6.03 -3.12 -3.48
N LEU A 30 6.30 -2.06 -2.79
CA LEU A 30 6.19 -0.74 -3.45
C LEU A 30 7.41 -0.47 -4.31
N TYR A 31 8.55 -0.88 -3.83
CA TYR A 31 9.78 -0.65 -4.60
C TYR A 31 9.94 -1.63 -5.77
N ASP A 32 9.73 -2.88 -5.53
CA ASP A 32 9.87 -3.88 -6.63
C ASP A 32 8.70 -3.85 -7.63
N VAL A 33 7.54 -3.46 -7.17
CA VAL A 33 6.40 -3.44 -8.13
C VAL A 33 6.37 -2.15 -8.92
N LEU A 34 6.92 -1.09 -8.36
CA LEU A 34 6.92 0.18 -9.09
C LEU A 34 8.07 0.22 -10.09
N ALA A 35 9.14 -0.43 -9.74
CA ALA A 35 10.30 -0.46 -10.67
C ALA A 35 10.06 -1.42 -11.82
N LYS A 36 9.78 -2.65 -11.48
CA LYS A 36 9.53 -3.66 -12.54
C LYS A 36 8.52 -3.14 -13.57
N GLU A 37 7.53 -2.44 -13.09
CA GLU A 37 6.51 -1.90 -14.02
C GLU A 37 7.14 -1.31 -15.27
N SER A 38 7.83 -0.21 -15.09
CA SER A 38 8.48 0.45 -16.25
C SER A 38 9.83 1.03 -15.85
N GLU A 39 10.85 0.67 -16.61
CA GLU A 39 12.21 1.18 -16.28
C GLU A 39 12.57 2.43 -17.09
N HIS A 40 11.76 2.76 -18.07
CA HIS A 40 12.07 3.97 -18.89
C HIS A 40 11.41 5.24 -18.33
N PRO A 41 10.16 5.12 -17.90
CA PRO A 41 9.41 6.25 -17.35
C PRO A 41 9.26 6.24 -15.77
N PRO A 42 10.20 5.64 -15.03
CA PRO A 42 10.07 5.61 -13.57
C PRO A 42 10.05 7.01 -12.98
N GLN A 43 9.21 7.19 -12.00
CA GLN A 43 9.12 8.52 -11.35
C GLN A 43 10.18 8.66 -10.27
N SER A 44 10.08 7.81 -9.29
CA SER A 44 11.06 7.85 -8.18
C SER A 44 10.81 6.68 -7.25
N ILE A 45 10.81 5.49 -7.83
CA ILE A 45 10.58 4.25 -7.02
C ILE A 45 11.17 4.37 -5.62
N LEU A 46 12.39 4.84 -5.54
CA LEU A 46 13.03 4.98 -4.21
C LEU A 46 12.27 6.01 -3.37
N HIS A 47 12.09 7.17 -3.93
CA HIS A 47 11.37 8.25 -3.21
C HIS A 47 9.87 8.01 -3.20
N THR A 48 9.44 7.04 -3.95
CA THR A 48 7.98 6.75 -3.99
C THR A 48 7.59 5.69 -2.98
N ALA A 49 8.36 4.63 -2.94
CA ALA A 49 8.04 3.56 -1.97
C ALA A 49 8.46 3.96 -0.56
N LYS A 50 9.36 4.91 -0.47
CA LYS A 50 9.80 5.34 0.89
C LYS A 50 8.87 6.38 1.48
N ALA A 51 8.15 7.08 0.63
CA ALA A 51 7.23 8.11 1.14
C ALA A 51 5.81 7.55 1.30
N ILE A 52 5.47 6.61 0.47
CA ILE A 52 4.11 6.00 0.54
C ILE A 52 4.02 5.02 1.70
N GLU A 53 5.03 4.25 1.85
CA GLU A 53 5.05 3.25 2.94
C GLU A 53 4.46 3.81 4.25
N SER A 54 4.69 5.07 4.51
CA SER A 54 4.14 5.67 5.77
C SER A 54 2.81 6.40 5.55
N GLU A 55 2.42 6.56 4.32
CA GLU A 55 1.13 7.27 4.07
C GLU A 55 -0.09 6.35 4.15
N MET A 56 -0.24 5.47 3.20
CA MET A 56 -1.41 4.57 3.24
C MET A 56 -1.41 3.72 4.50
N ASN A 57 -0.33 3.78 5.23
CA ASN A 57 -0.24 2.97 6.49
C ASN A 57 -0.64 3.79 7.73
N LYS A 58 -0.81 5.08 7.55
CA LYS A 58 -1.19 5.96 8.69
C LYS A 58 -2.12 5.22 9.68
N VAL A 59 -3.30 4.87 9.22
CA VAL A 59 -4.25 4.16 10.13
C VAL A 59 -5.03 3.13 9.35
N ASN A 60 -4.92 1.89 9.76
CA ASN A 60 -5.66 0.82 9.06
C ASN A 60 -6.03 -0.32 10.00
N ASN A 61 -6.22 -1.49 9.43
CA ASN A 61 -6.58 -2.66 10.27
C ASN A 61 -5.34 -3.45 10.66
N CYS A 62 -4.23 -3.09 10.08
CA CYS A 62 -2.96 -3.80 10.39
C CYS A 62 -2.77 -3.98 11.91
N ASP A 63 -3.61 -3.36 12.69
CA ASP A 63 -3.47 -3.49 14.17
C ASP A 63 -4.25 -4.69 14.70
N THR A 64 -5.33 -5.04 14.04
CA THR A 64 -6.14 -6.20 14.50
C THR A 64 -6.45 -7.14 13.33
N ASN A 65 -7.01 -6.59 12.28
CA ASN A 65 -7.36 -7.42 11.09
C ASN A 65 -6.52 -6.98 9.90
N GLU A 66 -5.27 -7.35 9.92
CA GLU A 66 -4.37 -6.98 8.81
C GLU A 66 -4.79 -7.67 7.52
N ALA A 67 -5.71 -8.57 7.64
CA ALA A 67 -6.17 -9.28 6.45
C ALA A 67 -6.83 -8.31 5.49
N ALA A 68 -7.35 -7.25 6.04
CA ALA A 68 -8.01 -6.24 5.19
C ALA A 68 -6.99 -5.26 4.63
N TYR A 69 -6.22 -4.66 5.50
CA TYR A 69 -5.19 -3.70 5.04
C TYR A 69 -4.30 -4.35 3.98
N LYS A 70 -4.14 -5.64 4.09
CA LYS A 70 -3.29 -6.35 3.10
C LYS A 70 -4.02 -6.51 1.78
N ALA A 71 -5.20 -7.07 1.84
CA ALA A 71 -5.98 -7.26 0.59
C ALA A 71 -6.04 -5.96 -0.19
N ARG A 72 -6.46 -4.91 0.47
CA ARG A 72 -6.55 -3.60 -0.23
C ARG A 72 -5.20 -3.22 -0.83
N TYR A 73 -4.23 -3.03 0.03
CA TYR A 73 -2.88 -2.65 -0.46
C TYR A 73 -2.52 -3.41 -1.74
N ARG A 74 -2.40 -4.70 -1.60
CA ARG A 74 -2.04 -5.54 -2.78
C ARG A 74 -2.76 -5.09 -4.05
N ILE A 75 -4.06 -5.12 -4.02
CA ILE A 75 -4.83 -4.69 -5.22
C ILE A 75 -4.88 -3.18 -5.36
N ILE A 76 -5.59 -2.55 -4.48
CA ILE A 76 -5.69 -1.07 -4.54
C ILE A 76 -4.36 -0.40 -4.87
N TYR A 77 -3.27 -1.05 -4.49
CA TYR A 77 -1.91 -0.47 -4.77
C TYR A 77 -1.87 0.20 -6.15
N SER A 78 -2.56 -0.36 -7.08
CA SER A 78 -2.57 0.23 -8.44
C SER A 78 -2.97 1.69 -8.41
N ASN A 79 -4.17 1.95 -8.01
CA ASN A 79 -4.64 3.36 -7.96
C ASN A 79 -3.73 4.20 -7.06
N VAL A 80 -3.12 3.58 -6.09
CA VAL A 80 -2.23 4.36 -5.20
C VAL A 80 -1.08 4.97 -5.99
N ILE A 81 -0.57 4.23 -6.95
CA ILE A 81 0.55 4.80 -7.75
C ILE A 81 0.02 5.92 -8.63
N SER A 82 -1.28 6.00 -8.72
CA SER A 82 -1.89 7.06 -9.55
C SER A 82 -2.21 8.28 -8.70
N LYS A 83 -2.93 8.05 -7.63
CA LYS A 83 -3.31 9.17 -6.72
C LYS A 83 -3.17 8.74 -5.26
N ASN A 84 -2.78 9.65 -4.41
CA ASN A 84 -2.63 9.30 -2.97
C ASN A 84 -3.99 9.19 -2.29
N ASN A 85 -4.69 8.13 -2.58
CA ASN A 85 -6.03 7.94 -1.96
C ASN A 85 -6.44 6.47 -1.99
N PRO A 86 -6.06 5.73 -0.95
CA PRO A 86 -6.40 4.31 -0.86
C PRO A 86 -7.91 4.10 -0.76
N ASP A 87 -8.63 5.18 -0.57
CA ASP A 87 -10.10 5.08 -0.45
C ASP A 87 -10.47 4.20 0.71
N LEU A 88 -9.47 3.81 1.46
CA LEU A 88 -9.74 2.95 2.62
C LEU A 88 -10.38 3.76 3.75
N LYS A 89 -10.40 5.06 3.57
CA LYS A 89 -11.01 5.93 4.60
C LYS A 89 -12.47 5.59 4.85
N HIS A 90 -13.11 5.02 3.87
CA HIS A 90 -14.55 4.67 4.04
C HIS A 90 -14.76 3.80 5.28
N LYS A 91 -13.75 3.04 5.64
CA LYS A 91 -13.88 2.17 6.83
C LYS A 91 -14.18 3.00 8.07
N ILE A 92 -13.58 4.16 8.15
CA ILE A 92 -13.82 5.01 9.33
C ILE A 92 -15.30 5.31 9.47
N ALA A 93 -15.92 5.65 8.38
CA ALA A 93 -17.38 5.97 8.44
C ALA A 93 -18.13 4.87 9.16
N ASN A 94 -17.66 3.66 9.02
CA ASN A 94 -18.34 2.53 9.70
C ASN A 94 -19.84 2.56 9.41
N GLY A 95 -20.18 2.81 8.19
CA GLY A 95 -21.63 2.86 7.82
C GLY A 95 -22.12 1.47 7.41
N ASP A 96 -21.19 0.57 7.26
CA ASP A 96 -21.55 -0.81 6.87
C ASP A 96 -22.72 -1.35 7.69
N ILE A 97 -23.00 -0.74 8.82
CA ILE A 97 -24.14 -1.22 9.66
C ILE A 97 -25.38 -0.32 9.49
N THR A 98 -26.44 -0.77 10.07
CA THR A 98 -27.76 -0.05 10.03
C THR A 98 -28.16 0.81 11.30
N PRO A 99 -27.27 0.92 12.36
CA PRO A 99 -27.62 1.69 13.58
C PRO A 99 -29.12 1.98 13.80
N GLU A 100 -29.93 1.16 13.23
CA GLU A 100 -31.40 1.32 13.37
C GLU A 100 -31.83 0.29 14.39
N PHE A 101 -30.98 -0.71 14.48
CA PHE A 101 -31.20 -1.83 15.41
C PHE A 101 -30.83 -1.46 16.84
N LEU A 102 -30.21 -0.32 16.97
CA LEU A 102 -29.80 0.15 18.31
C LEU A 102 -30.90 -0.08 19.36
N ALA A 103 -32.10 -0.31 18.89
CA ALA A 103 -33.21 -0.53 19.85
C ALA A 103 -33.11 -1.91 20.53
N THR A 104 -32.69 -2.89 19.78
CA THR A 104 -32.57 -4.25 20.37
C THR A 104 -31.13 -4.53 20.80
N CYS A 105 -30.26 -3.62 20.49
CA CYS A 105 -28.84 -3.81 20.87
C CYS A 105 -28.73 -4.20 22.34
N ASP A 106 -29.81 -4.09 23.06
CA ASP A 106 -29.78 -4.47 24.50
C ASP A 106 -30.17 -5.92 24.68
N ALA A 107 -31.42 -6.20 24.47
CA ALA A 107 -31.86 -7.60 24.64
C ALA A 107 -31.11 -8.49 23.68
N LYS A 108 -30.38 -7.86 22.79
CA LYS A 108 -29.61 -8.64 21.81
C LYS A 108 -28.80 -9.71 22.53
N ASP A 109 -28.36 -9.40 23.71
CA ASP A 109 -27.58 -10.41 24.46
C ASP A 109 -28.37 -11.68 24.46
N LEU A 110 -29.64 -11.51 24.69
CA LEU A 110 -30.54 -12.66 24.72
C LEU A 110 -31.86 -12.26 24.09
N ALA A 111 -31.89 -12.33 22.79
CA ALA A 111 -33.14 -11.96 22.06
C ALA A 111 -34.05 -13.17 21.71
N PRO A 112 -33.52 -14.40 21.76
CA PRO A 112 -34.33 -15.57 21.44
C PRO A 112 -35.54 -15.69 22.35
N ALA A 113 -36.69 -15.36 21.82
CA ALA A 113 -37.92 -15.43 22.63
C ALA A 113 -38.52 -16.84 22.61
N PRO A 114 -38.66 -17.41 21.42
CA PRO A 114 -39.22 -18.75 21.27
C PRO A 114 -38.33 -19.79 21.94
N GLY A 1 23.45 -18.10 4.73
CA GLY A 1 24.07 -19.45 4.56
C GLY A 1 25.37 -19.32 3.76
N SER A 2 25.45 -20.06 2.69
CA SER A 2 26.68 -19.99 1.87
C SER A 2 26.77 -18.63 1.17
N HIS A 3 27.27 -18.65 -0.04
CA HIS A 3 27.38 -17.37 -0.78
C HIS A 3 26.01 -16.85 -1.17
N MET A 4 25.23 -17.70 -1.78
CA MET A 4 23.88 -17.28 -2.20
C MET A 4 23.07 -18.49 -2.67
N PRO A 5 22.53 -19.22 -1.72
CA PRO A 5 21.73 -20.41 -2.02
C PRO A 5 20.51 -20.06 -2.84
N ARG A 6 19.71 -21.05 -3.12
CA ARG A 6 18.50 -20.80 -3.92
C ARG A 6 17.33 -20.38 -3.02
N ASN A 7 16.75 -19.25 -3.34
CA ASN A 7 15.61 -18.77 -2.52
C ASN A 7 14.90 -17.61 -3.21
N SER A 8 15.56 -16.49 -3.27
CA SER A 8 14.94 -15.31 -3.92
C SER A 8 16.00 -14.44 -4.59
N LYS A 9 16.67 -15.00 -5.58
CA LYS A 9 17.71 -14.21 -6.28
C LYS A 9 17.07 -13.18 -7.21
N ASN A 10 15.82 -13.38 -7.51
CA ASN A 10 15.13 -12.42 -8.41
C ASN A 10 15.25 -11.00 -7.86
N ASP A 11 14.83 -10.82 -6.64
CA ASP A 11 14.91 -9.47 -6.02
C ASP A 11 16.18 -9.32 -5.19
N GLY A 12 16.22 -10.02 -4.09
CA GLY A 12 17.43 -9.94 -3.21
C GLY A 12 17.79 -8.49 -2.92
N VAL A 13 17.10 -7.91 -1.96
CA VAL A 13 17.38 -6.51 -1.61
C VAL A 13 17.34 -6.30 -0.12
N ASP A 14 18.15 -5.40 0.36
CA ASP A 14 18.16 -5.14 1.81
C ASP A 14 17.08 -4.13 2.10
N THR A 15 16.29 -4.41 3.09
CA THR A 15 15.22 -3.46 3.42
C THR A 15 14.92 -3.46 4.91
N ALA A 16 15.63 -2.62 5.61
CA ALA A 16 15.41 -2.53 7.06
C ALA A 16 14.37 -1.45 7.30
N ILE A 17 13.18 -1.87 7.58
CA ILE A 17 12.12 -0.94 7.80
C ILE A 17 12.30 -0.09 8.99
N TYR A 18 11.22 0.47 9.34
CA TYR A 18 11.17 1.36 10.49
C TYR A 18 10.63 0.74 11.78
N HIS A 19 9.31 0.44 11.84
CA HIS A 19 8.81 -0.14 13.12
C HIS A 19 8.57 -1.69 13.28
N HIS A 20 7.37 -2.23 12.89
CA HIS A 20 7.19 -3.74 13.10
C HIS A 20 7.07 -4.78 11.94
N LYS A 21 5.81 -4.99 11.47
CA LYS A 21 5.55 -5.99 10.36
C LYS A 21 5.24 -5.52 8.93
N LEU A 22 4.27 -4.67 8.76
CA LEU A 22 3.96 -4.22 7.38
C LEU A 22 4.86 -3.13 6.93
N ARG A 23 5.77 -2.80 7.73
CA ARG A 23 6.67 -1.76 7.36
C ARG A 23 7.62 -2.32 6.27
N ASP A 24 7.75 -3.63 6.26
CA ASP A 24 8.64 -4.29 5.26
C ASP A 24 7.90 -4.77 4.03
N GLN A 25 6.86 -5.52 4.24
CA GLN A 25 6.11 -6.00 3.07
C GLN A 25 5.72 -4.84 2.26
N VAL A 26 5.55 -3.72 2.90
CA VAL A 26 5.16 -2.55 2.17
C VAL A 26 6.36 -1.92 1.50
N LEU A 27 7.38 -1.63 2.26
CA LEU A 27 8.58 -1.02 1.64
C LEU A 27 9.10 -1.90 0.53
N LYS A 28 8.79 -3.17 0.62
CA LYS A 28 9.28 -4.10 -0.43
C LYS A 28 8.27 -4.17 -1.54
N ALA A 29 7.02 -4.21 -1.17
CA ALA A 29 5.98 -4.28 -2.20
C ALA A 29 5.95 -3.00 -3.01
N LEU A 30 6.47 -1.94 -2.43
CA LEU A 30 6.47 -0.67 -3.16
C LEU A 30 7.65 -0.59 -4.10
N TYR A 31 8.80 -0.88 -3.59
CA TYR A 31 10.00 -0.82 -4.44
C TYR A 31 10.07 -1.98 -5.43
N ASP A 32 9.58 -3.12 -5.04
CA ASP A 32 9.63 -4.29 -5.96
C ASP A 32 8.47 -4.32 -6.95
N VAL A 33 7.32 -3.81 -6.59
CA VAL A 33 6.21 -3.85 -7.56
C VAL A 33 6.36 -2.73 -8.58
N LEU A 34 7.06 -1.69 -8.19
CA LEU A 34 7.25 -0.58 -9.12
C LEU A 34 8.40 -0.88 -10.06
N ALA A 35 9.50 -1.26 -9.49
CA ALA A 35 10.68 -1.59 -10.32
C ALA A 35 10.32 -2.60 -11.39
N LYS A 36 10.04 -3.81 -10.96
CA LYS A 36 9.69 -4.88 -11.95
C LYS A 36 8.73 -4.35 -13.01
N GLU A 37 7.76 -3.59 -12.60
CA GLU A 37 6.78 -3.06 -13.58
C GLU A 37 7.45 -2.08 -14.54
N SER A 38 8.38 -1.32 -14.03
CA SER A 38 9.08 -0.33 -14.90
C SER A 38 10.53 -0.21 -14.50
N GLU A 39 11.38 -0.78 -15.29
CA GLU A 39 12.82 -0.70 -14.99
C GLU A 39 13.44 0.51 -15.65
N HIS A 40 13.04 0.76 -16.88
CA HIS A 40 13.59 1.94 -17.61
C HIS A 40 12.66 3.16 -17.51
N PRO A 41 11.36 2.90 -17.39
CA PRO A 41 10.38 3.98 -17.28
C PRO A 41 9.97 4.42 -15.82
N PRO A 42 10.76 4.09 -14.77
CA PRO A 42 10.36 4.50 -13.42
C PRO A 42 10.44 6.01 -13.24
N GLN A 43 9.53 6.54 -12.46
CA GLN A 43 9.54 8.00 -12.23
C GLN A 43 10.33 8.33 -10.97
N SER A 44 10.36 7.38 -10.07
CA SER A 44 11.10 7.58 -8.79
C SER A 44 10.63 6.53 -7.79
N ILE A 45 10.94 5.30 -8.07
CA ILE A 45 10.52 4.22 -7.15
C ILE A 45 11.06 4.46 -5.75
N LEU A 46 12.29 4.83 -5.67
CA LEU A 46 12.87 5.07 -4.33
C LEU A 46 12.15 6.21 -3.64
N HIS A 47 12.00 7.29 -4.35
CA HIS A 47 11.32 8.46 -3.77
C HIS A 47 9.81 8.27 -3.73
N THR A 48 9.33 7.28 -4.43
CA THR A 48 7.86 7.03 -4.44
C THR A 48 7.49 5.99 -3.41
N ALA A 49 8.39 5.10 -3.14
CA ALA A 49 8.09 4.06 -2.16
C ALA A 49 8.38 4.56 -0.74
N LYS A 50 9.34 5.44 -0.62
CA LYS A 50 9.67 5.97 0.73
C LYS A 50 8.55 6.84 1.28
N ALA A 51 7.85 7.52 0.40
CA ALA A 51 6.76 8.39 0.87
C ALA A 51 5.42 7.63 0.97
N ILE A 52 5.13 6.84 -0.03
CA ILE A 52 3.85 6.08 -0.02
C ILE A 52 3.69 5.22 1.24
N GLU A 53 4.59 4.30 1.42
CA GLU A 53 4.51 3.40 2.62
C GLU A 53 4.01 4.11 3.88
N SER A 54 4.83 4.96 4.42
CA SER A 54 4.45 5.70 5.67
C SER A 54 3.02 6.27 5.66
N GLU A 55 2.36 6.24 4.52
CA GLU A 55 0.96 6.80 4.50
C GLU A 55 -0.10 5.73 4.65
N MET A 56 -0.26 4.90 3.66
CA MET A 56 -1.28 3.83 3.75
C MET A 56 -1.07 2.97 4.99
N ASN A 57 0.04 3.14 5.64
CA ASN A 57 0.31 2.31 6.85
C ASN A 57 -0.15 3.00 8.14
N LYS A 58 -0.59 4.24 8.00
CA LYS A 58 -1.06 5.01 9.19
C LYS A 58 -1.70 4.11 10.26
N VAL A 59 -2.83 3.52 9.93
CA VAL A 59 -3.49 2.63 10.93
C VAL A 59 -4.37 1.59 10.24
N ASN A 60 -4.13 0.33 10.55
CA ASN A 60 -4.95 -0.73 9.92
C ASN A 60 -5.07 -1.96 10.84
N ASN A 61 -5.53 -3.05 10.28
CA ASN A 61 -5.69 -4.31 11.09
C ASN A 61 -4.38 -5.09 11.15
N CYS A 62 -3.41 -4.63 10.40
CA CYS A 62 -2.07 -5.31 10.37
C CYS A 62 -1.58 -5.75 11.75
N ASP A 63 -2.27 -5.35 12.80
CA ASP A 63 -1.82 -5.76 14.15
C ASP A 63 -2.43 -7.11 14.56
N THR A 64 -3.24 -7.67 13.70
CA THR A 64 -3.85 -8.97 14.02
C THR A 64 -4.15 -9.76 12.76
N ASN A 65 -4.87 -9.13 11.86
CA ASN A 65 -5.22 -9.79 10.58
C ASN A 65 -4.79 -8.92 9.40
N GLU A 66 -3.54 -8.99 9.10
CA GLU A 66 -3.02 -8.18 7.97
C GLU A 66 -3.63 -8.62 6.66
N ALA A 67 -4.33 -9.72 6.73
CA ALA A 67 -4.96 -10.23 5.52
C ALA A 67 -5.84 -9.14 4.92
N ALA A 68 -6.27 -8.27 5.78
CA ALA A 68 -7.12 -7.16 5.33
C ALA A 68 -6.28 -6.07 4.69
N TYR A 69 -5.29 -5.62 5.42
CA TYR A 69 -4.41 -4.56 4.88
C TYR A 69 -3.84 -4.98 3.54
N LYS A 70 -3.50 -6.23 3.42
CA LYS A 70 -2.93 -6.72 2.14
C LYS A 70 -3.96 -6.61 1.02
N ALA A 71 -5.13 -7.11 1.28
CA ALA A 71 -6.20 -7.06 0.25
C ALA A 71 -6.28 -5.67 -0.38
N ARG A 72 -6.53 -4.68 0.42
CA ARG A 72 -6.63 -3.29 -0.12
C ARG A 72 -5.31 -2.83 -0.72
N TYR A 73 -4.32 -2.69 0.12
CA TYR A 73 -2.99 -2.24 -0.37
C TYR A 73 -2.63 -2.89 -1.70
N ARG A 74 -2.56 -4.19 -1.71
CA ARG A 74 -2.22 -4.90 -2.97
C ARG A 74 -3.11 -4.47 -4.13
N ILE A 75 -4.39 -4.46 -3.90
CA ILE A 75 -5.32 -4.06 -5.00
C ILE A 75 -5.19 -2.57 -5.33
N ILE A 76 -5.64 -1.75 -4.43
CA ILE A 76 -5.55 -0.29 -4.67
C ILE A 76 -4.14 0.14 -5.05
N TYR A 77 -3.20 -0.77 -4.92
CA TYR A 77 -1.79 -0.43 -5.29
C TYR A 77 -1.74 0.45 -6.53
N SER A 78 -2.73 0.34 -7.36
CA SER A 78 -2.74 1.17 -8.59
C SER A 78 -2.96 2.62 -8.23
N ASN A 79 -4.06 2.89 -7.57
CA ASN A 79 -4.33 4.29 -7.18
C ASN A 79 -3.26 4.80 -6.25
N VAL A 80 -2.58 3.89 -5.60
CA VAL A 80 -1.52 4.31 -4.67
C VAL A 80 -0.42 5.03 -5.45
N ILE A 81 -0.04 4.46 -6.57
CA ILE A 81 1.02 5.11 -7.37
C ILE A 81 0.51 6.42 -7.95
N SER A 82 -0.79 6.61 -7.87
CA SER A 82 -1.38 7.87 -8.40
C SER A 82 -1.57 8.91 -7.30
N LYS A 83 -1.95 8.46 -6.13
CA LYS A 83 -2.15 9.41 -5.00
C LYS A 83 -1.71 8.78 -3.68
N ASN A 84 -2.37 9.13 -2.60
CA ASN A 84 -1.97 8.55 -1.29
C ASN A 84 -3.13 8.54 -0.30
N ASN A 85 -3.21 7.49 0.48
CA ASN A 85 -4.30 7.37 1.50
C ASN A 85 -5.60 7.94 0.99
N PRO A 86 -6.14 7.26 0.02
CA PRO A 86 -7.39 7.66 -0.57
C PRO A 86 -8.52 7.57 0.43
N ASP A 87 -8.61 6.42 1.04
CA ASP A 87 -9.67 6.16 2.06
C ASP A 87 -9.91 4.66 2.16
N LEU A 88 -8.84 3.92 2.10
CA LEU A 88 -8.95 2.42 2.19
C LEU A 88 -10.08 1.97 3.10
N LYS A 89 -9.90 2.14 4.39
CA LYS A 89 -10.97 1.72 5.34
C LYS A 89 -11.94 2.86 5.65
N HIS A 90 -11.54 4.06 5.33
CA HIS A 90 -12.43 5.22 5.60
C HIS A 90 -13.78 5.05 4.90
N LYS A 91 -13.77 4.37 3.79
CA LYS A 91 -15.04 4.16 3.06
C LYS A 91 -15.97 3.21 3.79
N ILE A 92 -15.39 2.25 4.48
CA ILE A 92 -16.22 1.28 5.23
C ILE A 92 -16.73 1.91 6.52
N ALA A 93 -16.00 2.87 7.02
CA ALA A 93 -16.43 3.53 8.27
C ALA A 93 -17.33 4.72 8.00
N ASN A 94 -17.13 5.38 6.88
CA ASN A 94 -17.99 6.55 6.58
C ASN A 94 -18.09 6.79 5.07
N GLY A 95 -18.29 5.74 4.33
CA GLY A 95 -18.41 5.89 2.86
C GLY A 95 -19.79 6.45 2.51
N ASP A 96 -20.63 6.52 3.52
CA ASP A 96 -22.02 7.03 3.30
C ASP A 96 -22.05 8.15 2.27
N ILE A 97 -21.13 9.08 2.37
CA ILE A 97 -21.11 10.18 1.38
C ILE A 97 -19.67 10.63 1.04
N THR A 98 -19.53 11.90 0.77
CA THR A 98 -18.21 12.54 0.41
C THR A 98 -17.48 13.37 1.54
N PRO A 99 -17.95 13.33 2.84
CA PRO A 99 -17.31 14.11 3.94
C PRO A 99 -16.20 15.07 3.54
N GLU A 100 -15.17 14.59 2.93
CA GLU A 100 -14.12 15.54 2.55
C GLU A 100 -14.75 16.72 1.79
N PHE A 101 -16.02 16.55 1.46
CA PHE A 101 -16.79 17.60 0.73
C PHE A 101 -17.61 18.48 1.68
N LEU A 102 -17.94 17.94 2.81
CA LEU A 102 -18.74 18.72 3.80
C LEU A 102 -18.34 20.18 3.82
N ALA A 103 -17.10 20.44 3.46
CA ALA A 103 -16.63 21.85 3.45
C ALA A 103 -16.81 22.46 2.08
N THR A 104 -16.70 21.64 1.07
CA THR A 104 -16.86 22.14 -0.31
C THR A 104 -18.29 21.94 -0.78
N CYS A 105 -19.10 21.44 0.11
CA CYS A 105 -20.53 21.20 -0.23
C CYS A 105 -21.10 22.30 -1.10
N ASP A 106 -21.15 23.49 -0.57
CA ASP A 106 -21.70 24.63 -1.36
C ASP A 106 -20.59 25.38 -2.08
N ALA A 107 -19.50 25.58 -1.40
CA ALA A 107 -18.38 26.32 -2.04
C ALA A 107 -17.96 25.63 -3.33
N LYS A 108 -18.37 24.41 -3.49
CA LYS A 108 -17.99 23.68 -4.73
C LYS A 108 -18.43 24.49 -5.94
N ASP A 109 -19.48 25.24 -5.78
CA ASP A 109 -19.95 26.05 -6.91
C ASP A 109 -18.79 26.89 -7.37
N LEU A 110 -18.02 27.30 -6.40
CA LEU A 110 -16.84 28.12 -6.69
C LEU A 110 -15.75 27.79 -5.70
N ALA A 111 -15.02 26.75 -5.98
CA ALA A 111 -13.93 26.33 -5.08
C ALA A 111 -12.62 27.14 -5.27
N PRO A 112 -12.38 27.59 -6.50
CA PRO A 112 -11.17 28.36 -6.80
C PRO A 112 -11.15 29.70 -6.07
N ALA A 113 -10.32 29.78 -5.05
CA ALA A 113 -10.24 31.04 -4.28
C ALA A 113 -9.37 32.09 -4.99
N PRO A 114 -8.21 31.67 -5.46
CA PRO A 114 -7.29 32.57 -6.15
C PRO A 114 -7.88 33.02 -7.48
N GLY A 1 16.85 -10.68 9.83
CA GLY A 1 16.58 -11.08 8.43
C GLY A 1 17.86 -11.63 7.79
N SER A 2 18.05 -12.92 7.89
CA SER A 2 19.26 -13.52 7.29
C SER A 2 19.16 -13.58 5.77
N HIS A 3 18.35 -14.48 5.29
CA HIS A 3 18.18 -14.61 3.83
C HIS A 3 17.96 -13.25 3.17
N MET A 4 18.82 -12.90 2.26
CA MET A 4 18.67 -11.59 1.58
C MET A 4 19.58 -11.52 0.34
N PRO A 5 19.08 -11.98 -0.79
CA PRO A 5 19.84 -11.98 -2.03
C PRO A 5 20.19 -10.56 -2.45
N ARG A 6 21.48 -10.31 -2.60
CA ARG A 6 21.93 -8.94 -3.01
C ARG A 6 22.71 -9.01 -4.31
N ASN A 7 23.09 -7.85 -4.80
CA ASN A 7 23.87 -7.82 -6.07
C ASN A 7 24.62 -6.49 -6.20
N SER A 8 23.89 -5.42 -6.25
CA SER A 8 24.54 -4.09 -6.37
C SER A 8 23.69 -3.01 -5.73
N LYS A 9 23.71 -1.84 -6.31
CA LYS A 9 22.91 -0.73 -5.74
C LYS A 9 21.53 -0.67 -6.40
N ASN A 10 21.53 -0.50 -7.70
CA ASN A 10 20.23 -0.42 -8.43
C ASN A 10 19.64 -1.82 -8.59
N ASP A 11 20.32 -2.64 -9.34
CA ASP A 11 19.83 -4.02 -9.57
C ASP A 11 19.74 -4.79 -8.25
N GLY A 12 20.24 -4.18 -7.22
CA GLY A 12 20.22 -4.83 -5.87
C GLY A 12 19.76 -3.80 -4.87
N VAL A 13 18.50 -3.77 -4.63
CA VAL A 13 17.96 -2.80 -3.68
C VAL A 13 17.95 -3.33 -2.26
N ASP A 14 18.59 -2.62 -1.39
CA ASP A 14 18.64 -3.04 0.01
C ASP A 14 17.45 -2.46 0.74
N THR A 15 16.66 -3.30 1.34
CA THR A 15 15.47 -2.79 2.06
C THR A 15 15.22 -3.59 3.33
N ALA A 16 15.82 -3.15 4.40
CA ALA A 16 15.64 -3.86 5.69
C ALA A 16 15.77 -2.88 6.83
N ILE A 17 14.66 -2.29 7.20
CA ILE A 17 14.71 -1.33 8.30
C ILE A 17 13.34 -1.25 9.00
N TYR A 18 12.44 -0.49 8.44
CA TYR A 18 11.09 -0.37 9.06
C TYR A 18 10.47 -1.75 9.26
N HIS A 19 11.15 -2.76 8.76
CA HIS A 19 10.67 -4.17 8.89
C HIS A 19 10.07 -4.49 10.26
N HIS A 20 10.19 -3.55 11.17
CA HIS A 20 9.62 -3.77 12.53
C HIS A 20 8.39 -4.66 12.50
N LYS A 21 7.29 -4.14 12.00
CA LYS A 21 6.05 -4.98 11.95
C LYS A 21 5.86 -5.59 10.55
N LEU A 22 5.52 -4.76 9.59
CA LEU A 22 5.32 -5.28 8.21
C LEU A 22 5.62 -4.19 7.19
N ARG A 23 6.04 -3.06 7.68
CA ARG A 23 6.36 -1.96 6.76
C ARG A 23 7.33 -2.44 5.70
N ASP A 24 8.01 -3.52 6.01
CA ASP A 24 8.96 -4.05 5.03
C ASP A 24 8.23 -4.62 3.84
N GLN A 25 7.12 -5.26 4.10
CA GLN A 25 6.34 -5.84 3.00
C GLN A 25 5.71 -4.73 2.19
N VAL A 26 5.50 -3.61 2.83
CA VAL A 26 4.87 -2.50 2.09
C VAL A 26 5.92 -1.79 1.24
N LEU A 27 7.02 -1.46 1.86
CA LEU A 27 8.10 -0.78 1.13
C LEU A 27 8.72 -1.72 0.12
N LYS A 28 8.42 -2.98 0.30
CA LYS A 28 8.98 -4.00 -0.64
C LYS A 28 8.07 -4.13 -1.84
N ALA A 29 6.81 -4.24 -1.58
CA ALA A 29 5.86 -4.38 -2.70
C ALA A 29 5.81 -3.10 -3.51
N LEU A 30 6.16 -2.01 -2.89
CA LEU A 30 6.13 -0.75 -3.63
C LEU A 30 7.35 -0.58 -4.50
N TYR A 31 8.50 -0.85 -3.96
CA TYR A 31 9.72 -0.70 -4.77
C TYR A 31 9.93 -1.84 -5.76
N ASP A 32 9.75 -3.04 -5.31
CA ASP A 32 9.95 -4.20 -6.23
C ASP A 32 8.88 -4.26 -7.32
N VAL A 33 7.66 -3.93 -6.99
CA VAL A 33 6.61 -4.00 -8.04
C VAL A 33 6.71 -2.80 -8.95
N LEU A 34 7.36 -1.76 -8.49
CA LEU A 34 7.48 -0.56 -9.34
C LEU A 34 8.62 -0.74 -10.31
N ALA A 35 9.73 -1.19 -9.80
CA ALA A 35 10.90 -1.40 -10.66
C ALA A 35 10.68 -2.57 -11.61
N LYS A 36 10.24 -3.67 -11.07
CA LYS A 36 10.01 -4.87 -11.92
C LYS A 36 9.11 -4.52 -13.11
N GLU A 37 8.08 -3.79 -12.86
CA GLU A 37 7.15 -3.41 -13.95
C GLU A 37 7.92 -2.82 -15.14
N SER A 38 8.63 -1.76 -14.88
CA SER A 38 9.41 -1.10 -15.95
C SER A 38 10.72 -0.57 -15.40
N GLU A 39 11.81 -1.08 -15.94
CA GLU A 39 13.13 -0.62 -15.46
C GLU A 39 13.74 0.48 -16.34
N HIS A 40 13.16 0.71 -17.50
CA HIS A 40 13.72 1.77 -18.39
C HIS A 40 13.05 3.14 -18.16
N PRO A 41 11.74 3.12 -17.96
CA PRO A 41 10.98 4.34 -17.73
C PRO A 41 10.55 4.60 -16.23
N PRO A 42 11.29 4.08 -15.24
CA PRO A 42 10.92 4.31 -13.83
C PRO A 42 10.88 5.79 -13.49
N GLN A 43 10.00 6.14 -12.60
CA GLN A 43 9.90 7.57 -12.21
C GLN A 43 10.73 7.88 -10.97
N SER A 44 10.28 7.40 -9.85
CA SER A 44 11.01 7.65 -8.58
C SER A 44 10.71 6.56 -7.59
N ILE A 45 10.92 5.35 -8.01
CA ILE A 45 10.64 4.22 -7.11
C ILE A 45 11.17 4.49 -5.72
N LEU A 46 12.36 4.97 -5.66
CA LEU A 46 12.94 5.26 -4.33
C LEU A 46 12.10 6.27 -3.59
N HIS A 47 11.93 7.41 -4.18
CA HIS A 47 11.13 8.47 -3.54
C HIS A 47 9.65 8.13 -3.50
N THR A 48 9.26 7.10 -4.20
CA THR A 48 7.83 6.72 -4.20
C THR A 48 7.52 5.76 -3.07
N ALA A 49 8.12 4.60 -3.15
CA ALA A 49 7.87 3.60 -2.09
C ALA A 49 8.31 4.14 -0.73
N LYS A 50 9.15 5.15 -0.73
CA LYS A 50 9.61 5.71 0.56
C LYS A 50 8.60 6.68 1.17
N ALA A 51 7.87 7.38 0.35
CA ALA A 51 6.87 8.35 0.90
C ALA A 51 5.44 7.77 1.00
N ILE A 52 5.22 6.62 0.44
CA ILE A 52 3.84 6.04 0.51
C ILE A 52 3.68 5.09 1.70
N GLU A 53 4.59 4.18 1.82
CA GLU A 53 4.52 3.20 2.95
C GLU A 53 4.31 3.87 4.32
N SER A 54 4.42 5.17 4.37
CA SER A 54 4.23 5.85 5.70
C SER A 54 2.80 6.38 5.91
N GLU A 55 2.00 6.42 4.87
CA GLU A 55 0.60 6.94 5.05
C GLU A 55 -0.43 5.83 5.27
N MET A 56 -0.69 5.07 4.26
CA MET A 56 -1.70 3.98 4.41
C MET A 56 -1.39 3.08 5.60
N ASN A 57 -0.24 3.25 6.19
CA ASN A 57 0.13 2.40 7.37
C ASN A 57 -0.13 3.08 8.73
N LYS A 58 -0.51 4.36 8.71
CA LYS A 58 -0.77 5.06 10.03
C LYS A 58 -1.33 4.09 11.05
N VAL A 59 -2.55 3.68 10.87
CA VAL A 59 -3.12 2.72 11.84
C VAL A 59 -4.16 1.84 11.17
N ASN A 60 -3.66 0.86 10.48
CA ASN A 60 -4.55 -0.07 9.77
C ASN A 60 -3.81 -1.35 9.47
N ASN A 61 -2.52 -1.31 9.65
CA ASN A 61 -1.70 -2.50 9.39
C ASN A 61 -2.22 -3.77 10.02
N CYS A 62 -1.93 -3.94 11.28
CA CYS A 62 -2.42 -5.18 11.97
C CYS A 62 -3.57 -4.95 12.95
N ASP A 63 -3.63 -3.79 13.55
CA ASP A 63 -4.74 -3.52 14.53
C ASP A 63 -6.01 -2.96 13.88
N THR A 64 -6.40 -3.53 12.80
CA THR A 64 -7.62 -3.03 12.13
C THR A 64 -8.28 -4.14 11.36
N ASN A 65 -7.77 -4.36 10.20
CA ASN A 65 -8.32 -5.41 9.34
C ASN A 65 -7.17 -6.06 8.58
N GLU A 66 -6.30 -6.69 9.31
CA GLU A 66 -5.12 -7.35 8.66
C GLU A 66 -5.54 -8.01 7.37
N ALA A 67 -6.76 -8.40 7.33
CA ALA A 67 -7.27 -9.05 6.13
C ALA A 67 -7.38 -8.03 5.02
N ALA A 68 -7.92 -6.90 5.35
CA ALA A 68 -8.08 -5.83 4.35
C ALA A 68 -6.75 -5.11 4.16
N TYR A 69 -6.08 -4.78 5.25
CA TYR A 69 -4.79 -4.07 5.14
C TYR A 69 -3.96 -4.68 4.03
N LYS A 70 -3.83 -5.98 4.06
CA LYS A 70 -3.03 -6.66 3.01
C LYS A 70 -3.75 -6.63 1.66
N ALA A 71 -4.96 -7.12 1.65
CA ALA A 71 -5.72 -7.12 0.38
C ALA A 71 -5.82 -5.72 -0.21
N ARG A 72 -6.58 -4.88 0.43
CA ARG A 72 -6.74 -3.49 -0.08
C ARG A 72 -5.40 -2.91 -0.53
N TYR A 73 -4.41 -3.04 0.30
CA TYR A 73 -3.07 -2.50 -0.07
C TYR A 73 -2.62 -2.98 -1.45
N ARG A 74 -2.34 -4.25 -1.55
CA ARG A 74 -1.90 -4.82 -2.85
C ARG A 74 -2.82 -4.44 -4.01
N ILE A 75 -4.09 -4.59 -3.82
CA ILE A 75 -5.04 -4.25 -4.91
C ILE A 75 -5.01 -2.76 -5.28
N ILE A 76 -4.99 -1.93 -4.30
CA ILE A 76 -4.96 -0.47 -4.56
C ILE A 76 -3.61 -0.04 -5.15
N TYR A 77 -2.64 -0.91 -5.06
CA TYR A 77 -1.30 -0.57 -5.60
C TYR A 77 -1.40 0.14 -6.95
N SER A 78 -2.10 -0.45 -7.86
CA SER A 78 -2.24 0.19 -9.21
C SER A 78 -2.75 1.61 -9.09
N ASN A 79 -3.56 1.86 -8.11
CA ASN A 79 -4.10 3.23 -7.94
C ASN A 79 -3.06 4.13 -7.30
N VAL A 80 -2.10 3.53 -6.63
CA VAL A 80 -1.06 4.36 -5.98
C VAL A 80 -0.15 4.96 -7.03
N ILE A 81 0.12 4.19 -8.05
CA ILE A 81 1.01 4.70 -9.12
C ILE A 81 0.24 5.63 -10.04
N SER A 82 -1.07 5.50 -10.00
CA SER A 82 -1.91 6.36 -10.86
C SER A 82 -2.28 7.66 -10.14
N LYS A 83 -2.99 7.53 -9.05
CA LYS A 83 -3.41 8.73 -8.27
C LYS A 83 -2.82 8.70 -6.86
N ASN A 84 -3.52 9.31 -5.92
CA ASN A 84 -3.02 9.32 -4.52
C ASN A 84 -4.18 9.45 -3.54
N ASN A 85 -4.55 8.34 -2.95
CA ASN A 85 -5.67 8.37 -1.96
C ASN A 85 -6.16 6.94 -1.68
N PRO A 86 -5.57 6.32 -0.68
CA PRO A 86 -5.94 4.96 -0.30
C PRO A 86 -7.31 4.94 0.35
N ASP A 87 -7.61 5.97 1.10
CA ASP A 87 -8.91 6.02 1.77
C ASP A 87 -9.10 4.74 2.56
N LEU A 88 -8.00 4.11 2.84
CA LEU A 88 -8.05 2.84 3.60
C LEU A 88 -8.82 3.02 4.91
N LYS A 89 -8.21 3.72 5.83
CA LYS A 89 -8.88 3.93 7.14
C LYS A 89 -10.24 4.58 6.98
N HIS A 90 -10.53 5.04 5.79
CA HIS A 90 -11.84 5.69 5.57
C HIS A 90 -12.93 4.66 5.28
N LYS A 91 -12.52 3.44 5.04
CA LYS A 91 -13.51 2.38 4.74
C LYS A 91 -14.40 2.14 5.96
N ILE A 92 -13.79 1.67 7.01
CA ILE A 92 -14.60 1.41 8.23
C ILE A 92 -15.19 2.72 8.73
N ALA A 93 -14.50 3.79 8.45
CA ALA A 93 -15.01 5.12 8.89
C ALA A 93 -16.16 5.56 8.01
N ASN A 94 -16.40 4.77 6.97
CA ASN A 94 -17.51 5.06 6.01
C ASN A 94 -17.23 6.34 5.24
N GLY A 95 -16.38 6.22 4.25
CA GLY A 95 -16.02 7.39 3.42
C GLY A 95 -17.27 8.06 2.85
N ASP A 96 -18.41 7.43 3.07
CA ASP A 96 -19.69 8.01 2.56
C ASP A 96 -19.68 9.54 2.61
N ILE A 97 -18.96 10.07 3.57
CA ILE A 97 -18.88 11.56 3.71
C ILE A 97 -17.53 12.05 3.21
N THR A 98 -17.56 12.92 2.25
CA THR A 98 -16.28 13.45 1.72
C THR A 98 -15.81 14.73 2.44
N PRO A 99 -16.76 15.53 2.89
CA PRO A 99 -16.43 16.77 3.59
C PRO A 99 -15.99 16.49 5.03
N GLU A 100 -15.26 17.41 5.60
CA GLU A 100 -14.78 17.23 6.99
C GLU A 100 -15.94 17.41 7.98
N PHE A 101 -17.05 17.85 7.46
CA PHE A 101 -18.24 18.08 8.33
C PHE A 101 -18.39 16.99 9.41
N LEU A 102 -17.90 15.81 9.13
CA LEU A 102 -18.02 14.72 10.13
C LEU A 102 -17.38 15.09 11.46
N ALA A 103 -16.68 16.19 11.49
CA ALA A 103 -16.02 16.61 12.76
C ALA A 103 -17.00 17.37 13.66
N THR A 104 -18.15 17.71 13.12
CA THR A 104 -19.16 18.44 13.92
C THR A 104 -20.37 17.56 14.18
N CYS A 105 -20.50 16.55 13.37
CA CYS A 105 -21.66 15.63 13.54
C CYS A 105 -21.81 15.23 15.00
N ASP A 106 -20.81 15.53 15.79
CA ASP A 106 -20.89 15.18 17.23
C ASP A 106 -21.88 16.07 17.92
N ALA A 107 -21.55 17.32 18.04
CA ALA A 107 -22.47 18.25 18.70
C ALA A 107 -23.77 18.32 17.94
N LYS A 108 -23.77 17.71 16.78
CA LYS A 108 -24.99 17.72 15.95
C LYS A 108 -26.00 16.76 16.54
N ASP A 109 -25.52 15.79 17.25
CA ASP A 109 -26.46 14.82 17.84
C ASP A 109 -27.24 15.56 18.87
N LEU A 110 -26.63 16.60 19.34
CA LEU A 110 -27.25 17.44 20.34
C LEU A 110 -26.70 18.85 20.21
N ALA A 111 -27.30 19.58 19.32
CA ALA A 111 -26.84 20.97 19.10
C ALA A 111 -27.18 21.91 20.28
N PRO A 112 -28.30 21.67 20.97
CA PRO A 112 -28.68 22.53 22.10
C PRO A 112 -27.61 22.52 23.19
N ALA A 113 -26.49 21.92 22.90
CA ALA A 113 -25.39 21.86 23.91
C ALA A 113 -25.95 21.64 25.31
N PRO A 114 -26.26 20.39 25.61
CA PRO A 114 -26.79 20.03 26.93
C PRO A 114 -25.77 20.28 28.03
N GLY A 1 25.27 -16.92 -2.18
CA GLY A 1 25.65 -18.20 -2.83
C GLY A 1 25.65 -19.32 -1.77
N SER A 2 26.64 -19.31 -0.93
CA SER A 2 26.72 -20.35 0.12
C SER A 2 27.68 -19.95 1.23
N HIS A 3 28.53 -19.00 0.93
CA HIS A 3 29.49 -18.54 1.94
C HIS A 3 28.90 -17.43 2.81
N MET A 4 28.45 -16.39 2.17
CA MET A 4 27.86 -15.27 2.93
C MET A 4 26.67 -15.75 3.79
N PRO A 5 26.70 -15.45 5.10
CA PRO A 5 25.62 -15.87 5.99
C PRO A 5 24.27 -15.29 5.57
N ARG A 6 23.41 -16.14 5.08
CA ARG A 6 22.07 -15.66 4.65
C ARG A 6 22.18 -14.50 3.66
N ASN A 7 22.17 -14.82 2.39
CA ASN A 7 22.27 -13.74 1.38
C ASN A 7 20.89 -13.15 1.09
N SER A 8 20.83 -11.86 0.93
CA SER A 8 19.52 -11.22 0.65
C SER A 8 19.24 -11.21 -0.85
N LYS A 9 19.71 -12.21 -1.53
CA LYS A 9 19.47 -12.28 -2.99
C LYS A 9 18.17 -12.99 -3.29
N ASN A 10 17.79 -13.90 -2.42
CA ASN A 10 16.53 -14.64 -2.64
C ASN A 10 15.37 -13.68 -2.83
N ASP A 11 15.17 -12.81 -1.88
CA ASP A 11 14.06 -11.83 -1.98
C ASP A 11 14.22 -10.98 -3.23
N GLY A 12 15.26 -10.19 -3.25
CA GLY A 12 15.51 -9.31 -4.43
C GLY A 12 15.84 -7.90 -3.95
N VAL A 13 15.59 -7.66 -2.69
CA VAL A 13 15.87 -6.33 -2.13
C VAL A 13 16.23 -6.43 -0.64
N ASP A 14 17.29 -5.77 -0.27
CA ASP A 14 17.71 -5.81 1.14
C ASP A 14 17.04 -4.67 1.89
N THR A 15 16.21 -5.03 2.83
CA THR A 15 15.51 -4.01 3.61
C THR A 15 15.24 -4.50 5.03
N ALA A 16 16.11 -4.10 5.93
CA ALA A 16 15.96 -4.51 7.35
C ALA A 16 15.92 -3.29 8.23
N ILE A 17 14.74 -2.78 8.45
CA ILE A 17 14.60 -1.60 9.29
C ILE A 17 13.17 -1.52 9.85
N TYR A 18 12.34 -0.72 9.22
CA TYR A 18 10.95 -0.57 9.69
C TYR A 18 10.29 -1.95 9.80
N HIS A 19 11.00 -2.96 9.38
CA HIS A 19 10.47 -4.35 9.43
C HIS A 19 9.71 -4.63 10.74
N HIS A 20 9.79 -3.69 11.67
CA HIS A 20 9.09 -3.87 12.97
C HIS A 20 7.79 -4.67 12.80
N LYS A 21 6.80 -4.07 12.19
CA LYS A 21 5.53 -4.80 12.00
C LYS A 21 5.45 -5.41 10.59
N LEU A 22 5.24 -4.56 9.61
CA LEU A 22 5.16 -5.05 8.21
C LEU A 22 5.56 -3.95 7.23
N ARG A 23 6.05 -2.87 7.77
CA ARG A 23 6.46 -1.76 6.91
C ARG A 23 7.47 -2.21 5.87
N ASP A 24 8.17 -3.26 6.16
CA ASP A 24 9.16 -3.74 5.18
C ASP A 24 8.45 -4.39 4.01
N GLN A 25 7.33 -5.00 4.32
CA GLN A 25 6.54 -5.67 3.26
C GLN A 25 6.00 -4.65 2.32
N VAL A 26 5.73 -3.50 2.84
CA VAL A 26 5.21 -2.46 1.96
C VAL A 26 6.34 -1.86 1.16
N LEU A 27 7.36 -1.42 1.85
CA LEU A 27 8.51 -0.82 1.13
C LEU A 27 9.04 -1.82 0.12
N LYS A 28 8.73 -3.06 0.35
CA LYS A 28 9.20 -4.09 -0.58
C LYS A 28 8.19 -4.27 -1.69
N ALA A 29 6.95 -4.38 -1.32
CA ALA A 29 5.92 -4.56 -2.37
C ALA A 29 5.82 -3.29 -3.20
N LEU A 30 6.29 -2.21 -2.63
CA LEU A 30 6.23 -0.93 -3.37
C LEU A 30 7.36 -0.83 -4.35
N TYR A 31 8.53 -1.07 -3.87
CA TYR A 31 9.70 -0.99 -4.75
C TYR A 31 9.77 -2.14 -5.76
N ASP A 32 9.38 -3.31 -5.35
CA ASP A 32 9.43 -4.46 -6.29
C ASP A 32 8.25 -4.47 -7.27
N VAL A 33 7.13 -3.93 -6.88
CA VAL A 33 5.98 -3.95 -7.83
C VAL A 33 6.10 -2.82 -8.83
N LEU A 34 6.83 -1.80 -8.47
CA LEU A 34 6.99 -0.66 -9.40
C LEU A 34 8.25 -0.82 -10.24
N ALA A 35 9.32 -1.21 -9.60
CA ALA A 35 10.59 -1.39 -10.33
C ALA A 35 10.43 -2.36 -11.49
N LYS A 36 10.06 -3.57 -11.16
CA LYS A 36 9.88 -4.60 -12.23
C LYS A 36 9.19 -4.01 -13.45
N GLU A 37 8.26 -3.13 -13.22
CA GLU A 37 7.56 -2.52 -14.38
C GLU A 37 8.54 -2.12 -15.47
N SER A 38 9.30 -1.10 -15.21
CA SER A 38 10.28 -0.67 -16.24
C SER A 38 11.48 0.02 -15.60
N GLU A 39 12.43 0.32 -16.42
CA GLU A 39 13.65 0.99 -15.94
C GLU A 39 13.47 2.49 -16.04
N HIS A 40 12.34 2.86 -16.60
CA HIS A 40 12.02 4.33 -16.77
C HIS A 40 11.10 4.99 -15.67
N PRO A 41 10.56 4.23 -14.69
CA PRO A 41 9.69 4.82 -13.65
C PRO A 41 10.10 6.25 -13.27
N PRO A 42 9.39 7.24 -13.83
CA PRO A 42 9.66 8.66 -13.56
C PRO A 42 9.28 9.11 -12.15
N GLN A 43 8.15 8.64 -11.65
CA GLN A 43 7.74 9.07 -10.29
C GLN A 43 8.92 9.11 -9.32
N SER A 44 9.39 7.93 -8.95
CA SER A 44 10.55 7.81 -7.99
C SER A 44 10.30 6.63 -7.08
N ILE A 45 10.46 5.45 -7.58
CA ILE A 45 10.23 4.29 -6.71
C ILE A 45 10.93 4.43 -5.38
N LEU A 46 12.11 4.95 -5.41
CA LEU A 46 12.83 5.11 -4.13
C LEU A 46 12.24 6.25 -3.30
N HIS A 47 12.09 7.38 -3.92
CA HIS A 47 11.53 8.54 -3.21
C HIS A 47 10.01 8.47 -3.07
N THR A 48 9.42 7.52 -3.75
CA THR A 48 7.96 7.39 -3.66
C THR A 48 7.60 6.41 -2.59
N ALA A 49 7.98 5.18 -2.79
CA ALA A 49 7.66 4.18 -1.78
C ALA A 49 8.19 4.64 -0.44
N LYS A 50 9.22 5.45 -0.46
CA LYS A 50 9.78 5.95 0.83
C LYS A 50 8.73 6.73 1.61
N ALA A 51 7.92 7.47 0.90
CA ALA A 51 6.88 8.28 1.59
C ALA A 51 5.51 7.57 1.63
N ILE A 52 5.07 7.10 0.50
CA ILE A 52 3.76 6.40 0.45
C ILE A 52 3.68 5.27 1.47
N GLU A 53 4.72 4.50 1.56
CA GLU A 53 4.71 3.38 2.54
C GLU A 53 4.16 3.79 3.89
N SER A 54 4.86 4.66 4.56
CA SER A 54 4.40 5.12 5.90
C SER A 54 3.06 5.86 5.85
N GLU A 55 2.59 6.16 4.67
CA GLU A 55 1.30 6.89 4.60
C GLU A 55 0.11 5.96 4.70
N MET A 56 -0.13 5.20 3.68
CA MET A 56 -1.28 4.29 3.72
C MET A 56 -1.12 3.27 4.84
N ASN A 57 0.04 3.24 5.44
CA ASN A 57 0.27 2.27 6.55
C ASN A 57 0.07 2.91 7.93
N LYS A 58 0.46 4.15 8.05
CA LYS A 58 0.29 4.83 9.37
C LYS A 58 -1.13 4.63 9.91
N VAL A 59 -2.10 5.00 9.11
CA VAL A 59 -3.51 4.84 9.55
C VAL A 59 -4.17 3.66 8.85
N ASN A 60 -4.15 2.52 9.50
CA ASN A 60 -4.79 1.33 8.88
C ASN A 60 -5.33 0.36 9.92
N ASN A 61 -5.73 -0.79 9.47
CA ASN A 61 -6.28 -1.82 10.38
C ASN A 61 -5.16 -2.69 10.95
N CYS A 62 -3.97 -2.49 10.43
CA CYS A 62 -2.80 -3.28 10.91
C CYS A 62 -2.81 -3.55 12.42
N ASP A 63 -3.57 -2.80 13.15
CA ASP A 63 -3.61 -3.05 14.62
C ASP A 63 -4.67 -4.09 14.97
N THR A 64 -5.16 -4.77 13.98
CA THR A 64 -6.20 -5.80 14.24
C THR A 64 -6.15 -6.90 13.19
N ASN A 65 -6.55 -6.56 11.99
CA ASN A 65 -6.54 -7.55 10.89
C ASN A 65 -5.77 -7.01 9.70
N GLU A 66 -4.47 -7.06 9.80
CA GLU A 66 -3.62 -6.56 8.70
C GLU A 66 -4.00 -7.25 7.41
N ALA A 67 -4.83 -8.24 7.54
CA ALA A 67 -5.26 -9.00 6.35
C ALA A 67 -6.02 -8.10 5.40
N ALA A 68 -6.66 -7.12 5.97
CA ALA A 68 -7.43 -6.18 5.13
C ALA A 68 -6.52 -5.12 4.53
N TYR A 69 -5.87 -4.36 5.37
CA TYR A 69 -4.95 -3.31 4.87
C TYR A 69 -4.04 -3.87 3.78
N LYS A 70 -3.66 -5.11 3.92
CA LYS A 70 -2.77 -5.73 2.91
C LYS A 70 -3.55 -6.11 1.64
N ALA A 71 -4.71 -6.67 1.84
CA ALA A 71 -5.53 -7.07 0.66
C ALA A 71 -5.78 -5.89 -0.28
N ARG A 72 -6.28 -4.82 0.26
CA ARG A 72 -6.55 -3.64 -0.59
C ARG A 72 -5.26 -2.98 -1.04
N TYR A 73 -4.26 -3.03 -0.20
CA TYR A 73 -2.96 -2.40 -0.58
C TYR A 73 -2.46 -2.89 -1.93
N ARG A 74 -2.28 -4.17 -2.03
CA ARG A 74 -1.79 -4.76 -3.31
C ARG A 74 -2.84 -4.68 -4.43
N ILE A 75 -4.01 -5.15 -4.13
CA ILE A 75 -5.10 -5.13 -5.14
C ILE A 75 -5.36 -3.72 -5.69
N ILE A 76 -5.51 -2.78 -4.81
CA ILE A 76 -5.76 -1.38 -5.26
C ILE A 76 -4.47 -0.64 -5.57
N TYR A 77 -3.35 -1.28 -5.25
CA TYR A 77 -2.02 -0.63 -5.51
C TYR A 77 -2.04 0.26 -6.73
N SER A 78 -2.58 -0.21 -7.78
CA SER A 78 -2.62 0.63 -8.99
C SER A 78 -3.16 2.01 -8.66
N ASN A 79 -4.29 2.05 -8.02
CA ASN A 79 -4.87 3.36 -7.67
C ASN A 79 -4.10 3.99 -6.51
N VAL A 80 -3.26 3.22 -5.87
CA VAL A 80 -2.49 3.79 -4.73
C VAL A 80 -1.33 4.63 -5.26
N ILE A 81 -0.65 4.12 -6.26
CA ILE A 81 0.49 4.89 -6.81
C ILE A 81 -0.05 6.04 -7.64
N SER A 82 -1.33 5.99 -7.91
CA SER A 82 -1.98 7.06 -8.69
C SER A 82 -2.62 8.07 -7.76
N LYS A 83 -3.61 7.61 -7.02
CA LYS A 83 -4.31 8.51 -6.06
C LYS A 83 -4.63 7.76 -4.76
N ASN A 84 -4.00 8.17 -3.69
CA ASN A 84 -4.26 7.49 -2.39
C ASN A 84 -5.73 7.60 -1.99
N ASN A 85 -6.11 6.84 -0.99
CA ASN A 85 -7.51 6.89 -0.53
C ASN A 85 -8.48 6.56 -1.67
N PRO A 86 -8.41 5.34 -2.10
CA PRO A 86 -9.27 4.86 -3.17
C PRO A 86 -10.71 4.80 -2.72
N ASP A 87 -10.93 4.13 -1.60
CA ASP A 87 -12.32 3.99 -1.04
C ASP A 87 -12.40 2.74 -0.16
N LEU A 88 -11.25 2.27 0.27
CA LEU A 88 -11.22 1.05 1.15
C LEU A 88 -12.40 1.00 2.11
N LYS A 89 -12.91 2.16 2.48
CA LYS A 89 -14.06 2.18 3.42
C LYS A 89 -15.12 1.17 3.01
N HIS A 90 -15.04 0.72 1.79
CA HIS A 90 -16.04 -0.27 1.30
C HIS A 90 -16.26 -1.39 2.31
N LYS A 91 -15.20 -1.86 2.89
CA LYS A 91 -15.36 -2.95 3.89
C LYS A 91 -16.25 -2.53 5.04
N ILE A 92 -16.21 -1.28 5.38
CA ILE A 92 -17.06 -0.78 6.49
C ILE A 92 -18.53 -0.99 6.17
N ALA A 93 -18.85 -1.05 4.91
CA ALA A 93 -20.26 -1.23 4.52
C ALA A 93 -20.69 -2.68 4.73
N ASN A 94 -19.89 -3.58 4.27
CA ASN A 94 -20.23 -5.02 4.44
C ASN A 94 -19.07 -5.91 4.01
N GLY A 95 -18.13 -6.08 4.90
CA GLY A 95 -16.94 -6.93 4.58
C GLY A 95 -17.14 -8.36 5.10
N ASP A 96 -18.18 -8.55 5.85
CA ASP A 96 -18.45 -9.91 6.40
C ASP A 96 -18.50 -10.97 5.30
N ILE A 97 -18.51 -10.54 4.06
CA ILE A 97 -18.55 -11.51 2.92
C ILE A 97 -17.28 -11.45 2.08
N THR A 98 -16.33 -10.65 2.50
CA THR A 98 -15.07 -10.54 1.72
C THR A 98 -14.16 -11.78 1.87
N PRO A 99 -14.00 -12.26 3.08
CA PRO A 99 -13.16 -13.42 3.33
C PRO A 99 -13.80 -14.73 2.85
N GLU A 100 -15.10 -14.72 2.70
CA GLU A 100 -15.78 -15.97 2.23
C GLU A 100 -15.93 -16.00 0.71
N PHE A 101 -15.64 -14.90 0.08
CA PHE A 101 -15.78 -14.87 -1.41
C PHE A 101 -14.93 -15.96 -2.08
N LEU A 102 -13.66 -15.94 -1.80
CA LEU A 102 -12.78 -16.97 -2.42
C LEU A 102 -13.28 -18.39 -2.16
N ALA A 103 -14.26 -18.51 -1.31
CA ALA A 103 -14.80 -19.87 -1.02
C ALA A 103 -15.27 -20.56 -2.30
N THR A 104 -15.32 -19.82 -3.38
CA THR A 104 -15.78 -20.41 -4.66
C THR A 104 -14.99 -19.83 -5.82
N CYS A 105 -14.99 -18.52 -5.90
CA CYS A 105 -14.26 -17.85 -7.00
C CYS A 105 -12.90 -18.51 -7.21
N ASP A 106 -12.30 -18.93 -6.12
CA ASP A 106 -10.97 -19.58 -6.23
C ASP A 106 -11.10 -21.09 -6.29
N ALA A 107 -11.75 -21.64 -5.31
CA ALA A 107 -11.92 -23.12 -5.30
C ALA A 107 -12.59 -23.58 -6.58
N LYS A 108 -13.11 -22.64 -7.32
CA LYS A 108 -13.77 -23.03 -8.59
C LYS A 108 -12.76 -23.67 -9.53
N ASP A 109 -11.52 -23.30 -9.37
CA ASP A 109 -10.50 -23.89 -10.26
C ASP A 109 -10.55 -25.38 -10.04
N LEU A 110 -10.93 -25.72 -8.84
CA LEU A 110 -11.03 -27.13 -8.49
C LEU A 110 -12.14 -27.29 -7.47
N ALA A 111 -13.34 -27.38 -7.96
CA ALA A 111 -14.50 -27.54 -7.07
C ALA A 111 -14.58 -28.93 -6.40
N PRO A 112 -14.19 -29.97 -7.13
CA PRO A 112 -14.25 -31.32 -6.58
C PRO A 112 -13.39 -31.45 -5.32
N ALA A 113 -14.02 -31.84 -4.23
CA ALA A 113 -13.28 -31.99 -2.96
C ALA A 113 -12.27 -33.14 -3.01
N PRO A 114 -12.72 -34.31 -3.46
CA PRO A 114 -11.84 -35.47 -3.56
C PRO A 114 -10.71 -35.23 -4.55
N GLY A 1 14.97 -23.40 -5.69
CA GLY A 1 16.07 -22.40 -5.74
C GLY A 1 16.72 -22.42 -7.12
N SER A 2 17.60 -21.49 -7.35
CA SER A 2 18.28 -21.45 -8.67
C SER A 2 19.49 -20.53 -8.65
N HIS A 3 20.39 -20.74 -9.58
CA HIS A 3 21.60 -19.89 -9.63
C HIS A 3 21.24 -18.42 -9.47
N MET A 4 20.19 -18.00 -10.13
CA MET A 4 19.79 -16.59 -10.01
C MET A 4 20.95 -15.67 -10.40
N PRO A 5 21.17 -15.53 -11.69
CA PRO A 5 22.24 -14.69 -12.21
C PRO A 5 22.09 -13.24 -11.78
N ARG A 6 23.20 -12.62 -11.49
CA ARG A 6 23.16 -11.20 -11.06
C ARG A 6 22.65 -10.31 -12.19
N ASN A 7 22.41 -9.07 -11.87
CA ASN A 7 21.92 -8.13 -12.91
C ASN A 7 22.10 -6.69 -12.46
N SER A 8 21.05 -6.10 -11.94
CA SER A 8 21.15 -4.70 -11.49
C SER A 8 21.44 -4.64 -9.99
N LYS A 9 21.07 -3.56 -9.38
CA LYS A 9 21.32 -3.41 -7.92
C LYS A 9 20.09 -3.82 -7.13
N ASN A 10 18.95 -3.77 -7.77
CA ASN A 10 17.71 -4.14 -7.07
C ASN A 10 17.72 -5.62 -6.70
N ASP A 11 18.68 -6.34 -7.21
CA ASP A 11 18.76 -7.79 -6.90
C ASP A 11 19.31 -8.02 -5.49
N GLY A 12 19.78 -6.97 -4.87
CA GLY A 12 20.33 -7.10 -3.49
C GLY A 12 19.67 -6.11 -2.54
N VAL A 13 18.38 -6.25 -2.36
CA VAL A 13 17.66 -5.32 -1.46
C VAL A 13 17.51 -5.90 -0.07
N ASP A 14 18.18 -5.30 0.88
CA ASP A 14 18.09 -5.80 2.25
C ASP A 14 16.91 -5.14 2.94
N THR A 15 16.00 -5.94 3.43
CA THR A 15 14.82 -5.38 4.11
C THR A 15 14.51 -6.15 5.39
N ALA A 16 15.09 -5.71 6.46
CA ALA A 16 14.83 -6.38 7.76
C ALA A 16 14.76 -5.35 8.86
N ILE A 17 13.59 -4.84 9.08
CA ILE A 17 13.43 -3.84 10.13
C ILE A 17 11.95 -3.69 10.51
N TYR A 18 11.23 -2.84 9.82
CA TYR A 18 9.78 -2.67 10.15
C TYR A 18 9.10 -4.03 10.17
N HIS A 19 9.84 -5.03 9.77
CA HIS A 19 9.31 -6.44 9.72
C HIS A 19 8.40 -6.78 10.89
N HIS A 20 8.32 -5.92 11.88
CA HIS A 20 7.42 -6.20 13.05
C HIS A 20 6.18 -6.96 12.60
N LYS A 21 5.28 -6.27 11.94
CA LYS A 21 4.04 -6.94 11.47
C LYS A 21 4.17 -7.34 10.00
N LEU A 22 4.07 -6.34 9.14
CA LEU A 22 4.18 -6.60 7.68
C LEU A 22 4.65 -5.34 6.95
N ARG A 23 5.08 -4.37 7.72
CA ARG A 23 5.55 -3.12 7.11
C ARG A 23 6.70 -3.39 6.16
N ASP A 24 7.50 -4.36 6.48
CA ASP A 24 8.62 -4.66 5.59
C ASP A 24 8.09 -5.16 4.27
N GLN A 25 6.91 -5.74 4.32
CA GLN A 25 6.30 -6.26 3.08
C GLN A 25 5.84 -5.10 2.26
N VAL A 26 5.54 -4.04 2.93
CA VAL A 26 5.09 -2.85 2.21
C VAL A 26 6.27 -2.17 1.57
N LEU A 27 7.24 -1.82 2.38
CA LEU A 27 8.44 -1.16 1.84
C LEU A 27 9.00 -1.99 0.70
N LYS A 28 8.74 -3.27 0.76
CA LYS A 28 9.24 -4.16 -0.29
C LYS A 28 8.27 -4.20 -1.43
N ALA A 29 7.02 -4.25 -1.10
CA ALA A 29 6.00 -4.29 -2.16
C ALA A 29 6.03 -3.00 -2.95
N LEU A 30 6.48 -1.96 -2.33
CA LEU A 30 6.51 -0.69 -3.06
C LEU A 30 7.71 -0.64 -3.96
N TYR A 31 8.85 -0.87 -3.41
CA TYR A 31 10.08 -0.83 -4.21
C TYR A 31 10.10 -1.86 -5.35
N ASP A 32 9.82 -3.09 -5.04
CA ASP A 32 9.83 -4.15 -6.12
C ASP A 32 8.59 -4.21 -7.01
N VAL A 33 7.42 -3.93 -6.50
CA VAL A 33 6.24 -4.02 -7.40
C VAL A 33 6.18 -2.83 -8.33
N LEU A 34 6.88 -1.78 -7.98
CA LEU A 34 6.85 -0.59 -8.84
C LEU A 34 7.95 -0.68 -9.89
N ALA A 35 9.14 -0.98 -9.44
CA ALA A 35 10.27 -1.09 -10.39
C ALA A 35 10.14 -2.35 -11.22
N LYS A 36 9.30 -3.23 -10.76
CA LYS A 36 9.08 -4.53 -11.47
C LYS A 36 9.20 -4.42 -13.01
N GLU A 37 8.30 -3.70 -13.65
CA GLU A 37 8.40 -3.61 -15.16
C GLU A 37 9.14 -2.37 -15.69
N SER A 38 8.51 -1.23 -15.67
CA SER A 38 9.21 -0.01 -16.19
C SER A 38 8.68 1.26 -15.58
N GLU A 39 8.41 1.22 -14.33
CA GLU A 39 7.89 2.41 -13.64
C GLU A 39 9.03 3.16 -12.97
N HIS A 40 10.19 2.59 -13.01
CA HIS A 40 11.37 3.24 -12.38
C HIS A 40 11.83 4.54 -13.06
N PRO A 41 11.83 4.60 -14.38
CA PRO A 41 12.27 5.81 -15.07
C PRO A 41 11.44 7.07 -14.74
N PRO A 42 10.12 7.00 -14.84
CA PRO A 42 9.27 8.15 -14.54
C PRO A 42 8.96 8.29 -13.05
N GLN A 43 8.03 7.51 -12.61
CA GLN A 43 7.60 7.52 -11.18
C GLN A 43 8.73 7.77 -10.16
N SER A 44 9.87 7.12 -10.31
CA SER A 44 10.97 7.35 -9.32
C SER A 44 10.66 6.57 -8.05
N ILE A 45 10.48 5.28 -8.23
CA ILE A 45 10.16 4.39 -7.08
C ILE A 45 10.88 4.80 -5.85
N LEU A 46 12.15 4.98 -5.98
CA LEU A 46 12.92 5.37 -4.80
C LEU A 46 12.21 6.50 -4.10
N HIS A 47 11.87 7.49 -4.87
CA HIS A 47 11.18 8.66 -4.30
C HIS A 47 9.74 8.35 -3.90
N THR A 48 8.99 7.82 -4.80
CA THR A 48 7.57 7.50 -4.50
C THR A 48 7.43 6.58 -3.27
N ALA A 49 7.97 5.40 -3.38
CA ALA A 49 7.88 4.46 -2.23
C ALA A 49 8.34 5.10 -0.91
N LYS A 50 9.27 6.03 -0.97
CA LYS A 50 9.73 6.65 0.32
C LYS A 50 8.68 7.55 0.96
N ALA A 51 7.93 8.24 0.16
CA ALA A 51 6.91 9.14 0.74
C ALA A 51 5.54 8.47 0.98
N ILE A 52 5.28 7.38 0.33
CA ILE A 52 3.97 6.70 0.54
C ILE A 52 4.03 5.58 1.58
N GLU A 53 5.08 4.84 1.56
CA GLU A 53 5.25 3.71 2.54
C GLU A 53 4.67 4.02 3.93
N SER A 54 5.33 4.88 4.65
CA SER A 54 4.85 5.23 6.02
C SER A 54 3.46 5.88 6.02
N GLU A 55 2.93 6.19 4.87
CA GLU A 55 1.58 6.82 4.85
C GLU A 55 0.44 5.82 4.64
N MET A 56 0.70 4.77 3.92
CA MET A 56 -0.39 3.80 3.70
C MET A 56 -0.48 2.82 4.86
N ASN A 57 0.55 2.79 5.68
CA ASN A 57 0.53 1.84 6.85
C ASN A 57 0.14 2.54 8.15
N LYS A 58 0.04 3.86 8.11
CA LYS A 58 -0.33 4.61 9.35
C LYS A 58 -1.32 3.83 10.22
N VAL A 59 -2.42 3.45 9.63
CA VAL A 59 -3.44 2.67 10.40
C VAL A 59 -4.06 1.58 9.54
N ASN A 60 -4.16 0.40 10.09
CA ASN A 60 -4.75 -0.71 9.30
C ASN A 60 -5.45 -1.74 10.19
N ASN A 61 -6.11 -2.68 9.56
CA ASN A 61 -6.83 -3.74 10.31
C ASN A 61 -5.90 -4.90 10.63
N CYS A 62 -4.72 -4.84 10.08
CA CYS A 62 -3.71 -5.93 10.32
C CYS A 62 -3.78 -6.51 11.74
N ASP A 63 -4.34 -5.79 12.66
CA ASP A 63 -4.43 -6.32 14.06
C ASP A 63 -5.71 -7.14 14.26
N THR A 64 -6.37 -7.45 13.18
CA THR A 64 -7.63 -8.24 13.29
C THR A 64 -7.86 -9.05 12.02
N ASN A 65 -7.99 -8.35 10.92
CA ASN A 65 -8.22 -9.03 9.62
C ASN A 65 -7.21 -8.56 8.59
N GLU A 66 -6.03 -9.09 8.69
CA GLU A 66 -4.97 -8.69 7.72
C GLU A 66 -5.40 -9.01 6.32
N ALA A 67 -6.48 -9.71 6.21
CA ALA A 67 -6.99 -10.07 4.88
C ALA A 67 -7.51 -8.83 4.17
N ALA A 68 -7.77 -7.81 4.96
CA ALA A 68 -8.27 -6.55 4.38
C ALA A 68 -7.11 -5.65 4.02
N TYR A 69 -6.45 -5.13 5.02
CA TYR A 69 -5.29 -4.24 4.75
C TYR A 69 -4.42 -4.82 3.64
N LYS A 70 -4.46 -6.12 3.51
CA LYS A 70 -3.63 -6.78 2.47
C LYS A 70 -4.36 -6.79 1.14
N ALA A 71 -5.52 -7.39 1.12
CA ALA A 71 -6.28 -7.44 -0.15
C ALA A 71 -6.39 -6.05 -0.76
N ARG A 72 -6.69 -5.09 0.08
CA ARG A 72 -6.81 -3.70 -0.41
C ARG A 72 -5.46 -3.15 -0.82
N TYR A 73 -4.51 -3.22 0.07
CA TYR A 73 -3.16 -2.71 -0.28
C TYR A 73 -2.70 -3.28 -1.62
N ARG A 74 -2.68 -4.58 -1.70
CA ARG A 74 -2.26 -5.23 -2.97
C ARG A 74 -3.09 -4.75 -4.15
N ILE A 75 -4.36 -4.53 -3.92
CA ILE A 75 -5.23 -4.05 -5.02
C ILE A 75 -5.09 -2.55 -5.21
N ILE A 76 -5.59 -1.81 -4.27
CA ILE A 76 -5.51 -0.35 -4.37
C ILE A 76 -4.12 0.08 -4.80
N TYR A 77 -3.16 -0.77 -4.59
CA TYR A 77 -1.76 -0.42 -4.98
C TYR A 77 -1.74 0.26 -6.33
N SER A 78 -2.31 -0.38 -7.31
CA SER A 78 -2.33 0.22 -8.67
C SER A 78 -2.80 1.67 -8.63
N ASN A 79 -3.87 1.91 -7.91
CA ASN A 79 -4.37 3.30 -7.83
C ASN A 79 -3.35 4.22 -7.21
N VAL A 80 -2.67 3.74 -6.20
CA VAL A 80 -1.65 4.58 -5.56
C VAL A 80 -0.63 5.05 -6.58
N ILE A 81 -0.20 4.15 -7.44
CA ILE A 81 0.78 4.55 -8.48
C ILE A 81 0.15 5.60 -9.38
N SER A 82 -1.14 5.52 -9.51
CA SER A 82 -1.86 6.48 -10.36
C SER A 82 -1.97 7.83 -9.65
N LYS A 83 -1.54 7.86 -8.40
CA LYS A 83 -1.58 9.11 -7.59
C LYS A 83 -3.01 9.44 -7.19
N ASN A 84 -3.50 8.73 -6.21
CA ASN A 84 -4.89 8.97 -5.74
C ASN A 84 -5.05 8.50 -4.30
N ASN A 85 -5.91 9.16 -3.58
CA ASN A 85 -6.12 8.78 -2.16
C ASN A 85 -6.99 7.50 -2.08
N PRO A 86 -6.44 6.42 -1.51
CA PRO A 86 -7.20 5.19 -1.40
C PRO A 86 -8.39 5.39 -0.48
N ASP A 87 -8.26 6.36 0.38
CA ASP A 87 -9.35 6.65 1.31
C ASP A 87 -9.62 5.43 2.17
N LEU A 88 -8.62 4.60 2.29
CA LEU A 88 -8.80 3.38 3.12
C LEU A 88 -9.06 3.74 4.58
N LYS A 89 -8.63 4.91 4.97
CA LYS A 89 -8.83 5.34 6.38
C LYS A 89 -10.31 5.46 6.71
N HIS A 90 -11.15 5.34 5.71
CA HIS A 90 -12.61 5.43 5.97
C HIS A 90 -13.04 4.47 7.07
N LYS A 91 -12.14 3.61 7.46
CA LYS A 91 -12.48 2.62 8.52
C LYS A 91 -13.30 3.28 9.64
N ILE A 92 -12.91 4.46 10.00
CA ILE A 92 -13.64 5.17 11.08
C ILE A 92 -15.15 5.12 10.84
N ALA A 93 -15.53 5.30 9.62
CA ALA A 93 -16.98 5.27 9.29
C ALA A 93 -17.44 3.86 8.90
N ASN A 94 -16.50 3.01 8.61
CA ASN A 94 -16.90 1.62 8.22
C ASN A 94 -17.66 1.64 6.91
N GLY A 95 -17.26 2.54 6.04
CA GLY A 95 -17.94 2.63 4.71
C GLY A 95 -17.19 1.85 3.64
N ASP A 96 -16.03 1.36 3.98
CA ASP A 96 -15.24 0.58 2.98
C ASP A 96 -16.04 -0.59 2.39
N ILE A 97 -17.16 -0.91 3.01
CA ILE A 97 -18.00 -2.05 2.51
C ILE A 97 -19.29 -1.55 1.89
N THR A 98 -19.34 -0.27 1.64
CA THR A 98 -20.57 0.31 1.04
C THR A 98 -20.53 0.39 -0.50
N PRO A 99 -19.35 0.37 -1.10
CA PRO A 99 -19.24 0.43 -2.55
C PRO A 99 -19.82 -0.80 -3.23
N GLU A 100 -19.64 -0.87 -4.50
CA GLU A 100 -20.16 -2.03 -5.27
C GLU A 100 -19.61 -3.36 -4.74
N PHE A 101 -18.67 -3.29 -3.82
CA PHE A 101 -18.09 -4.56 -3.25
C PHE A 101 -19.12 -5.67 -3.12
N LEU A 102 -20.35 -5.30 -2.87
CA LEU A 102 -21.41 -6.33 -2.73
C LEU A 102 -21.49 -7.25 -3.96
N ALA A 103 -20.76 -6.91 -4.99
CA ALA A 103 -20.77 -7.75 -6.22
C ALA A 103 -19.78 -8.91 -6.12
N THR A 104 -18.91 -8.85 -5.14
CA THR A 104 -17.91 -9.92 -4.98
C THR A 104 -18.33 -10.88 -3.88
N CYS A 105 -19.04 -10.36 -2.91
CA CYS A 105 -19.50 -11.23 -1.80
C CYS A 105 -20.10 -12.52 -2.35
N ASP A 106 -20.40 -12.53 -3.63
CA ASP A 106 -20.99 -13.75 -4.22
C ASP A 106 -19.92 -14.77 -4.52
N ALA A 107 -19.12 -14.49 -5.51
CA ALA A 107 -18.05 -15.45 -5.85
C ALA A 107 -17.13 -15.62 -4.66
N LYS A 108 -17.32 -14.80 -3.67
CA LYS A 108 -16.47 -14.88 -2.48
C LYS A 108 -16.72 -16.19 -1.75
N ASP A 109 -17.88 -16.76 -1.96
CA ASP A 109 -18.18 -18.03 -1.29
C ASP A 109 -17.17 -19.03 -1.76
N LEU A 110 -16.81 -18.89 -3.00
CA LEU A 110 -15.83 -19.79 -3.58
C LEU A 110 -15.02 -19.04 -4.61
N ALA A 111 -14.03 -18.35 -4.12
CA ALA A 111 -13.16 -17.57 -5.02
C ALA A 111 -12.41 -18.47 -6.03
N PRO A 112 -11.89 -19.59 -5.55
CA PRO A 112 -11.16 -20.51 -6.41
C PRO A 112 -12.03 -21.07 -7.53
N ALA A 113 -11.53 -20.99 -8.73
CA ALA A 113 -12.29 -21.50 -9.90
C ALA A 113 -11.51 -22.61 -10.62
N PRO A 114 -11.77 -23.85 -10.24
CA PRO A 114 -11.09 -25.00 -10.85
C PRO A 114 -11.44 -25.14 -12.32
N GLY A 1 36.09 -7.05 -15.86
CA GLY A 1 36.00 -8.13 -16.90
C GLY A 1 35.16 -7.65 -18.08
N SER A 2 34.46 -8.56 -18.68
CA SER A 2 33.61 -8.16 -19.84
C SER A 2 32.49 -9.17 -20.04
N HIS A 3 32.45 -10.17 -19.20
CA HIS A 3 31.40 -11.20 -19.33
C HIS A 3 30.28 -10.95 -18.31
N MET A 4 30.45 -9.92 -17.53
CA MET A 4 29.42 -9.60 -16.51
C MET A 4 29.39 -8.09 -16.24
N PRO A 5 28.77 -7.37 -17.15
CA PRO A 5 28.66 -5.92 -17.04
C PRO A 5 27.86 -5.51 -15.81
N ARG A 6 27.21 -4.37 -15.88
CA ARG A 6 26.41 -3.90 -14.73
C ARG A 6 25.62 -5.04 -14.11
N ASN A 7 25.97 -5.39 -12.90
CA ASN A 7 25.25 -6.49 -12.21
C ASN A 7 23.81 -6.09 -11.89
N SER A 8 23.00 -7.08 -11.56
CA SER A 8 21.58 -6.79 -11.22
C SER A 8 21.31 -7.06 -9.74
N LYS A 9 20.97 -6.02 -9.03
CA LYS A 9 20.70 -6.20 -7.57
C LYS A 9 19.22 -6.44 -7.32
N ASN A 10 18.42 -6.26 -8.34
CA ASN A 10 16.97 -6.47 -8.17
C ASN A 10 16.65 -7.94 -7.88
N ASP A 11 17.43 -8.82 -8.42
CA ASP A 11 17.18 -10.27 -8.18
C ASP A 11 17.78 -10.71 -6.85
N GLY A 12 18.57 -9.85 -6.25
CA GLY A 12 19.19 -10.20 -4.95
C GLY A 12 19.28 -8.96 -4.07
N VAL A 13 18.14 -8.42 -3.74
CA VAL A 13 18.12 -7.20 -2.88
C VAL A 13 17.76 -7.53 -1.45
N ASP A 14 18.64 -7.17 -0.55
CA ASP A 14 18.36 -7.46 0.87
C ASP A 14 17.61 -6.27 1.43
N THR A 15 16.57 -6.53 2.17
CA THR A 15 15.80 -5.40 2.73
C THR A 15 15.22 -5.73 4.10
N ALA A 16 15.99 -5.44 5.12
CA ALA A 16 15.54 -5.71 6.51
C ALA A 16 15.47 -4.40 7.29
N ILE A 17 14.34 -3.76 7.23
CA ILE A 17 14.17 -2.46 7.96
C ILE A 17 12.85 -2.40 8.66
N TYR A 18 11.85 -2.50 7.87
CA TYR A 18 10.48 -2.46 8.37
C TYR A 18 9.92 -3.86 8.63
N HIS A 19 10.68 -4.86 8.30
CA HIS A 19 10.24 -6.28 8.51
C HIS A 19 9.50 -6.50 9.84
N HIS A 20 9.51 -5.50 10.71
CA HIS A 20 8.81 -5.67 12.02
C HIS A 20 7.49 -6.45 11.87
N LYS A 21 6.48 -5.79 11.34
CA LYS A 21 5.17 -6.48 11.17
C LYS A 21 5.00 -6.95 9.72
N LEU A 22 4.76 -6.01 8.85
CA LEU A 22 4.58 -6.33 7.41
C LEU A 22 4.98 -5.11 6.61
N ARG A 23 5.33 -4.07 7.33
CA ARG A 23 5.73 -2.81 6.70
C ARG A 23 6.77 -3.07 5.64
N ASP A 24 7.46 -4.16 5.78
CA ASP A 24 8.50 -4.48 4.78
C ASP A 24 7.84 -4.95 3.51
N GLN A 25 6.78 -5.68 3.67
CA GLN A 25 6.07 -6.19 2.49
C GLN A 25 5.62 -5.02 1.67
N VAL A 26 5.36 -3.95 2.35
CA VAL A 26 4.92 -2.75 1.66
C VAL A 26 6.11 -2.07 1.01
N LEU A 27 7.07 -1.73 1.82
CA LEU A 27 8.26 -1.07 1.29
C LEU A 27 8.88 -1.94 0.22
N LYS A 28 8.59 -3.22 0.29
CA LYS A 28 9.15 -4.15 -0.71
C LYS A 28 8.24 -4.24 -1.89
N ALA A 29 6.97 -4.27 -1.63
CA ALA A 29 6.00 -4.37 -2.74
C ALA A 29 6.01 -3.09 -3.57
N LEU A 30 6.29 -1.98 -2.95
CA LEU A 30 6.31 -0.72 -3.72
C LEU A 30 7.61 -0.55 -4.45
N TYR A 31 8.69 -0.82 -3.78
CA TYR A 31 9.98 -0.66 -4.44
C TYR A 31 10.27 -1.79 -5.44
N ASP A 32 9.85 -2.98 -5.12
CA ASP A 32 10.11 -4.11 -6.05
C ASP A 32 9.10 -4.19 -7.20
N VAL A 33 7.94 -3.59 -7.04
CA VAL A 33 6.96 -3.67 -8.14
C VAL A 33 7.23 -2.60 -9.18
N LEU A 34 7.53 -1.42 -8.73
CA LEU A 34 7.80 -0.33 -9.69
C LEU A 34 9.22 -0.43 -10.25
N ALA A 35 10.11 -0.95 -9.46
CA ALA A 35 11.51 -1.07 -9.94
C ALA A 35 11.68 -2.24 -10.91
N LYS A 36 11.53 -3.43 -10.40
CA LYS A 36 11.67 -4.63 -11.27
C LYS A 36 11.04 -4.41 -12.62
N GLU A 37 9.92 -3.75 -12.65
CA GLU A 37 9.24 -3.51 -13.94
C GLU A 37 9.96 -2.41 -14.71
N SER A 38 9.85 -1.20 -14.23
CA SER A 38 10.51 -0.08 -14.91
C SER A 38 10.89 1.01 -13.92
N GLU A 39 12.16 1.24 -13.78
CA GLU A 39 12.63 2.28 -12.82
C GLU A 39 12.92 3.63 -13.51
N HIS A 40 12.90 3.65 -14.82
CA HIS A 40 13.19 4.94 -15.51
C HIS A 40 11.92 5.83 -15.71
N PRO A 41 10.83 5.24 -16.20
CA PRO A 41 9.60 6.01 -16.42
C PRO A 41 9.05 6.67 -15.14
N PRO A 42 9.04 5.96 -14.03
CA PRO A 42 8.53 6.52 -12.78
C PRO A 42 9.33 7.75 -12.35
N GLN A 43 9.01 8.28 -11.20
CA GLN A 43 9.74 9.48 -10.73
C GLN A 43 10.88 9.11 -9.78
N SER A 44 10.60 8.24 -8.84
CA SER A 44 11.64 7.84 -7.90
C SER A 44 11.13 6.75 -7.00
N ILE A 45 11.15 5.55 -7.51
CA ILE A 45 10.67 4.41 -6.71
C ILE A 45 11.06 4.52 -5.26
N LEU A 46 12.26 4.95 -5.03
CA LEU A 46 12.71 5.08 -3.64
C LEU A 46 11.98 6.22 -2.96
N HIS A 47 11.88 7.31 -3.65
CA HIS A 47 11.18 8.48 -3.08
C HIS A 47 9.67 8.35 -3.20
N THR A 48 9.23 7.36 -3.94
CA THR A 48 7.77 7.18 -4.11
C THR A 48 7.27 6.15 -3.10
N ALA A 49 7.99 5.07 -2.98
CA ALA A 49 7.56 4.04 -2.04
C ALA A 49 7.75 4.53 -0.61
N LYS A 50 8.74 5.37 -0.42
CA LYS A 50 8.99 5.91 0.94
C LYS A 50 7.92 6.88 1.34
N ALA A 51 7.59 7.75 0.44
CA ALA A 51 6.56 8.74 0.74
C ALA A 51 5.16 8.10 0.77
N ILE A 52 5.05 6.92 0.22
CA ILE A 52 3.73 6.25 0.21
C ILE A 52 3.59 5.26 1.37
N GLU A 53 4.38 4.23 1.35
CA GLU A 53 4.32 3.23 2.43
C GLU A 53 4.14 3.88 3.80
N SER A 54 5.17 4.55 4.24
CA SER A 54 5.10 5.23 5.57
C SER A 54 3.73 5.84 5.83
N GLU A 55 3.01 6.17 4.79
CA GLU A 55 1.66 6.77 5.00
C GLU A 55 0.55 5.73 4.94
N MET A 56 0.51 5.01 3.86
CA MET A 56 -0.53 3.98 3.72
C MET A 56 -0.62 3.12 4.98
N ASN A 57 0.49 3.01 5.66
CA ASN A 57 0.50 2.19 6.91
C ASN A 57 0.34 3.04 8.17
N LYS A 58 0.50 4.33 8.01
CA LYS A 58 0.37 5.25 9.19
C LYS A 58 -0.69 4.76 10.18
N VAL A 59 -1.92 4.76 9.74
CA VAL A 59 -3.01 4.30 10.63
C VAL A 59 -3.99 3.43 9.86
N ASN A 60 -4.00 2.17 10.17
CA ASN A 60 -4.92 1.26 9.47
C ASN A 60 -5.42 0.15 10.37
N ASN A 61 -5.95 -0.87 9.77
CA ASN A 61 -6.46 -2.02 10.56
C ASN A 61 -5.34 -2.95 10.98
N CYS A 62 -4.16 -2.72 10.47
CA CYS A 62 -2.99 -3.59 10.84
C CYS A 62 -2.91 -3.83 12.35
N ASP A 63 -3.71 -3.13 13.11
CA ASP A 63 -3.65 -3.32 14.60
C ASP A 63 -4.60 -4.43 15.08
N THR A 64 -5.56 -4.78 14.26
CA THR A 64 -6.51 -5.86 14.68
C THR A 64 -6.93 -6.71 13.49
N ASN A 65 -7.01 -6.09 12.33
CA ASN A 65 -7.41 -6.84 11.11
C ASN A 65 -6.45 -6.55 9.97
N GLU A 66 -5.33 -7.20 10.00
CA GLU A 66 -4.33 -6.99 8.93
C GLU A 66 -4.81 -7.57 7.62
N ALA A 67 -5.88 -8.30 7.68
CA ALA A 67 -6.43 -8.91 6.46
C ALA A 67 -7.02 -7.83 5.56
N ALA A 68 -7.44 -6.76 6.15
CA ALA A 68 -8.03 -5.67 5.36
C ALA A 68 -6.94 -4.77 4.76
N TYR A 69 -6.17 -4.16 5.62
CA TYR A 69 -5.09 -3.27 5.13
C TYR A 69 -4.27 -3.97 4.04
N LYS A 70 -3.94 -5.22 4.27
CA LYS A 70 -3.15 -5.96 3.27
C LYS A 70 -3.95 -6.21 2.00
N ALA A 71 -5.17 -6.65 2.18
CA ALA A 71 -6.03 -6.92 1.00
C ALA A 71 -6.14 -5.70 0.10
N ARG A 72 -6.71 -4.65 0.62
CA ARG A 72 -6.86 -3.41 -0.18
C ARG A 72 -5.54 -3.01 -0.81
N TYR A 73 -4.58 -2.67 0.01
CA TYR A 73 -3.26 -2.26 -0.50
C TYR A 73 -2.82 -3.11 -1.70
N ARG A 74 -2.60 -4.36 -1.45
CA ARG A 74 -2.18 -5.28 -2.54
C ARG A 74 -2.91 -5.00 -3.84
N ILE A 75 -4.20 -5.16 -3.83
CA ILE A 75 -5.01 -4.92 -5.06
C ILE A 75 -4.99 -3.45 -5.49
N ILE A 76 -5.65 -2.63 -4.72
CA ILE A 76 -5.70 -1.19 -5.05
C ILE A 76 -4.31 -0.61 -5.34
N TYR A 77 -3.28 -1.39 -5.09
CA TYR A 77 -1.90 -0.87 -5.35
C TYR A 77 -1.85 0.02 -6.57
N SER A 78 -2.64 -0.30 -7.55
CA SER A 78 -2.65 0.52 -8.79
C SER A 78 -3.10 1.95 -8.49
N ASN A 79 -4.22 2.06 -7.85
CA ASN A 79 -4.72 3.42 -7.53
C ASN A 79 -3.85 4.07 -6.48
N VAL A 80 -3.06 3.28 -5.80
CA VAL A 80 -2.18 3.86 -4.77
C VAL A 80 -1.03 4.62 -5.40
N ILE A 81 -0.48 4.07 -6.46
CA ILE A 81 0.65 4.76 -7.12
C ILE A 81 0.11 5.90 -7.98
N SER A 82 -1.18 5.93 -8.11
CA SER A 82 -1.82 7.00 -8.93
C SER A 82 -2.27 8.15 -8.04
N LYS A 83 -2.94 7.81 -6.96
CA LYS A 83 -3.43 8.86 -6.03
C LYS A 83 -3.85 8.26 -4.70
N ASN A 84 -3.80 9.04 -3.67
CA ASN A 84 -4.18 8.52 -2.34
C ASN A 84 -5.55 7.85 -2.39
N ASN A 85 -5.91 7.21 -1.30
CA ASN A 85 -7.22 6.53 -1.26
C ASN A 85 -7.55 6.10 0.17
N PRO A 86 -7.91 7.07 0.97
CA PRO A 86 -8.24 6.88 2.37
C PRO A 86 -9.59 6.16 2.54
N ASP A 87 -10.48 6.41 1.62
CA ASP A 87 -11.80 5.75 1.72
C ASP A 87 -11.64 4.26 1.73
N LEU A 88 -10.44 3.81 1.48
CA LEU A 88 -10.19 2.35 1.47
C LEU A 88 -10.86 1.66 2.66
N LYS A 89 -11.10 2.42 3.70
CA LYS A 89 -11.75 1.82 4.90
C LYS A 89 -13.28 1.99 4.86
N HIS A 90 -13.72 3.12 4.38
CA HIS A 90 -15.20 3.36 4.30
C HIS A 90 -15.83 2.55 3.18
N LYS A 91 -15.02 1.96 2.36
CA LYS A 91 -15.57 1.16 1.24
C LYS A 91 -16.31 -0.06 1.77
N ILE A 92 -15.63 -0.85 2.55
CA ILE A 92 -16.27 -2.06 3.10
C ILE A 92 -17.59 -1.70 3.77
N ALA A 93 -17.71 -0.45 4.13
CA ALA A 93 -18.97 0.00 4.80
C ALA A 93 -20.00 0.46 3.77
N ASN A 94 -19.67 1.50 3.04
CA ASN A 94 -20.63 2.02 2.03
C ASN A 94 -19.97 3.07 1.16
N GLY A 95 -18.67 3.04 1.09
CA GLY A 95 -17.94 4.03 0.25
C GLY A 95 -18.06 3.67 -1.23
N ASP A 96 -18.62 2.53 -1.50
CA ASP A 96 -18.79 2.06 -2.91
C ASP A 96 -19.04 3.24 -3.87
N ILE A 97 -19.64 4.30 -3.38
CA ILE A 97 -19.89 5.45 -4.31
C ILE A 97 -19.80 6.80 -3.58
N THR A 98 -19.48 7.80 -4.37
CA THR A 98 -19.33 9.22 -3.88
C THR A 98 -20.53 10.22 -4.22
N PRO A 99 -21.66 9.71 -4.77
CA PRO A 99 -22.80 10.58 -5.14
C PRO A 99 -22.52 12.07 -5.27
N GLU A 100 -21.29 12.38 -5.57
CA GLU A 100 -20.89 13.78 -5.74
C GLU A 100 -20.84 13.98 -7.23
N PHE A 101 -20.78 12.83 -7.89
CA PHE A 101 -20.72 12.78 -9.35
C PHE A 101 -22.05 13.21 -9.94
N LEU A 102 -23.08 13.08 -9.16
CA LEU A 102 -24.42 13.47 -9.63
C LEU A 102 -24.36 14.79 -10.40
N ALA A 103 -23.31 15.55 -10.18
CA ALA A 103 -23.19 16.85 -10.89
C ALA A 103 -22.38 16.68 -12.18
N THR A 104 -21.09 16.45 -12.02
CA THR A 104 -20.23 16.28 -13.22
C THR A 104 -19.06 15.37 -12.93
N CYS A 105 -18.83 14.43 -13.81
CA CYS A 105 -17.69 13.49 -13.61
C CYS A 105 -16.46 13.95 -14.37
N ASP A 106 -16.67 14.52 -15.52
CA ASP A 106 -15.51 14.98 -16.32
C ASP A 106 -15.09 16.40 -15.93
N ALA A 107 -16.04 17.29 -15.89
CA ALA A 107 -15.69 18.68 -15.51
C ALA A 107 -15.11 18.71 -14.11
N LYS A 108 -15.25 17.62 -13.40
CA LYS A 108 -14.71 17.58 -12.03
C LYS A 108 -13.20 17.54 -12.10
N ASP A 109 -12.70 17.05 -13.20
CA ASP A 109 -11.24 16.99 -13.34
C ASP A 109 -10.70 18.37 -13.19
N LEU A 110 -11.39 19.29 -13.80
CA LEU A 110 -10.97 20.67 -13.72
C LEU A 110 -12.20 21.56 -13.74
N ALA A 111 -12.78 21.72 -12.58
CA ALA A 111 -13.98 22.57 -12.48
C ALA A 111 -13.64 24.06 -12.71
N PRO A 112 -12.59 24.53 -12.05
CA PRO A 112 -12.16 25.92 -12.19
C PRO A 112 -11.78 26.26 -13.63
N ALA A 113 -10.98 27.28 -13.79
CA ALA A 113 -10.56 27.67 -15.17
C ALA A 113 -11.78 27.78 -16.07
N PRO A 114 -12.58 28.78 -15.81
CA PRO A 114 -13.80 29.04 -16.58
C PRO A 114 -13.46 29.34 -18.04
N GLY A 1 18.98 -14.63 -28.24
CA GLY A 1 20.29 -13.99 -27.95
C GLY A 1 20.55 -14.02 -26.44
N SER A 2 19.71 -13.34 -25.70
CA SER A 2 19.87 -13.30 -24.22
C SER A 2 21.34 -13.15 -23.81
N HIS A 3 21.78 -11.92 -23.69
CA HIS A 3 23.20 -11.66 -23.31
C HIS A 3 23.28 -10.57 -22.25
N MET A 4 22.49 -9.55 -22.44
CA MET A 4 22.49 -8.42 -21.45
C MET A 4 21.48 -8.65 -20.32
N PRO A 5 20.33 -9.18 -20.68
CA PRO A 5 19.28 -9.46 -19.70
C PRO A 5 19.55 -10.72 -18.87
N ARG A 6 19.34 -10.61 -17.58
CA ARG A 6 19.58 -11.79 -16.70
C ARG A 6 18.95 -11.57 -15.33
N ASN A 7 18.45 -10.38 -15.12
CA ASN A 7 17.82 -10.08 -13.81
C ASN A 7 18.87 -9.96 -12.71
N SER A 8 18.46 -10.24 -11.50
CA SER A 8 19.43 -10.15 -10.37
C SER A 8 20.12 -8.80 -10.36
N LYS A 9 21.21 -8.70 -11.08
CA LYS A 9 21.94 -7.42 -11.11
C LYS A 9 20.99 -6.27 -11.44
N ASN A 10 19.78 -6.62 -11.80
CA ASN A 10 18.79 -5.57 -12.14
C ASN A 10 18.22 -4.93 -10.88
N ASP A 11 17.91 -5.73 -9.90
CA ASP A 11 17.37 -5.17 -8.65
C ASP A 11 18.47 -4.92 -7.63
N GLY A 12 19.00 -5.99 -7.09
CA GLY A 12 20.10 -5.86 -6.09
C GLY A 12 19.81 -4.69 -5.15
N VAL A 13 18.98 -4.92 -4.18
CA VAL A 13 18.65 -3.84 -3.24
C VAL A 13 18.32 -4.38 -1.86
N ASP A 14 18.97 -3.84 -0.88
CA ASP A 14 18.71 -4.30 0.49
C ASP A 14 17.57 -3.47 1.06
N THR A 15 16.59 -4.13 1.61
CA THR A 15 15.45 -3.38 2.16
C THR A 15 14.87 -4.05 3.39
N ALA A 16 15.41 -3.69 4.53
CA ALA A 16 14.92 -4.27 5.81
C ALA A 16 15.07 -3.24 6.93
N ILE A 17 14.01 -2.51 7.19
CA ILE A 17 14.07 -1.49 8.25
C ILE A 17 12.80 -1.45 9.12
N TYR A 18 11.68 -1.29 8.47
CA TYR A 18 10.38 -1.24 9.21
C TYR A 18 9.76 -2.63 9.39
N HIS A 19 10.44 -3.62 8.87
CA HIS A 19 9.95 -5.05 8.96
C HIS A 19 9.20 -5.38 10.27
N HIS A 20 9.24 -4.49 11.24
CA HIS A 20 8.51 -4.77 12.53
C HIS A 20 7.24 -5.58 12.25
N LYS A 21 6.24 -4.92 11.68
CA LYS A 21 4.97 -5.65 11.37
C LYS A 21 4.97 -6.10 9.91
N LEU A 22 4.78 -5.14 9.02
CA LEU A 22 4.75 -5.46 7.57
C LEU A 22 5.16 -4.23 6.77
N ARG A 23 5.60 -3.24 7.47
CA ARG A 23 6.02 -1.99 6.79
C ARG A 23 7.16 -2.26 5.83
N ASP A 24 7.83 -3.37 6.02
CA ASP A 24 8.95 -3.67 5.11
C ASP A 24 8.40 -4.23 3.83
N GLN A 25 7.71 -5.33 3.95
CA GLN A 25 7.13 -5.96 2.77
C GLN A 25 6.41 -4.93 1.97
N VAL A 26 6.08 -3.87 2.64
CA VAL A 26 5.37 -2.79 1.96
C VAL A 26 6.34 -1.96 1.14
N LEU A 27 7.30 -1.37 1.80
CA LEU A 27 8.26 -0.54 1.05
C LEU A 27 9.04 -1.41 0.07
N LYS A 28 8.92 -2.72 0.24
CA LYS A 28 9.65 -3.64 -0.67
C LYS A 28 8.77 -3.96 -1.85
N ALA A 29 7.52 -4.21 -1.57
CA ALA A 29 6.60 -4.52 -2.67
C ALA A 29 6.36 -3.28 -3.49
N LEU A 30 6.68 -2.16 -2.90
CA LEU A 30 6.48 -0.90 -3.63
C LEU A 30 7.63 -0.65 -4.57
N TYR A 31 8.81 -0.76 -4.06
CA TYR A 31 9.96 -0.53 -4.92
C TYR A 31 10.18 -1.69 -5.89
N ASP A 32 9.95 -2.89 -5.45
CA ASP A 32 10.15 -4.04 -6.36
C ASP A 32 9.02 -4.21 -7.37
N VAL A 33 7.86 -3.69 -7.09
CA VAL A 33 6.76 -3.86 -8.07
C VAL A 33 6.87 -2.83 -9.16
N LEU A 34 7.24 -1.64 -8.81
CA LEU A 34 7.35 -0.60 -9.85
C LEU A 34 8.71 -0.67 -10.54
N ALA A 35 9.73 -0.98 -9.78
CA ALA A 35 11.08 -1.06 -10.39
C ALA A 35 11.18 -2.21 -11.39
N LYS A 36 11.14 -3.41 -10.88
CA LYS A 36 11.24 -4.59 -11.79
C LYS A 36 10.31 -4.47 -12.99
N GLU A 37 9.03 -4.54 -12.74
CA GLU A 37 8.05 -4.43 -13.86
C GLU A 37 8.49 -3.41 -14.91
N SER A 38 8.88 -2.25 -14.45
CA SER A 38 9.32 -1.22 -15.42
C SER A 38 10.36 -0.28 -14.79
N GLU A 39 11.46 -0.12 -15.51
CA GLU A 39 12.55 0.76 -15.01
C GLU A 39 12.38 2.21 -15.48
N HIS A 40 11.36 2.43 -16.29
CA HIS A 40 11.11 3.81 -16.79
C HIS A 40 10.10 4.67 -15.96
N PRO A 41 9.42 4.11 -14.96
CA PRO A 41 8.46 4.90 -14.16
C PRO A 41 9.10 6.17 -13.55
N PRO A 42 8.65 7.33 -14.01
CA PRO A 42 9.18 8.61 -13.51
C PRO A 42 8.72 8.90 -12.07
N GLN A 43 7.59 8.37 -11.75
CA GLN A 43 7.03 8.58 -10.39
C GLN A 43 8.09 8.60 -9.29
N SER A 44 9.25 8.00 -9.54
CA SER A 44 10.33 7.98 -8.51
C SER A 44 10.08 6.87 -7.54
N ILE A 45 10.29 5.69 -8.00
CA ILE A 45 10.08 4.51 -7.15
C ILE A 45 10.80 4.65 -5.83
N LEU A 46 12.01 5.09 -5.87
CA LEU A 46 12.76 5.25 -4.61
C LEU A 46 12.14 6.32 -3.75
N HIS A 47 11.94 7.46 -4.33
CA HIS A 47 11.35 8.59 -3.58
C HIS A 47 9.85 8.43 -3.40
N THR A 48 9.28 7.48 -4.07
CA THR A 48 7.83 7.27 -3.94
C THR A 48 7.54 6.20 -2.91
N ALA A 49 8.12 5.05 -3.11
CA ALA A 49 7.90 3.95 -2.15
C ALA A 49 8.43 4.33 -0.78
N LYS A 50 9.34 5.28 -0.72
CA LYS A 50 9.89 5.67 0.59
C LYS A 50 8.92 6.55 1.39
N ALA A 51 8.16 7.36 0.69
CA ALA A 51 7.19 8.24 1.41
C ALA A 51 5.77 7.66 1.50
N ILE A 52 5.46 6.71 0.67
CA ILE A 52 4.08 6.12 0.72
C ILE A 52 3.98 4.98 1.74
N GLU A 53 5.09 4.40 2.07
CA GLU A 53 5.06 3.27 3.06
C GLU A 53 4.53 3.73 4.41
N SER A 54 4.62 5.00 4.67
CA SER A 54 4.13 5.54 5.98
C SER A 54 2.69 6.05 5.89
N GLU A 55 2.15 6.12 4.70
CA GLU A 55 0.76 6.61 4.57
C GLU A 55 -0.27 5.49 4.58
N MET A 56 -0.31 4.72 3.54
CA MET A 56 -1.29 3.61 3.48
C MET A 56 -1.20 2.70 4.71
N ASN A 57 -0.18 2.90 5.50
CA ASN A 57 -0.04 2.04 6.73
C ASN A 57 -0.61 2.74 7.96
N LYS A 58 -0.46 4.04 8.02
CA LYS A 58 -0.99 4.78 9.20
C LYS A 58 -2.35 4.25 9.60
N VAL A 59 -3.32 4.47 8.78
CA VAL A 59 -4.68 3.98 9.09
C VAL A 59 -4.91 2.62 8.45
N ASN A 60 -5.02 1.60 9.26
CA ASN A 60 -5.23 0.24 8.70
C ASN A 60 -6.03 -0.64 9.65
N ASN A 61 -6.40 -1.79 9.15
CA ASN A 61 -7.17 -2.76 9.97
C ASN A 61 -6.24 -3.73 10.68
N CYS A 62 -4.97 -3.63 10.38
CA CYS A 62 -3.96 -4.54 11.01
C CYS A 62 -4.22 -4.73 12.52
N ASP A 63 -5.15 -3.98 13.05
CA ASP A 63 -5.45 -4.12 14.50
C ASP A 63 -6.48 -5.21 14.79
N THR A 64 -7.40 -5.44 13.88
CA THR A 64 -8.43 -6.50 14.13
C THR A 64 -8.78 -7.28 12.86
N ASN A 65 -8.50 -6.71 11.73
CA ASN A 65 -8.82 -7.42 10.46
C ASN A 65 -7.74 -7.17 9.42
N GLU A 66 -6.68 -7.93 9.51
CA GLU A 66 -5.58 -7.75 8.54
C GLU A 66 -6.02 -8.14 7.14
N ALA A 67 -7.18 -8.73 7.07
CA ALA A 67 -7.69 -9.15 5.75
C ALA A 67 -8.12 -7.93 4.95
N ALA A 68 -8.42 -6.87 5.66
CA ALA A 68 -8.84 -5.64 4.98
C ALA A 68 -7.64 -4.81 4.54
N TYR A 69 -6.87 -4.35 5.48
CA TYR A 69 -5.68 -3.54 5.12
C TYR A 69 -4.89 -4.24 4.02
N LYS A 70 -4.87 -5.54 4.09
CA LYS A 70 -4.12 -6.31 3.06
C LYS A 70 -4.80 -6.17 1.70
N ALA A 71 -6.04 -6.57 1.64
CA ALA A 71 -6.76 -6.47 0.35
C ALA A 71 -6.53 -5.11 -0.30
N ARG A 72 -6.79 -4.07 0.45
CA ARG A 72 -6.58 -2.70 -0.09
C ARG A 72 -5.19 -2.55 -0.69
N TYR A 73 -4.20 -2.51 0.16
CA TYR A 73 -2.81 -2.36 -0.33
C TYR A 73 -2.48 -3.36 -1.44
N ARG A 74 -2.43 -4.60 -1.08
CA ARG A 74 -2.13 -5.66 -2.07
C ARG A 74 -2.82 -5.45 -3.43
N ILE A 75 -4.08 -5.14 -3.42
CA ILE A 75 -4.80 -4.94 -4.72
C ILE A 75 -4.84 -3.47 -5.17
N ILE A 76 -5.60 -2.66 -4.49
CA ILE A 76 -5.71 -1.22 -4.87
C ILE A 76 -4.33 -0.58 -5.13
N TYR A 77 -3.29 -1.31 -4.84
CA TYR A 77 -1.91 -0.76 -5.06
C TYR A 77 -1.84 0.15 -6.28
N SER A 78 -2.60 -0.17 -7.28
CA SER A 78 -2.59 0.67 -8.50
C SER A 78 -3.00 2.09 -8.19
N ASN A 79 -4.22 2.26 -7.76
CA ASN A 79 -4.69 3.62 -7.44
C ASN A 79 -3.86 4.25 -6.33
N VAL A 80 -3.14 3.42 -5.61
CA VAL A 80 -2.31 3.97 -4.51
C VAL A 80 -1.06 4.66 -5.07
N ILE A 81 -0.49 4.10 -6.11
CA ILE A 81 0.71 4.73 -6.70
C ILE A 81 0.29 5.84 -7.65
N SER A 82 -0.98 5.86 -7.97
CA SER A 82 -1.49 6.91 -8.89
C SER A 82 -2.05 8.08 -8.10
N LYS A 83 -3.07 7.81 -7.32
CA LYS A 83 -3.70 8.89 -6.51
C LYS A 83 -3.72 8.50 -5.02
N ASN A 84 -4.73 8.95 -4.31
CA ASN A 84 -4.81 8.61 -2.85
C ASN A 84 -6.23 8.24 -2.47
N ASN A 85 -6.45 8.09 -1.19
CA ASN A 85 -7.82 7.73 -0.72
C ASN A 85 -8.34 6.51 -1.49
N PRO A 86 -8.04 5.33 -0.99
CA PRO A 86 -8.48 4.09 -1.64
C PRO A 86 -9.99 3.96 -1.57
N ASP A 87 -10.58 4.62 -0.60
CA ASP A 87 -12.06 4.55 -0.46
C ASP A 87 -12.50 3.23 0.15
N LEU A 88 -11.67 2.66 0.98
CA LEU A 88 -12.05 1.38 1.61
C LEU A 88 -13.24 1.59 2.54
N LYS A 89 -13.55 2.83 2.78
CA LYS A 89 -14.70 3.16 3.68
C LYS A 89 -16.04 2.94 2.97
N HIS A 90 -15.96 2.65 1.69
CA HIS A 90 -17.21 2.41 0.89
C HIS A 90 -18.23 1.55 1.63
N LYS A 91 -17.82 1.01 2.76
CA LYS A 91 -18.76 0.16 3.54
C LYS A 91 -20.19 0.69 3.48
N ILE A 92 -20.33 1.97 3.27
CA ILE A 92 -21.68 2.55 3.19
C ILE A 92 -22.46 1.86 2.08
N ALA A 93 -21.85 1.77 0.94
CA ALA A 93 -22.53 1.11 -0.21
C ALA A 93 -22.47 -0.40 -0.05
N ASN A 94 -21.37 -0.89 0.47
CA ASN A 94 -21.25 -2.35 0.65
C ASN A 94 -21.99 -2.80 1.91
N GLY A 95 -23.24 -2.41 1.98
CA GLY A 95 -24.08 -2.79 3.16
C GLY A 95 -23.91 -4.27 3.50
N ASP A 96 -23.22 -4.97 2.63
CA ASP A 96 -22.97 -6.43 2.85
C ASP A 96 -22.56 -6.70 4.30
N ILE A 97 -22.35 -5.66 5.06
CA ILE A 97 -21.93 -5.85 6.47
C ILE A 97 -23.17 -6.02 7.35
N THR A 98 -22.96 -6.53 8.54
CA THR A 98 -24.12 -6.74 9.47
C THR A 98 -24.33 -5.59 10.48
N PRO A 99 -23.33 -5.32 11.32
CA PRO A 99 -23.42 -4.26 12.32
C PRO A 99 -24.21 -3.03 11.82
N GLU A 100 -24.80 -2.34 12.77
CA GLU A 100 -25.60 -1.13 12.42
C GLU A 100 -24.71 0.03 11.99
N PHE A 101 -23.43 -0.12 12.16
CA PHE A 101 -22.49 0.97 11.76
C PHE A 101 -22.95 1.70 10.48
N LEU A 102 -23.66 0.99 9.63
CA LEU A 102 -24.15 1.63 8.37
C LEU A 102 -24.77 3.00 8.63
N ALA A 103 -25.16 3.22 9.86
CA ALA A 103 -25.78 4.53 10.21
C ALA A 103 -24.74 5.49 10.77
N THR A 104 -24.02 5.04 11.77
CA THR A 104 -23.00 5.92 12.38
C THR A 104 -21.81 5.09 12.88
N CYS A 105 -20.64 5.46 12.44
CA CYS A 105 -19.43 4.71 12.88
C CYS A 105 -18.80 5.38 14.10
N ASP A 106 -18.52 6.64 13.98
CA ASP A 106 -17.90 7.37 15.12
C ASP A 106 -18.95 8.07 15.97
N ALA A 107 -19.97 8.56 15.32
CA ALA A 107 -21.04 9.26 16.08
C ALA A 107 -21.80 8.28 16.95
N LYS A 108 -21.55 7.01 16.76
CA LYS A 108 -22.27 6.01 17.58
C LYS A 108 -21.75 6.06 19.00
N ASP A 109 -20.56 6.56 19.16
CA ASP A 109 -20.01 6.63 20.52
C ASP A 109 -20.92 7.47 21.34
N LEU A 110 -21.46 8.45 20.70
CA LEU A 110 -22.38 9.34 21.39
C LEU A 110 -23.32 9.97 20.38
N ALA A 111 -24.36 9.25 20.05
CA ALA A 111 -25.33 9.79 19.08
C ALA A 111 -25.98 11.08 19.59
N PRO A 112 -26.43 11.05 20.83
CA PRO A 112 -27.07 12.21 21.45
C PRO A 112 -26.06 13.32 21.69
N ALA A 113 -26.51 14.54 21.56
CA ALA A 113 -25.60 15.69 21.78
C ALA A 113 -26.38 16.94 22.18
N PRO A 114 -27.10 16.83 23.28
CA PRO A 114 -27.90 17.94 23.78
C PRO A 114 -27.03 19.15 24.11
N GLY A 1 32.18 -3.12 11.44
CA GLY A 1 32.51 -4.07 10.36
C GLY A 1 31.24 -4.47 9.60
N SER A 2 30.30 -3.55 9.54
CA SER A 2 29.04 -3.85 8.82
C SER A 2 29.20 -3.65 7.32
N HIS A 3 29.80 -2.55 6.96
CA HIS A 3 30.00 -2.28 5.50
C HIS A 3 28.69 -2.38 4.73
N MET A 4 28.77 -2.22 3.43
CA MET A 4 27.53 -2.31 2.63
C MET A 4 27.03 -3.77 2.56
N PRO A 5 25.73 -3.98 2.73
CA PRO A 5 25.17 -5.32 2.68
C PRO A 5 25.43 -5.99 1.33
N ARG A 6 25.71 -7.26 1.37
CA ARG A 6 25.97 -7.97 0.10
C ARG A 6 24.68 -8.53 -0.49
N ASN A 7 24.00 -9.32 0.29
CA ASN A 7 22.72 -9.89 -0.20
C ASN A 7 21.73 -8.80 -0.57
N SER A 8 21.89 -8.24 -1.73
CA SER A 8 20.97 -7.16 -2.17
C SER A 8 21.24 -6.78 -3.62
N LYS A 9 22.32 -7.28 -4.15
CA LYS A 9 22.66 -6.96 -5.56
C LYS A 9 21.59 -7.51 -6.51
N ASN A 10 20.83 -8.46 -6.02
CA ASN A 10 19.77 -9.05 -6.88
C ASN A 10 18.68 -8.02 -7.13
N ASP A 11 17.93 -7.72 -6.11
CA ASP A 11 16.85 -6.73 -6.27
C ASP A 11 17.43 -5.32 -6.37
N GLY A 12 18.30 -5.00 -5.43
CA GLY A 12 18.94 -3.64 -5.44
C GLY A 12 18.50 -2.83 -4.23
N VAL A 13 17.78 -3.44 -3.33
CA VAL A 13 17.32 -2.70 -2.13
C VAL A 13 17.15 -3.60 -0.91
N ASP A 14 18.00 -3.41 0.06
CA ASP A 14 17.89 -4.25 1.28
C ASP A 14 16.97 -3.55 2.26
N THR A 15 15.79 -4.11 2.44
CA THR A 15 14.83 -3.50 3.39
C THR A 15 14.39 -4.48 4.45
N ALA A 16 15.13 -4.50 5.52
CA ALA A 16 14.79 -5.42 6.63
C ALA A 16 15.00 -4.70 7.95
N ILE A 17 13.96 -4.03 8.38
CA ILE A 17 14.05 -3.30 9.65
C ILE A 17 12.65 -3.04 10.20
N TYR A 18 11.97 -2.08 9.63
CA TYR A 18 10.61 -1.77 10.11
C TYR A 18 9.75 -3.03 10.03
N HIS A 19 10.34 -4.05 9.46
CA HIS A 19 9.67 -5.37 9.28
C HIS A 19 8.87 -5.81 10.52
N HIS A 20 8.99 -5.07 11.58
CA HIS A 20 8.25 -5.43 12.84
C HIS A 20 6.92 -6.13 12.55
N LYS A 21 5.95 -5.40 12.02
CA LYS A 21 4.64 -6.04 11.71
C LYS A 21 4.58 -6.48 10.25
N LEU A 22 4.47 -5.52 9.36
CA LEU A 22 4.39 -5.86 7.91
C LEU A 22 4.95 -4.73 7.08
N ARG A 23 5.59 -3.81 7.74
CA ARG A 23 6.17 -2.67 7.04
C ARG A 23 7.15 -3.13 5.99
N ASP A 24 7.89 -4.15 6.30
CA ASP A 24 8.86 -4.65 5.32
C ASP A 24 8.15 -5.11 4.06
N GLN A 25 6.97 -5.61 4.23
CA GLN A 25 6.21 -6.09 3.06
C GLN A 25 5.80 -4.93 2.20
N VAL A 26 5.50 -3.84 2.82
CA VAL A 26 5.09 -2.67 2.04
C VAL A 26 6.30 -2.08 1.34
N LEU A 27 7.31 -1.80 2.09
CA LEU A 27 8.52 -1.21 1.49
C LEU A 27 9.05 -2.11 0.38
N LYS A 28 8.71 -3.37 0.47
CA LYS A 28 9.18 -4.31 -0.57
C LYS A 28 8.22 -4.33 -1.72
N ALA A 29 6.97 -4.36 -1.43
CA ALA A 29 5.98 -4.39 -2.52
C ALA A 29 5.95 -3.04 -3.22
N LEU A 30 6.44 -2.02 -2.56
CA LEU A 30 6.43 -0.70 -3.19
C LEU A 30 7.59 -0.54 -4.15
N TYR A 31 8.77 -0.83 -3.69
CA TYR A 31 9.92 -0.69 -4.59
C TYR A 31 10.04 -1.83 -5.61
N ASP A 32 9.73 -3.00 -5.20
CA ASP A 32 9.82 -4.15 -6.14
C ASP A 32 8.69 -4.19 -7.16
N VAL A 33 7.54 -3.67 -6.83
CA VAL A 33 6.45 -3.71 -7.83
C VAL A 33 6.53 -2.56 -8.82
N LEU A 34 7.05 -1.44 -8.38
CA LEU A 34 7.14 -0.29 -9.32
C LEU A 34 8.46 -0.30 -10.10
N ALA A 35 9.43 -1.03 -9.63
CA ALA A 35 10.73 -1.07 -10.36
C ALA A 35 10.85 -2.28 -11.29
N LYS A 36 10.59 -3.45 -10.76
CA LYS A 36 10.69 -4.69 -11.60
C LYS A 36 10.22 -4.47 -13.04
N GLU A 37 8.95 -4.29 -13.23
CA GLU A 37 8.44 -4.08 -14.61
C GLU A 37 9.34 -3.16 -15.42
N SER A 38 9.28 -1.90 -15.13
CA SER A 38 10.15 -0.95 -15.89
C SER A 38 10.46 0.28 -15.05
N GLU A 39 11.67 0.74 -15.15
CA GLU A 39 12.07 1.93 -14.38
C GLU A 39 11.80 3.20 -15.16
N HIS A 40 11.42 3.03 -16.40
CA HIS A 40 11.14 4.23 -17.25
C HIS A 40 9.77 4.91 -16.97
N PRO A 41 8.71 4.12 -16.94
CA PRO A 41 7.37 4.66 -16.69
C PRO A 41 7.21 5.38 -15.33
N PRO A 42 7.75 4.82 -14.28
CA PRO A 42 7.65 5.41 -12.95
C PRO A 42 8.42 6.73 -12.85
N GLN A 43 8.10 7.50 -11.85
CA GLN A 43 8.79 8.79 -11.65
C GLN A 43 9.94 8.70 -10.65
N SER A 44 9.76 7.93 -9.60
CA SER A 44 10.84 7.80 -8.60
C SER A 44 10.51 6.73 -7.58
N ILE A 45 10.79 5.52 -7.93
CA ILE A 45 10.50 4.42 -6.99
C ILE A 45 11.10 4.69 -5.64
N LEU A 46 12.27 5.20 -5.65
CA LEU A 46 12.94 5.50 -4.36
C LEU A 46 12.18 6.60 -3.63
N HIS A 47 11.98 7.68 -4.30
CA HIS A 47 11.25 8.81 -3.69
C HIS A 47 9.76 8.55 -3.61
N THR A 48 9.32 7.50 -4.24
CA THR A 48 7.87 7.20 -4.20
C THR A 48 7.55 6.24 -3.06
N ALA A 49 8.24 5.14 -3.03
CA ALA A 49 7.97 4.17 -1.95
C ALA A 49 8.36 4.75 -0.60
N LYS A 50 9.25 5.72 -0.60
CA LYS A 50 9.67 6.33 0.71
C LYS A 50 8.59 7.22 1.30
N ALA A 51 7.84 7.88 0.45
CA ALA A 51 6.78 8.78 0.98
C ALA A 51 5.42 8.07 1.16
N ILE A 52 5.20 7.04 0.42
CA ILE A 52 3.90 6.32 0.55
C ILE A 52 3.99 5.20 1.58
N GLU A 53 5.17 4.84 1.95
CA GLU A 53 5.34 3.77 2.95
C GLU A 53 4.75 4.14 4.32
N SER A 54 5.33 5.12 4.94
CA SER A 54 4.83 5.54 6.28
C SER A 54 3.45 6.19 6.21
N GLU A 55 2.97 6.42 5.02
CA GLU A 55 1.62 7.05 4.89
C GLU A 55 0.49 6.06 4.76
N MET A 56 0.67 5.08 3.92
CA MET A 56 -0.42 4.09 3.75
C MET A 56 -0.54 3.18 4.96
N ASN A 57 0.50 3.16 5.78
CA ASN A 57 0.45 2.28 6.99
C ASN A 57 0.07 3.03 8.28
N LYS A 58 -0.02 4.34 8.20
CA LYS A 58 -0.39 5.15 9.41
C LYS A 58 -1.40 4.42 10.30
N VAL A 59 -2.62 4.30 9.83
CA VAL A 59 -3.65 3.61 10.64
C VAL A 59 -4.61 2.84 9.75
N ASN A 60 -4.79 1.58 10.04
CA ASN A 60 -5.72 0.78 9.20
C ASN A 60 -6.36 -0.34 10.01
N ASN A 61 -6.58 -1.46 9.36
CA ASN A 61 -7.20 -2.62 10.06
C ASN A 61 -6.15 -3.57 10.62
N CYS A 62 -4.93 -3.35 10.26
CA CYS A 62 -3.83 -4.23 10.76
C CYS A 62 -3.92 -4.46 12.28
N ASP A 63 -4.81 -3.76 12.92
CA ASP A 63 -4.94 -3.95 14.41
C ASP A 63 -5.91 -5.08 14.78
N THR A 64 -6.73 -5.47 13.85
CA THR A 64 -7.70 -6.56 14.15
C THR A 64 -7.99 -7.40 12.90
N ASN A 65 -8.36 -6.73 11.84
CA ASN A 65 -8.65 -7.45 10.58
C ASN A 65 -7.65 -7.05 9.50
N GLU A 66 -6.49 -7.63 9.59
CA GLU A 66 -5.42 -7.33 8.61
C GLU A 66 -5.79 -7.86 7.23
N ALA A 67 -6.83 -8.64 7.19
CA ALA A 67 -7.27 -9.21 5.90
C ALA A 67 -7.69 -8.09 4.95
N ALA A 68 -7.99 -6.96 5.51
CA ALA A 68 -8.41 -5.83 4.68
C ALA A 68 -7.19 -5.04 4.21
N TYR A 69 -6.53 -4.42 5.13
CA TYR A 69 -5.33 -3.63 4.76
C TYR A 69 -4.47 -4.43 3.78
N LYS A 70 -4.64 -5.72 3.81
CA LYS A 70 -3.86 -6.60 2.90
C LYS A 70 -4.50 -6.64 1.53
N ALA A 71 -5.66 -7.22 1.46
CA ALA A 71 -6.37 -7.30 0.15
C ALA A 71 -6.37 -5.95 -0.55
N ARG A 72 -6.60 -4.93 0.21
CA ARG A 72 -6.61 -3.59 -0.40
C ARG A 72 -5.22 -3.22 -0.92
N TYR A 73 -4.27 -3.23 -0.03
CA TYR A 73 -2.87 -2.89 -0.45
C TYR A 73 -2.53 -3.50 -1.82
N ARG A 74 -2.40 -4.78 -1.85
CA ARG A 74 -2.06 -5.46 -3.13
C ARG A 74 -2.98 -5.01 -4.27
N ILE A 75 -4.26 -4.96 -4.01
CA ILE A 75 -5.22 -4.53 -5.08
C ILE A 75 -5.14 -3.02 -5.28
N ILE A 76 -5.64 -2.30 -4.33
CA ILE A 76 -5.63 -0.81 -4.41
C ILE A 76 -4.32 -0.30 -5.02
N TYR A 77 -3.25 -0.97 -4.71
CA TYR A 77 -1.91 -0.56 -5.26
C TYR A 77 -2.02 -0.10 -6.70
N SER A 78 -2.81 -0.80 -7.47
CA SER A 78 -2.96 -0.41 -8.89
C SER A 78 -3.69 0.91 -9.01
N ASN A 79 -4.70 1.08 -8.20
CA ASN A 79 -5.48 2.33 -8.26
C ASN A 79 -4.70 3.46 -7.59
N VAL A 80 -3.78 3.09 -6.75
CA VAL A 80 -2.97 4.11 -6.05
C VAL A 80 -1.93 4.70 -6.99
N ILE A 81 -1.37 3.85 -7.81
CA ILE A 81 -0.34 4.33 -8.75
C ILE A 81 -1.01 4.87 -10.02
N SER A 82 -2.24 4.50 -10.22
CA SER A 82 -2.95 4.97 -11.43
C SER A 82 -3.20 6.47 -11.34
N LYS A 83 -3.89 6.89 -10.32
CA LYS A 83 -4.17 8.33 -10.17
C LYS A 83 -4.29 8.72 -8.69
N ASN A 84 -5.50 8.75 -8.19
CA ASN A 84 -5.68 9.12 -6.75
C ASN A 84 -7.00 8.60 -6.20
N ASN A 85 -7.25 8.92 -4.95
CA ASN A 85 -8.50 8.48 -4.30
C ASN A 85 -8.69 6.96 -4.39
N PRO A 86 -7.85 6.26 -3.69
CA PRO A 86 -7.87 4.80 -3.65
C PRO A 86 -9.03 4.31 -2.78
N ASP A 87 -9.55 5.23 -1.98
CA ASP A 87 -10.70 4.91 -1.05
C ASP A 87 -10.19 4.53 0.33
N LEU A 88 -8.95 4.08 0.39
CA LEU A 88 -8.38 3.69 1.72
C LEU A 88 -7.57 4.84 2.32
N LYS A 89 -6.71 5.41 1.51
CA LYS A 89 -5.88 6.53 2.00
C LYS A 89 -6.66 7.85 2.02
N HIS A 90 -7.85 7.81 1.47
CA HIS A 90 -8.70 9.05 1.43
C HIS A 90 -8.50 9.92 2.67
N LYS A 91 -8.12 9.31 3.76
CA LYS A 91 -7.91 10.12 5.00
C LYS A 91 -7.02 11.32 4.69
N ILE A 92 -6.46 11.31 3.51
CA ILE A 92 -5.57 12.43 3.12
C ILE A 92 -6.39 13.57 2.54
N ALA A 93 -7.43 13.22 1.83
CA ALA A 93 -8.30 14.27 1.22
C ALA A 93 -9.12 14.97 2.29
N ASN A 94 -9.17 14.39 3.47
CA ASN A 94 -9.94 15.01 4.57
C ASN A 94 -9.06 15.23 5.79
N GLY A 95 -7.78 15.09 5.60
CA GLY A 95 -6.85 15.30 6.75
C GLY A 95 -6.37 16.74 6.79
N ASP A 96 -6.68 17.47 5.74
CA ASP A 96 -6.27 18.89 5.69
C ASP A 96 -7.06 19.73 6.68
N ILE A 97 -8.05 19.12 7.29
CA ILE A 97 -8.88 19.84 8.29
C ILE A 97 -8.44 19.52 9.71
N THR A 98 -7.35 18.81 9.83
CA THR A 98 -6.85 18.46 11.18
C THR A 98 -5.76 19.44 11.70
N PRO A 99 -5.09 20.17 10.81
CA PRO A 99 -4.06 21.12 11.21
C PRO A 99 -4.63 22.28 12.01
N GLU A 100 -4.07 23.47 11.82
CA GLU A 100 -4.56 24.67 12.55
C GLU A 100 -6.08 24.78 12.57
N PHE A 101 -6.74 23.93 11.82
CA PHE A 101 -8.23 23.97 11.80
C PHE A 101 -8.82 24.16 13.19
N LEU A 102 -8.67 23.17 14.03
CA LEU A 102 -9.23 23.28 15.41
C LEU A 102 -8.94 24.66 16.00
N ALA A 103 -8.00 25.33 15.41
CA ALA A 103 -7.65 26.69 15.91
C ALA A 103 -8.61 27.71 15.34
N THR A 104 -8.49 27.95 14.06
CA THR A 104 -9.39 28.95 13.44
C THR A 104 -9.65 28.62 11.98
N CYS A 105 -10.86 28.24 11.69
CA CYS A 105 -11.21 27.89 10.29
C CYS A 105 -11.86 29.08 9.61
N ASP A 106 -13.06 29.40 10.03
CA ASP A 106 -13.78 30.54 9.44
C ASP A 106 -13.39 31.82 10.16
N ALA A 107 -13.19 31.71 11.45
CA ALA A 107 -12.81 32.91 12.23
C ALA A 107 -11.43 33.38 11.84
N LYS A 108 -10.75 32.58 11.06
CA LYS A 108 -9.40 32.97 10.63
C LYS A 108 -9.40 34.39 10.11
N ASP A 109 -10.50 34.78 9.50
CA ASP A 109 -10.55 36.16 8.98
C ASP A 109 -10.14 37.08 10.07
N LEU A 110 -10.65 36.80 11.23
CA LEU A 110 -10.31 37.63 12.39
C LEU A 110 -10.21 36.75 13.62
N ALA A 111 -9.07 36.14 13.78
CA ALA A 111 -8.87 35.27 14.95
C ALA A 111 -9.28 35.96 16.26
N PRO A 112 -8.78 37.18 16.47
CA PRO A 112 -9.10 37.93 17.68
C PRO A 112 -10.60 38.23 17.77
N ALA A 113 -11.14 38.05 18.96
CA ALA A 113 -12.59 38.31 19.14
C ALA A 113 -13.04 37.94 20.57
N PRO A 114 -12.66 36.75 21.01
CA PRO A 114 -13.02 36.30 22.35
C PRO A 114 -12.37 37.16 23.44
N GLY A 1 7.52 -32.64 1.60
CA GLY A 1 7.67 -31.98 2.92
C GLY A 1 7.02 -30.60 2.88
N SER A 2 7.41 -29.80 1.93
CA SER A 2 6.81 -28.43 1.83
C SER A 2 6.66 -28.00 0.37
N HIS A 3 6.64 -28.96 -0.51
CA HIS A 3 6.48 -28.63 -1.95
C HIS A 3 7.45 -27.53 -2.36
N MET A 4 7.09 -26.80 -3.38
CA MET A 4 7.99 -25.71 -3.85
C MET A 4 8.53 -24.90 -2.65
N PRO A 5 9.85 -24.67 -2.62
CA PRO A 5 10.45 -23.92 -1.53
C PRO A 5 9.90 -22.50 -1.44
N ARG A 6 10.64 -21.63 -0.80
CA ARG A 6 10.17 -20.22 -0.67
C ARG A 6 10.90 -19.32 -1.66
N ASN A 7 11.36 -18.19 -1.17
CA ASN A 7 12.08 -17.25 -2.06
C ASN A 7 13.57 -17.55 -2.08
N SER A 8 14.23 -17.11 -3.12
CA SER A 8 15.68 -17.35 -3.23
C SER A 8 16.34 -16.26 -4.06
N LYS A 9 15.54 -15.40 -4.61
CA LYS A 9 16.11 -14.31 -5.45
C LYS A 9 16.36 -13.07 -4.61
N ASN A 10 15.87 -13.07 -3.40
CA ASN A 10 16.08 -11.89 -2.53
C ASN A 10 17.55 -11.49 -2.51
N ASP A 11 18.40 -12.42 -2.88
CA ASP A 11 19.85 -12.11 -2.90
C ASP A 11 20.14 -10.90 -3.78
N GLY A 12 19.15 -10.48 -4.51
CA GLY A 12 19.36 -9.31 -5.40
C GLY A 12 19.28 -8.02 -4.59
N VAL A 13 18.51 -8.05 -3.54
CA VAL A 13 18.38 -6.84 -2.71
C VAL A 13 18.10 -7.17 -1.25
N ASP A 14 19.02 -6.81 -0.40
CA ASP A 14 18.82 -7.08 1.03
C ASP A 14 18.10 -5.89 1.61
N THR A 15 17.09 -6.13 2.40
CA THR A 15 16.37 -4.98 2.98
C THR A 15 15.85 -5.29 4.37
N ALA A 16 16.67 -4.99 5.35
CA ALA A 16 16.28 -5.24 6.76
C ALA A 16 16.10 -3.91 7.48
N ILE A 17 14.89 -3.40 7.43
CA ILE A 17 14.60 -2.10 8.11
C ILE A 17 13.26 -2.15 8.82
N TYR A 18 12.24 -2.18 8.03
CA TYR A 18 10.86 -2.21 8.55
C TYR A 18 10.38 -3.63 8.86
N HIS A 19 11.22 -4.60 8.54
CA HIS A 19 10.85 -6.03 8.81
C HIS A 19 10.12 -6.23 10.14
N HIS A 20 10.09 -5.22 10.97
CA HIS A 20 9.39 -5.37 12.26
C HIS A 20 8.03 -6.06 12.09
N LYS A 21 7.06 -5.33 11.60
CA LYS A 21 5.70 -5.93 11.42
C LYS A 21 5.46 -6.34 9.96
N LEU A 22 5.23 -5.34 9.14
CA LEU A 22 4.98 -5.59 7.69
C LEU A 22 5.41 -4.38 6.88
N ARG A 23 5.71 -3.32 7.58
CA ARG A 23 6.14 -2.11 6.89
C ARG A 23 7.25 -2.43 5.94
N ASP A 24 7.74 -3.63 6.04
CA ASP A 24 8.83 -4.05 5.15
C ASP A 24 8.29 -4.61 3.86
N GLN A 25 7.42 -5.57 3.98
CA GLN A 25 6.87 -6.16 2.76
C GLN A 25 6.31 -5.06 1.92
N VAL A 26 6.09 -3.94 2.54
CA VAL A 26 5.56 -2.80 1.79
C VAL A 26 6.70 -2.08 1.10
N LEU A 27 7.63 -1.62 1.88
CA LEU A 27 8.76 -0.93 1.31
C LEU A 27 9.39 -1.79 0.23
N LYS A 28 9.20 -3.08 0.35
CA LYS A 28 9.79 -3.98 -0.67
C LYS A 28 8.80 -4.21 -1.79
N ALA A 29 7.55 -4.31 -1.43
CA ALA A 29 6.53 -4.53 -2.46
C ALA A 29 6.35 -3.28 -3.30
N LEU A 30 6.68 -2.14 -2.74
CA LEU A 30 6.53 -0.90 -3.51
C LEU A 30 7.72 -0.69 -4.42
N TYR A 31 8.89 -0.83 -3.86
CA TYR A 31 10.09 -0.66 -4.67
C TYR A 31 10.32 -1.83 -5.63
N ASP A 32 9.97 -3.01 -5.19
CA ASP A 32 10.18 -4.20 -6.08
C ASP A 32 9.08 -4.35 -7.13
N VAL A 33 7.91 -3.81 -6.87
CA VAL A 33 6.83 -3.96 -7.89
C VAL A 33 7.05 -2.97 -9.01
N LEU A 34 7.45 -1.79 -8.67
CA LEU A 34 7.67 -0.79 -9.71
C LEU A 34 9.04 -0.96 -10.35
N ALA A 35 10.02 -1.26 -9.55
CA ALA A 35 11.38 -1.44 -10.12
C ALA A 35 11.43 -2.63 -11.06
N LYS A 36 10.78 -3.69 -10.68
CA LYS A 36 10.78 -4.90 -11.54
C LYS A 36 10.52 -4.53 -13.00
N GLU A 37 9.41 -3.88 -13.22
CA GLU A 37 9.09 -3.48 -14.61
C GLU A 37 10.18 -2.63 -15.22
N SER A 38 10.33 -1.43 -14.71
CA SER A 38 11.38 -0.54 -15.25
C SER A 38 11.92 0.39 -14.17
N GLU A 39 13.17 0.71 -14.29
CA GLU A 39 13.82 1.61 -13.31
C GLU A 39 13.76 3.05 -13.80
N HIS A 40 13.26 3.21 -14.99
CA HIS A 40 13.14 4.58 -15.56
C HIS A 40 11.78 5.29 -15.34
N PRO A 41 10.76 4.60 -14.84
CA PRO A 41 9.48 5.25 -14.63
C PRO A 41 9.62 6.52 -13.76
N PRO A 42 9.16 7.66 -14.29
CA PRO A 42 9.25 8.94 -13.56
C PRO A 42 8.64 8.85 -12.17
N GLN A 43 7.69 7.98 -12.03
CA GLN A 43 7.02 7.82 -10.72
C GLN A 43 7.97 8.03 -9.54
N SER A 44 9.22 7.63 -9.69
CA SER A 44 10.19 7.81 -8.58
C SER A 44 10.02 6.71 -7.57
N ILE A 45 10.31 5.53 -8.00
CA ILE A 45 10.18 4.39 -7.10
C ILE A 45 10.79 4.69 -5.77
N LEU A 46 11.97 5.18 -5.79
CA LEU A 46 12.64 5.50 -4.52
C LEU A 46 11.83 6.52 -3.75
N HIS A 47 11.69 7.67 -4.33
CA HIS A 47 10.91 8.75 -3.67
C HIS A 47 9.44 8.40 -3.53
N THR A 48 9.03 7.32 -4.15
CA THR A 48 7.61 6.94 -4.06
C THR A 48 7.39 5.99 -2.89
N ALA A 49 7.99 4.84 -2.97
CA ALA A 49 7.82 3.88 -1.85
C ALA A 49 8.26 4.51 -0.54
N LYS A 50 9.06 5.55 -0.61
CA LYS A 50 9.52 6.19 0.65
C LYS A 50 8.38 6.91 1.33
N ALA A 51 7.56 7.56 0.56
CA ALA A 51 6.44 8.29 1.16
C ALA A 51 5.24 7.36 1.46
N ILE A 52 4.86 6.56 0.50
CA ILE A 52 3.71 5.64 0.72
C ILE A 52 3.92 4.76 1.95
N GLU A 53 5.05 4.14 2.01
CA GLU A 53 5.36 3.25 3.16
C GLU A 53 4.82 3.79 4.49
N SER A 54 4.84 5.09 4.65
CA SER A 54 4.33 5.67 5.93
C SER A 54 2.87 6.11 5.86
N GLU A 55 2.35 6.28 4.67
CA GLU A 55 0.92 6.71 4.57
C GLU A 55 -0.05 5.55 4.37
N MET A 56 0.28 4.66 3.49
CA MET A 56 -0.62 3.52 3.26
C MET A 56 -0.92 2.79 4.56
N ASN A 57 0.00 2.89 5.49
CA ASN A 57 -0.20 2.19 6.80
C ASN A 57 -0.74 3.14 7.87
N LYS A 58 -0.76 4.43 7.57
CA LYS A 58 -1.28 5.41 8.58
C LYS A 58 -2.41 4.82 9.39
N VAL A 59 -3.50 4.54 8.72
CA VAL A 59 -4.67 3.95 9.42
C VAL A 59 -4.95 2.58 8.84
N ASN A 60 -4.75 1.56 9.64
CA ASN A 60 -5.00 0.19 9.13
C ASN A 60 -5.53 -0.76 10.21
N ASN A 61 -5.89 -1.93 9.77
CA ASN A 61 -6.43 -2.96 10.71
C ASN A 61 -5.33 -3.89 11.21
N CYS A 62 -4.14 -3.71 10.68
CA CYS A 62 -2.97 -4.57 11.09
C CYS A 62 -2.97 -4.89 12.61
N ASP A 63 -3.84 -4.27 13.36
CA ASP A 63 -3.87 -4.56 14.82
C ASP A 63 -4.76 -5.76 15.14
N THR A 64 -5.82 -5.94 14.37
CA THR A 64 -6.74 -7.10 14.62
C THR A 64 -7.12 -7.81 13.32
N ASN A 65 -7.51 -7.04 12.33
CA ASN A 65 -7.91 -7.64 11.03
C ASN A 65 -6.95 -7.21 9.93
N GLU A 66 -5.77 -7.76 9.98
CA GLU A 66 -4.75 -7.41 8.97
C GLU A 66 -5.16 -7.93 7.61
N ALA A 67 -6.20 -8.71 7.59
CA ALA A 67 -6.67 -9.26 6.30
C ALA A 67 -7.20 -8.13 5.42
N ALA A 68 -7.58 -7.06 6.04
CA ALA A 68 -8.10 -5.91 5.29
C ALA A 68 -6.97 -5.06 4.73
N TYR A 69 -6.22 -4.46 5.61
CA TYR A 69 -5.09 -3.61 5.15
C TYR A 69 -4.32 -4.31 4.03
N LYS A 70 -4.28 -5.61 4.10
CA LYS A 70 -3.55 -6.37 3.05
C LYS A 70 -4.32 -6.38 1.73
N ALA A 71 -5.56 -6.75 1.81
CA ALA A 71 -6.39 -6.79 0.57
C ALA A 71 -6.37 -5.45 -0.17
N ARG A 72 -6.90 -4.45 0.47
CA ARG A 72 -6.92 -3.10 -0.17
C ARG A 72 -5.52 -2.64 -0.61
N TYR A 73 -4.55 -2.87 0.21
CA TYR A 73 -3.17 -2.45 -0.14
C TYR A 73 -2.78 -2.91 -1.56
N ARG A 74 -2.83 -4.19 -1.78
CA ARG A 74 -2.45 -4.72 -3.13
C ARG A 74 -3.51 -4.40 -4.20
N ILE A 75 -4.74 -4.68 -3.89
CA ILE A 75 -5.83 -4.40 -4.87
C ILE A 75 -5.84 -2.95 -5.33
N ILE A 76 -5.61 -2.05 -4.42
CA ILE A 76 -5.61 -0.61 -4.79
C ILE A 76 -4.21 -0.12 -5.19
N TYR A 77 -3.21 -0.94 -4.94
CA TYR A 77 -1.81 -0.54 -5.30
C TYR A 77 -1.77 0.27 -6.60
N SER A 78 -2.54 -0.16 -7.55
CA SER A 78 -2.55 0.56 -8.85
C SER A 78 -2.96 2.02 -8.68
N ASN A 79 -4.06 2.22 -8.02
CA ASN A 79 -4.54 3.60 -7.80
C ASN A 79 -3.52 4.41 -6.99
N VAL A 80 -2.87 3.77 -6.08
CA VAL A 80 -1.88 4.49 -5.25
C VAL A 80 -0.74 5.02 -6.11
N ILE A 81 -0.41 4.27 -7.13
CA ILE A 81 0.70 4.71 -8.02
C ILE A 81 0.15 5.55 -9.18
N SER A 82 -1.15 5.62 -9.26
CA SER A 82 -1.77 6.41 -10.35
C SER A 82 -1.80 7.89 -10.00
N LYS A 83 -2.44 8.21 -8.90
CA LYS A 83 -2.53 9.64 -8.47
C LYS A 83 -2.15 9.77 -7.01
N ASN A 84 -3.12 10.07 -6.17
CA ASN A 84 -2.83 10.21 -4.73
C ASN A 84 -4.09 10.08 -3.89
N ASN A 85 -3.92 10.21 -2.59
CA ASN A 85 -5.09 10.10 -1.68
C ASN A 85 -6.04 8.98 -2.10
N PRO A 86 -5.69 7.76 -1.74
CA PRO A 86 -6.49 6.60 -2.07
C PRO A 86 -7.75 6.55 -1.21
N ASP A 87 -7.74 7.29 -0.13
CA ASP A 87 -8.91 7.32 0.78
C ASP A 87 -9.26 5.93 1.25
N LEU A 88 -8.24 5.15 1.51
CA LEU A 88 -8.51 3.76 1.96
C LEU A 88 -9.54 3.77 3.09
N LYS A 89 -9.73 4.92 3.67
CA LYS A 89 -10.71 5.03 4.78
C LYS A 89 -12.12 4.67 4.31
N HIS A 90 -12.26 4.46 3.02
CA HIS A 90 -13.59 4.10 2.45
C HIS A 90 -14.40 3.25 3.42
N LYS A 91 -13.73 2.47 4.23
CA LYS A 91 -14.47 1.62 5.19
C LYS A 91 -15.45 2.47 6.01
N ILE A 92 -14.96 3.54 6.56
CA ILE A 92 -15.85 4.41 7.36
C ILE A 92 -16.96 4.99 6.51
N ALA A 93 -16.70 5.11 5.23
CA ALA A 93 -17.73 5.67 4.32
C ALA A 93 -18.54 4.55 3.67
N ASN A 94 -18.07 3.34 3.83
CA ASN A 94 -18.79 2.19 3.25
C ASN A 94 -18.70 0.97 4.16
N GLY A 95 -19.34 1.06 5.30
CA GLY A 95 -19.30 -0.08 6.25
C GLY A 95 -20.49 -1.02 6.03
N ASP A 96 -21.41 -0.61 5.20
CA ASP A 96 -22.59 -1.47 4.93
C ASP A 96 -22.27 -2.58 3.92
N ILE A 97 -21.37 -2.29 3.01
CA ILE A 97 -21.03 -3.32 1.98
C ILE A 97 -19.78 -4.11 2.38
N THR A 98 -18.93 -3.54 3.19
CA THR A 98 -17.71 -4.28 3.59
C THR A 98 -18.07 -5.61 4.26
N PRO A 99 -18.96 -5.55 5.25
CA PRO A 99 -19.37 -6.76 5.97
C PRO A 99 -20.24 -7.66 5.09
N GLU A 100 -20.29 -7.35 3.82
CA GLU A 100 -21.11 -8.17 2.90
C GLU A 100 -20.27 -9.24 2.21
N PHE A 101 -19.42 -8.81 1.32
CA PHE A 101 -18.57 -9.80 0.61
C PHE A 101 -17.45 -10.28 1.48
N LEU A 102 -16.58 -9.38 1.84
CA LEU A 102 -15.45 -9.76 2.70
C LEU A 102 -15.92 -10.64 3.85
N ALA A 103 -17.21 -10.60 4.11
CA ALA A 103 -17.77 -11.43 5.21
C ALA A 103 -18.33 -12.74 4.70
N THR A 104 -19.45 -12.65 4.03
CA THR A 104 -20.09 -13.89 3.49
C THR A 104 -20.90 -13.57 2.24
N CYS A 105 -20.79 -14.42 1.25
CA CYS A 105 -21.57 -14.16 0.00
C CYS A 105 -22.91 -14.89 0.03
N ASP A 106 -22.86 -16.19 -0.10
CA ASP A 106 -24.12 -16.97 -0.09
C ASP A 106 -24.42 -17.55 1.29
N ALA A 107 -23.39 -17.94 1.97
CA ALA A 107 -23.59 -18.52 3.32
C ALA A 107 -24.24 -17.53 4.27
N LYS A 108 -24.25 -16.29 3.90
CA LYS A 108 -24.86 -15.29 4.80
C LYS A 108 -26.35 -15.53 4.90
N ASP A 109 -26.90 -16.20 3.91
CA ASP A 109 -28.34 -16.47 3.97
C ASP A 109 -28.62 -17.37 5.13
N LEU A 110 -27.69 -18.23 5.38
CA LEU A 110 -27.83 -19.15 6.50
C LEU A 110 -26.47 -19.64 6.93
N ALA A 111 -25.83 -18.85 7.75
CA ALA A 111 -24.49 -19.23 8.23
C ALA A 111 -24.58 -20.27 9.37
N PRO A 112 -25.46 -20.01 10.33
CA PRO A 112 -25.64 -20.91 11.47
C PRO A 112 -26.32 -22.22 11.04
N ALA A 113 -26.94 -22.88 11.98
CA ALA A 113 -27.64 -24.15 11.66
C ALA A 113 -28.17 -24.82 12.94
N PRO A 114 -29.21 -24.23 13.49
CA PRO A 114 -29.83 -24.75 14.71
C PRO A 114 -30.44 -26.13 14.47
N GLY A 1 5.85 -17.51 -1.18
CA GLY A 1 4.80 -17.90 -2.15
C GLY A 1 5.43 -18.52 -3.39
N SER A 2 6.73 -18.66 -3.38
CA SER A 2 7.41 -19.25 -4.54
C SER A 2 8.74 -19.88 -4.12
N HIS A 3 9.55 -20.19 -5.09
CA HIS A 3 10.86 -20.81 -4.77
C HIS A 3 11.52 -20.11 -3.59
N MET A 4 11.86 -20.85 -2.58
CA MET A 4 12.50 -20.24 -1.41
C MET A 4 14.02 -20.18 -1.59
N PRO A 5 14.58 -21.20 -2.21
CA PRO A 5 16.03 -21.26 -2.44
C PRO A 5 16.45 -20.39 -3.61
N ARG A 6 17.68 -19.94 -3.57
CA ARG A 6 18.21 -19.08 -4.68
C ARG A 6 17.16 -18.07 -5.14
N ASN A 7 17.15 -16.92 -4.48
CA ASN A 7 16.17 -15.86 -4.86
C ASN A 7 16.90 -14.58 -5.23
N SER A 8 16.67 -14.10 -6.43
CA SER A 8 17.35 -12.86 -6.86
C SER A 8 17.14 -11.75 -5.84
N LYS A 9 18.18 -11.00 -5.58
CA LYS A 9 18.07 -9.90 -4.60
C LYS A 9 16.78 -9.10 -4.84
N ASN A 10 16.32 -9.13 -6.05
CA ASN A 10 15.07 -8.37 -6.36
C ASN A 10 13.98 -8.70 -5.35
N ASP A 11 13.51 -9.92 -5.40
CA ASP A 11 12.44 -10.32 -4.45
C ASP A 11 12.96 -10.35 -3.02
N GLY A 12 14.26 -10.20 -2.89
CA GLY A 12 14.87 -10.21 -1.53
C GLY A 12 15.74 -8.99 -1.35
N VAL A 13 15.11 -7.88 -1.13
CA VAL A 13 15.85 -6.62 -0.95
C VAL A 13 16.20 -6.40 0.51
N ASP A 14 17.28 -5.70 0.75
CA ASP A 14 17.69 -5.45 2.14
C ASP A 14 17.03 -4.18 2.65
N THR A 15 16.17 -4.34 3.62
CA THR A 15 15.48 -3.18 4.18
C THR A 15 15.16 -3.43 5.65
N ALA A 16 15.93 -2.84 6.50
CA ALA A 16 15.72 -3.01 7.96
C ALA A 16 15.48 -1.66 8.58
N ILE A 17 14.25 -1.27 8.59
CA ILE A 17 13.93 0.03 9.17
C ILE A 17 12.46 0.06 9.63
N TYR A 18 11.56 0.24 8.70
CA TYR A 18 10.12 0.28 9.07
C TYR A 18 9.57 -1.14 9.15
N HIS A 19 10.39 -2.07 8.72
CA HIS A 19 10.01 -3.52 8.73
C HIS A 19 9.34 -3.97 10.03
N HIS A 20 9.27 -3.08 10.98
CA HIS A 20 8.64 -3.43 12.31
C HIS A 20 7.53 -4.49 12.18
N LYS A 21 6.41 -4.13 11.60
CA LYS A 21 5.29 -5.13 11.46
C LYS A 21 5.30 -5.79 10.07
N LEU A 22 4.93 -5.03 9.08
CA LEU A 22 4.88 -5.58 7.69
C LEU A 22 5.18 -4.49 6.70
N ARG A 23 5.54 -3.35 7.22
CA ARG A 23 5.85 -2.23 6.32
C ARG A 23 6.95 -2.64 5.38
N ASP A 24 7.65 -3.68 5.73
CA ASP A 24 8.74 -4.14 4.85
C ASP A 24 8.12 -4.77 3.62
N GLN A 25 7.01 -5.42 3.85
CA GLN A 25 6.30 -6.08 2.74
C GLN A 25 5.73 -5.03 1.85
N VAL A 26 5.45 -3.91 2.43
CA VAL A 26 4.90 -2.83 1.63
C VAL A 26 6.03 -2.17 0.87
N LEU A 27 7.04 -1.79 1.59
CA LEU A 27 8.21 -1.15 0.94
C LEU A 27 8.78 -2.08 -0.12
N LYS A 28 8.42 -3.33 -0.01
CA LYS A 28 8.93 -4.31 -0.99
C LYS A 28 8.01 -4.36 -2.19
N ALA A 29 6.75 -4.48 -1.93
CA ALA A 29 5.79 -4.53 -3.06
C ALA A 29 5.78 -3.19 -3.79
N LEU A 30 6.18 -2.16 -3.12
CA LEU A 30 6.20 -0.82 -3.74
C LEU A 30 7.41 -0.64 -4.61
N TYR A 31 8.54 -0.90 -4.06
CA TYR A 31 9.78 -0.75 -4.83
C TYR A 31 10.01 -1.85 -5.86
N ASP A 32 9.61 -3.04 -5.54
CA ASP A 32 9.81 -4.14 -6.51
C ASP A 32 8.75 -4.19 -7.62
N VAL A 33 7.57 -3.71 -7.36
CA VAL A 33 6.55 -3.77 -8.44
C VAL A 33 6.76 -2.61 -9.41
N LEU A 34 7.19 -1.50 -8.89
CA LEU A 34 7.41 -0.34 -9.78
C LEU A 34 8.74 -0.45 -10.51
N ALA A 35 9.76 -0.80 -9.77
CA ALA A 35 11.09 -0.93 -10.38
C ALA A 35 11.08 -1.90 -11.56
N LYS A 36 10.63 -3.10 -11.30
CA LYS A 36 10.59 -4.11 -12.38
C LYS A 36 9.95 -3.58 -13.67
N GLU A 37 8.66 -3.34 -13.61
CA GLU A 37 7.96 -2.83 -14.82
C GLU A 37 8.77 -1.74 -15.54
N SER A 38 8.80 -0.57 -14.96
CA SER A 38 9.56 0.54 -15.60
C SER A 38 10.05 1.56 -14.58
N GLU A 39 11.33 1.86 -14.64
CA GLU A 39 11.90 2.82 -13.67
C GLU A 39 12.00 4.25 -14.24
N HIS A 40 11.75 4.40 -15.51
CA HIS A 40 11.84 5.78 -16.11
C HIS A 40 10.55 6.61 -15.95
N PRO A 41 9.40 6.00 -16.19
CA PRO A 41 8.12 6.72 -16.07
C PRO A 41 7.86 7.31 -14.67
N PRO A 42 8.16 6.54 -13.64
CA PRO A 42 7.95 6.99 -12.26
C PRO A 42 8.84 8.18 -11.90
N GLN A 43 8.65 8.66 -10.71
CA GLN A 43 9.47 9.82 -10.26
C GLN A 43 10.71 9.36 -9.50
N SER A 44 10.52 8.42 -8.59
CA SER A 44 11.65 7.91 -7.81
C SER A 44 11.15 6.80 -6.92
N ILE A 45 10.95 5.67 -7.53
CA ILE A 45 10.47 4.48 -6.79
C ILE A 45 11.00 4.43 -5.38
N LEU A 46 12.25 4.68 -5.22
CA LEU A 46 12.82 4.63 -3.86
C LEU A 46 12.33 5.81 -3.05
N HIS A 47 12.24 6.94 -3.67
CA HIS A 47 11.77 8.14 -2.92
C HIS A 47 10.26 8.17 -2.82
N THR A 48 9.62 7.33 -3.59
CA THR A 48 8.13 7.30 -3.55
C THR A 48 7.67 6.23 -2.59
N ALA A 49 8.23 5.05 -2.74
CA ALA A 49 7.83 3.96 -1.85
C ALA A 49 8.26 4.24 -0.41
N LYS A 50 9.30 5.03 -0.26
CA LYS A 50 9.75 5.35 1.14
C LYS A 50 8.83 6.35 1.82
N ALA A 51 8.24 7.22 1.05
CA ALA A 51 7.33 8.22 1.65
C ALA A 51 5.86 7.78 1.61
N ILE A 52 5.57 6.78 0.83
CA ILE A 52 4.17 6.30 0.75
C ILE A 52 3.87 5.23 1.78
N GLU A 53 4.81 4.36 1.97
CA GLU A 53 4.65 3.25 2.94
C GLU A 53 3.85 3.65 4.19
N SER A 54 4.12 4.81 4.72
CA SER A 54 3.37 5.25 5.95
C SER A 54 2.17 6.14 5.65
N GLU A 55 2.06 6.61 4.44
CA GLU A 55 0.90 7.49 4.12
C GLU A 55 -0.36 6.67 3.88
N MET A 56 -0.24 5.61 3.15
CA MET A 56 -1.44 4.81 2.89
C MET A 56 -1.72 3.95 4.12
N ASN A 57 -0.79 3.96 5.03
CA ASN A 57 -0.97 3.15 6.26
C ASN A 57 -1.75 3.93 7.33
N LYS A 58 -1.90 5.22 7.11
CA LYS A 58 -2.64 6.06 8.09
C LYS A 58 -3.86 5.30 8.63
N VAL A 59 -4.34 4.36 7.85
CA VAL A 59 -5.50 3.57 8.27
C VAL A 59 -5.28 2.10 7.96
N ASN A 60 -5.29 1.28 8.97
CA ASN A 60 -5.08 -0.17 8.73
C ASN A 60 -5.80 -1.02 9.76
N ASN A 61 -6.05 -2.25 9.39
CA ASN A 61 -6.75 -3.17 10.30
C ASN A 61 -5.74 -4.02 11.07
N CYS A 62 -4.48 -3.89 10.72
CA CYS A 62 -3.38 -4.66 11.39
C CYS A 62 -3.60 -4.87 12.91
N ASP A 63 -4.49 -4.13 13.50
CA ASP A 63 -4.71 -4.31 14.97
C ASP A 63 -5.77 -5.38 15.24
N THR A 64 -6.25 -5.99 14.19
CA THR A 64 -7.29 -7.04 14.36
C THR A 64 -7.21 -8.05 13.21
N ASN A 65 -7.33 -7.55 12.01
CA ASN A 65 -7.27 -8.45 10.83
C ASN A 65 -6.27 -7.90 9.81
N GLU A 66 -5.03 -8.14 10.08
CA GLU A 66 -3.96 -7.67 9.17
C GLU A 66 -4.16 -8.22 7.77
N ALA A 67 -5.07 -9.12 7.67
CA ALA A 67 -5.34 -9.73 6.36
C ALA A 67 -5.96 -8.70 5.43
N ALA A 68 -6.60 -7.73 6.02
CA ALA A 68 -7.24 -6.67 5.21
C ALA A 68 -6.23 -5.61 4.82
N TYR A 69 -5.70 -4.94 5.81
CA TYR A 69 -4.70 -3.88 5.54
C TYR A 69 -3.73 -4.32 4.45
N LYS A 70 -3.25 -5.52 4.56
CA LYS A 70 -2.30 -6.04 3.55
C LYS A 70 -3.01 -6.31 2.24
N ALA A 71 -4.16 -6.92 2.32
CA ALA A 71 -4.92 -7.22 1.08
C ALA A 71 -5.23 -5.95 0.30
N ARG A 72 -6.03 -5.11 0.89
CA ARG A 72 -6.39 -3.84 0.19
C ARG A 72 -5.14 -3.16 -0.38
N TYR A 73 -4.16 -2.98 0.46
CA TYR A 73 -2.90 -2.33 0.01
C TYR A 73 -2.48 -2.82 -1.39
N ARG A 74 -2.16 -4.09 -1.47
CA ARG A 74 -1.73 -4.66 -2.79
C ARG A 74 -2.85 -4.66 -3.83
N ILE A 75 -4.07 -4.46 -3.40
CA ILE A 75 -5.19 -4.45 -4.38
C ILE A 75 -5.34 -3.09 -5.05
N ILE A 76 -5.62 -2.09 -4.26
CA ILE A 76 -5.78 -0.73 -4.84
C ILE A 76 -4.44 -0.16 -5.28
N TYR A 77 -3.38 -0.85 -4.93
CA TYR A 77 -2.02 -0.38 -5.31
C TYR A 77 -2.00 0.31 -6.67
N SER A 78 -2.68 -0.27 -7.62
CA SER A 78 -2.70 0.35 -8.97
C SER A 78 -3.16 1.80 -8.91
N ASN A 79 -4.29 2.02 -8.34
CA ASN A 79 -4.82 3.41 -8.25
C ASN A 79 -4.01 4.23 -7.25
N VAL A 80 -3.23 3.57 -6.43
CA VAL A 80 -2.44 4.32 -5.44
C VAL A 80 -1.22 4.95 -6.11
N ILE A 81 -0.68 4.26 -7.08
CA ILE A 81 0.51 4.83 -7.79
C ILE A 81 0.10 6.00 -8.67
N SER A 82 -1.19 6.22 -8.77
CA SER A 82 -1.66 7.35 -9.61
C SER A 82 -1.24 8.67 -9.00
N LYS A 83 -1.84 9.02 -7.89
CA LYS A 83 -1.50 10.30 -7.23
C LYS A 83 -2.23 10.44 -5.89
N ASN A 84 -3.51 10.17 -5.91
CA ASN A 84 -4.30 10.29 -4.66
C ASN A 84 -4.03 9.11 -3.72
N ASN A 85 -4.79 9.05 -2.65
CA ASN A 85 -4.61 7.96 -1.67
C ASN A 85 -5.59 6.82 -1.93
N PRO A 86 -5.21 5.62 -1.53
CA PRO A 86 -6.06 4.46 -1.73
C PRO A 86 -7.38 4.67 -1.02
N ASP A 87 -7.41 5.69 -0.21
CA ASP A 87 -8.64 5.98 0.55
C ASP A 87 -9.02 4.80 1.41
N LEU A 88 -8.03 4.09 1.88
CA LEU A 88 -8.33 2.91 2.74
C LEU A 88 -9.33 3.28 3.83
N LYS A 89 -9.57 4.55 3.98
CA LYS A 89 -10.54 5.00 5.01
C LYS A 89 -11.97 4.65 4.62
N HIS A 90 -12.26 4.81 3.35
CA HIS A 90 -13.63 4.50 2.87
C HIS A 90 -13.75 3.02 2.51
N LYS A 91 -12.82 2.56 1.73
CA LYS A 91 -12.87 1.13 1.34
C LYS A 91 -12.99 0.25 2.57
N ILE A 92 -12.71 0.81 3.70
CA ILE A 92 -12.80 0.03 4.95
C ILE A 92 -14.25 -0.41 5.18
N ALA A 93 -15.15 0.51 4.98
CA ALA A 93 -16.58 0.17 5.17
C ALA A 93 -17.06 -0.78 4.09
N ASN A 94 -16.43 -0.71 2.95
CA ASN A 94 -16.82 -1.60 1.82
C ASN A 94 -17.11 -3.02 2.31
N GLY A 95 -16.16 -3.59 2.99
CA GLY A 95 -16.36 -4.99 3.50
C GLY A 95 -16.94 -5.01 4.91
N ASP A 96 -16.70 -3.96 5.66
CA ASP A 96 -17.23 -3.92 7.05
C ASP A 96 -18.70 -3.49 7.06
N ILE A 97 -19.20 -3.09 5.92
CA ILE A 97 -20.63 -2.66 5.88
C ILE A 97 -21.56 -3.83 5.60
N THR A 98 -21.02 -4.92 5.12
CA THR A 98 -21.87 -6.09 4.84
C THR A 98 -22.62 -6.56 6.09
N PRO A 99 -21.88 -6.73 7.18
CA PRO A 99 -22.48 -7.17 8.45
C PRO A 99 -23.29 -6.05 9.11
N GLU A 100 -23.48 -4.98 8.39
CA GLU A 100 -24.26 -3.85 8.97
C GLU A 100 -25.74 -3.96 8.63
N PHE A 101 -26.07 -3.76 7.37
CA PHE A 101 -27.50 -3.86 6.96
C PHE A 101 -27.96 -5.29 6.95
N LEU A 102 -27.34 -6.08 6.13
CA LEU A 102 -27.73 -7.50 6.04
C LEU A 102 -27.83 -8.15 7.42
N ALA A 103 -27.39 -7.43 8.42
CA ALA A 103 -27.46 -7.98 9.80
C ALA A 103 -28.82 -8.63 10.06
N THR A 104 -29.85 -8.08 9.48
CA THR A 104 -31.20 -8.66 9.69
C THR A 104 -32.04 -8.52 8.43
N CYS A 105 -31.90 -7.40 7.77
CA CYS A 105 -32.69 -7.19 6.52
C CYS A 105 -32.67 -8.43 5.65
N ASP A 106 -31.52 -9.06 5.57
CA ASP A 106 -31.42 -10.28 4.73
C ASP A 106 -31.75 -11.52 5.53
N ALA A 107 -31.11 -11.66 6.66
CA ALA A 107 -31.39 -12.86 7.49
C ALA A 107 -32.86 -12.90 7.87
N LYS A 108 -33.54 -11.82 7.61
CA LYS A 108 -34.98 -11.79 7.94
C LYS A 108 -35.76 -12.71 7.02
N ASP A 109 -35.17 -13.00 5.89
CA ASP A 109 -35.86 -13.89 4.94
C ASP A 109 -36.01 -15.22 5.61
N LEU A 110 -35.06 -15.53 6.43
CA LEU A 110 -35.08 -16.78 7.16
C LEU A 110 -34.30 -16.62 8.44
N ALA A 111 -34.95 -16.09 9.43
CA ALA A 111 -34.28 -15.90 10.74
C ALA A 111 -34.04 -17.22 11.47
N PRO A 112 -35.08 -18.03 11.58
CA PRO A 112 -34.98 -19.32 12.26
C PRO A 112 -33.97 -20.24 11.56
N ALA A 113 -33.51 -21.25 12.26
CA ALA A 113 -32.53 -22.18 11.65
C ALA A 113 -32.28 -23.38 12.56
N PRO A 114 -33.30 -24.18 12.72
CA PRO A 114 -33.22 -25.38 13.56
C PRO A 114 -32.19 -26.37 13.01
N GLY A 1 15.20 -23.17 -7.03
CA GLY A 1 14.44 -23.69 -5.88
C GLY A 1 15.09 -23.24 -4.57
N SER A 2 14.29 -22.70 -3.69
CA SER A 2 14.84 -22.22 -2.39
C SER A 2 13.72 -21.89 -1.41
N HIS A 3 13.45 -22.81 -0.52
CA HIS A 3 12.37 -22.57 0.47
C HIS A 3 12.91 -21.81 1.68
N MET A 4 12.19 -21.88 2.77
CA MET A 4 12.66 -21.17 3.98
C MET A 4 13.01 -19.73 3.64
N PRO A 5 12.00 -18.96 3.34
CA PRO A 5 12.18 -17.55 3.00
C PRO A 5 12.77 -16.75 4.16
N ARG A 6 13.32 -17.45 5.11
CA ARG A 6 13.92 -16.75 6.27
C ARG A 6 14.89 -15.67 5.82
N ASN A 7 15.15 -15.65 4.53
CA ASN A 7 16.09 -14.62 3.99
C ASN A 7 15.39 -13.73 2.98
N SER A 8 16.16 -12.98 2.22
CA SER A 8 15.55 -12.08 1.22
C SER A 8 16.62 -11.33 0.43
N LYS A 9 17.82 -11.33 0.94
CA LYS A 9 18.91 -10.62 0.23
C LYS A 9 19.19 -11.26 -1.13
N ASN A 10 19.10 -12.56 -1.19
CA ASN A 10 19.35 -13.25 -2.48
C ASN A 10 18.54 -12.62 -3.61
N ASP A 11 17.35 -12.18 -3.30
CA ASP A 11 16.51 -11.56 -4.35
C ASP A 11 17.30 -10.54 -5.15
N GLY A 12 18.27 -9.93 -4.49
CA GLY A 12 19.10 -8.90 -5.20
C GLY A 12 18.92 -7.52 -4.54
N VAL A 13 18.23 -7.50 -3.45
CA VAL A 13 18.00 -6.20 -2.76
C VAL A 13 17.98 -6.38 -1.25
N ASP A 14 18.79 -5.61 -0.57
CA ASP A 14 18.82 -5.73 0.90
C ASP A 14 17.78 -4.79 1.50
N THR A 15 16.77 -5.37 2.09
CA THR A 15 15.71 -4.54 2.69
C THR A 15 15.17 -5.17 3.97
N ALA A 16 15.78 -4.84 5.08
CA ALA A 16 15.31 -5.41 6.36
C ALA A 16 15.44 -4.38 7.48
N ILE A 17 14.40 -3.61 7.67
CA ILE A 17 14.43 -2.59 8.73
C ILE A 17 13.04 -2.43 9.36
N TYR A 18 12.18 -1.64 8.74
CA TYR A 18 10.82 -1.46 9.32
C TYR A 18 10.18 -2.82 9.55
N HIS A 19 10.88 -3.85 9.11
CA HIS A 19 10.39 -5.26 9.25
C HIS A 19 9.70 -5.54 10.58
N HIS A 20 9.73 -4.59 11.48
CA HIS A 20 9.06 -4.81 12.79
C HIS A 20 7.80 -5.69 12.64
N LYS A 21 6.75 -5.12 12.08
CA LYS A 21 5.50 -5.93 11.90
C LYS A 21 5.39 -6.46 10.47
N LEU A 22 5.08 -5.58 9.56
CA LEU A 22 4.94 -5.96 8.12
C LEU A 22 5.23 -4.77 7.23
N ARG A 23 5.69 -3.72 7.83
CA ARG A 23 6.00 -2.51 7.06
C ARG A 23 7.07 -2.78 6.02
N ASP A 24 8.03 -3.57 6.37
CA ASP A 24 9.09 -3.87 5.39
C ASP A 24 8.49 -4.50 4.16
N GLN A 25 7.49 -5.31 4.38
CA GLN A 25 6.85 -5.97 3.24
C GLN A 25 6.16 -4.95 2.39
N VAL A 26 5.80 -3.88 3.01
CA VAL A 26 5.12 -2.82 2.25
C VAL A 26 6.14 -2.03 1.46
N LEU A 27 7.09 -1.46 2.15
CA LEU A 27 8.12 -0.68 1.43
C LEU A 27 8.79 -1.57 0.40
N LYS A 28 8.69 -2.86 0.63
CA LYS A 28 9.32 -3.81 -0.32
C LYS A 28 8.35 -4.09 -1.45
N ALA A 29 7.12 -4.27 -1.10
CA ALA A 29 6.12 -4.55 -2.14
C ALA A 29 6.01 -3.38 -3.10
N LEU A 30 6.14 -2.19 -2.57
CA LEU A 30 6.04 -1.01 -3.44
C LEU A 30 7.29 -0.85 -4.28
N TYR A 31 8.40 -1.18 -3.70
CA TYR A 31 9.68 -1.05 -4.45
C TYR A 31 9.86 -2.16 -5.49
N ASP A 32 9.65 -3.38 -5.08
CA ASP A 32 9.82 -4.51 -6.03
C ASP A 32 8.69 -4.61 -7.05
N VAL A 33 7.56 -4.02 -6.75
CA VAL A 33 6.45 -4.10 -7.73
C VAL A 33 6.65 -3.05 -8.80
N LEU A 34 7.20 -1.94 -8.42
CA LEU A 34 7.43 -0.87 -9.41
C LEU A 34 8.70 -1.14 -10.20
N ALA A 35 9.73 -1.54 -9.49
CA ALA A 35 11.00 -1.82 -10.18
C ALA A 35 10.81 -2.87 -11.27
N LYS A 36 10.37 -4.03 -10.87
CA LYS A 36 10.14 -5.11 -11.87
C LYS A 36 9.48 -4.56 -13.12
N GLU A 37 8.31 -4.02 -12.95
CA GLU A 37 7.59 -3.45 -14.11
C GLU A 37 8.46 -2.45 -14.86
N SER A 38 9.13 -1.62 -14.12
CA SER A 38 10.01 -0.61 -14.77
C SER A 38 11.32 -0.46 -14.00
N GLU A 39 12.34 -1.11 -14.49
CA GLU A 39 13.66 -1.01 -13.81
C GLU A 39 14.48 0.11 -14.45
N HIS A 40 14.33 0.25 -15.75
CA HIS A 40 15.09 1.32 -16.47
C HIS A 40 14.23 2.59 -16.60
N PRO A 41 12.92 2.39 -16.76
CA PRO A 41 11.97 3.51 -16.90
C PRO A 41 11.18 3.90 -15.59
N PRO A 42 11.68 3.57 -14.38
CA PRO A 42 10.96 3.92 -13.15
C PRO A 42 10.73 5.43 -13.03
N GLN A 43 9.64 5.80 -12.40
CA GLN A 43 9.35 7.24 -12.24
C GLN A 43 9.98 7.80 -10.98
N SER A 44 9.93 7.03 -9.93
CA SER A 44 10.51 7.50 -8.65
C SER A 44 10.24 6.47 -7.56
N ILE A 45 10.55 5.25 -7.86
CA ILE A 45 10.33 4.16 -6.88
C ILE A 45 10.81 4.55 -5.50
N LEU A 46 12.01 5.00 -5.43
CA LEU A 46 12.54 5.38 -4.11
C LEU A 46 11.65 6.43 -3.48
N HIS A 47 11.56 7.55 -4.12
CA HIS A 47 10.73 8.64 -3.58
C HIS A 47 9.23 8.31 -3.61
N THR A 48 8.89 7.23 -4.27
CA THR A 48 7.46 6.86 -4.34
C THR A 48 7.08 5.93 -3.21
N ALA A 49 7.71 4.78 -3.20
CA ALA A 49 7.40 3.82 -2.13
C ALA A 49 7.73 4.41 -0.77
N LYS A 50 8.62 5.38 -0.75
CA LYS A 50 8.99 5.99 0.55
C LYS A 50 7.85 6.84 1.08
N ALA A 51 7.31 7.65 0.22
CA ALA A 51 6.20 8.50 0.66
C ALA A 51 4.91 7.71 0.84
N ILE A 52 4.87 6.53 0.27
CA ILE A 52 3.64 5.70 0.39
C ILE A 52 3.73 4.71 1.55
N GLU A 53 4.71 3.84 1.48
CA GLU A 53 4.87 2.85 2.56
C GLU A 53 4.83 3.51 3.95
N SER A 54 4.84 4.81 3.97
CA SER A 54 4.80 5.52 5.28
C SER A 54 3.38 5.93 5.69
N GLU A 55 2.52 6.13 4.72
CA GLU A 55 1.13 6.53 5.07
C GLU A 55 0.17 5.34 5.16
N MET A 56 0.16 4.53 4.16
CA MET A 56 -0.76 3.36 4.20
C MET A 56 -0.71 2.67 5.56
N ASN A 57 0.39 2.81 6.23
CA ASN A 57 0.51 2.16 7.58
C ASN A 57 0.05 3.09 8.70
N LYS A 58 0.12 4.38 8.45
CA LYS A 58 -0.31 5.36 9.48
C LYS A 58 -1.52 4.87 10.25
N VAL A 59 -2.61 4.70 9.54
CA VAL A 59 -3.86 4.23 10.20
C VAL A 59 -4.49 3.11 9.37
N ASN A 60 -4.42 1.90 9.88
CA ASN A 60 -5.02 0.76 9.14
C ASN A 60 -5.59 -0.29 10.08
N ASN A 61 -5.86 -1.44 9.54
CA ASN A 61 -6.42 -2.53 10.37
C ASN A 61 -5.34 -3.49 10.87
N CYS A 62 -4.14 -3.32 10.40
CA CYS A 62 -3.01 -4.21 10.84
C CYS A 62 -3.14 -4.65 12.31
N ASP A 63 -3.79 -3.87 13.11
CA ASP A 63 -3.93 -4.25 14.55
C ASP A 63 -5.19 -5.09 14.79
N THR A 64 -5.75 -5.60 13.73
CA THR A 64 -6.97 -6.42 13.86
C THR A 64 -7.08 -7.41 12.72
N ASN A 65 -7.34 -6.89 11.54
CA ASN A 65 -7.47 -7.75 10.34
C ASN A 65 -6.44 -7.34 9.29
N GLU A 66 -5.22 -7.74 9.52
CA GLU A 66 -4.15 -7.40 8.56
C GLU A 66 -4.49 -7.95 7.19
N ALA A 67 -5.50 -8.76 7.14
CA ALA A 67 -5.91 -9.35 5.86
C ALA A 67 -6.48 -8.27 4.95
N ALA A 68 -7.06 -7.27 5.56
CA ALA A 68 -7.65 -6.18 4.76
C ALA A 68 -6.55 -5.23 4.27
N TYR A 69 -5.88 -4.61 5.21
CA TYR A 69 -4.80 -3.67 4.82
C TYR A 69 -3.92 -4.28 3.73
N LYS A 70 -3.77 -5.58 3.78
CA LYS A 70 -2.93 -6.25 2.75
C LYS A 70 -3.62 -6.24 1.39
N ALA A 71 -4.81 -6.76 1.35
CA ALA A 71 -5.55 -6.80 0.07
C ALA A 71 -5.71 -5.39 -0.49
N ARG A 72 -6.25 -4.51 0.29
CA ARG A 72 -6.43 -3.12 -0.19
C ARG A 72 -5.14 -2.57 -0.77
N TYR A 73 -4.08 -2.70 -0.05
CA TYR A 73 -2.79 -2.19 -0.55
C TYR A 73 -2.53 -2.64 -1.98
N ARG A 74 -2.26 -3.90 -2.15
CA ARG A 74 -1.98 -4.44 -3.51
C ARG A 74 -3.08 -4.06 -4.51
N ILE A 75 -4.26 -4.50 -4.26
CA ILE A 75 -5.39 -4.20 -5.18
C ILE A 75 -5.40 -2.74 -5.64
N ILE A 76 -5.45 -1.85 -4.71
CA ILE A 76 -5.47 -0.41 -5.07
C ILE A 76 -4.06 0.18 -5.30
N TYR A 77 -3.04 -0.57 -4.98
CA TYR A 77 -1.66 -0.03 -5.19
C TYR A 77 -1.54 0.61 -6.57
N SER A 78 -2.30 0.12 -7.51
CA SER A 78 -2.22 0.69 -8.87
C SER A 78 -2.76 2.11 -8.89
N ASN A 79 -3.95 2.28 -8.39
CA ASN A 79 -4.54 3.64 -8.37
C ASN A 79 -3.71 4.57 -7.50
N VAL A 80 -3.03 4.00 -6.54
CA VAL A 80 -2.20 4.84 -5.66
C VAL A 80 -1.06 5.46 -6.47
N ILE A 81 -0.47 4.68 -7.33
CA ILE A 81 0.64 5.20 -8.14
C ILE A 81 0.11 6.16 -9.20
N SER A 82 -1.18 6.10 -9.43
CA SER A 82 -1.80 7.00 -10.44
C SER A 82 -2.38 8.25 -9.80
N LYS A 83 -3.40 8.07 -8.98
CA LYS A 83 -4.03 9.24 -8.31
C LYS A 83 -3.85 9.21 -6.79
N ASN A 84 -4.89 8.85 -6.06
CA ASN A 84 -4.76 8.79 -4.57
C ASN A 84 -5.61 7.69 -3.94
N ASN A 85 -5.52 7.60 -2.63
CA ASN A 85 -6.31 6.56 -1.87
C ASN A 85 -7.70 7.09 -1.51
N PRO A 86 -8.75 6.40 -1.94
CA PRO A 86 -10.10 6.83 -1.63
C PRO A 86 -10.37 6.83 -0.13
N ASP A 87 -9.84 5.85 0.55
CA ASP A 87 -10.06 5.76 2.05
C ASP A 87 -9.83 4.34 2.55
N LEU A 88 -8.98 3.64 1.88
CA LEU A 88 -8.69 2.23 2.30
C LEU A 88 -8.47 2.11 3.81
N LYS A 89 -8.36 3.23 4.48
CA LYS A 89 -8.13 3.18 5.95
C LYS A 89 -9.42 2.90 6.75
N HIS A 90 -10.46 3.66 6.48
CA HIS A 90 -11.74 3.44 7.22
C HIS A 90 -12.71 2.53 6.46
N LYS A 91 -12.52 2.39 5.19
CA LYS A 91 -13.44 1.51 4.41
C LYS A 91 -13.61 0.15 5.05
N ILE A 92 -12.70 -0.22 5.90
CA ILE A 92 -12.81 -1.55 6.55
C ILE A 92 -13.65 -1.47 7.82
N ALA A 93 -13.71 -0.30 8.41
CA ALA A 93 -14.50 -0.14 9.65
C ALA A 93 -15.98 0.11 9.34
N ASN A 94 -16.25 0.63 8.18
CA ASN A 94 -17.68 0.90 7.82
C ASN A 94 -18.43 -0.41 7.51
N GLY A 95 -17.70 -1.46 7.30
CA GLY A 95 -18.35 -2.77 6.98
C GLY A 95 -18.97 -3.40 8.24
N ASP A 96 -18.70 -2.84 9.37
CA ASP A 96 -19.27 -3.40 10.63
C ASP A 96 -20.78 -3.69 10.53
N ILE A 97 -21.39 -3.26 9.45
CA ILE A 97 -22.86 -3.51 9.29
C ILE A 97 -23.18 -4.83 8.58
N THR A 98 -22.17 -5.58 8.22
CA THR A 98 -22.43 -6.88 7.52
C THR A 98 -22.45 -8.08 8.48
N PRO A 99 -21.55 -8.07 9.45
CA PRO A 99 -21.47 -9.17 10.43
C PRO A 99 -22.75 -9.34 11.26
N GLU A 100 -22.57 -9.74 12.49
CA GLU A 100 -23.73 -9.96 13.41
C GLU A 100 -24.75 -8.82 13.34
N PHE A 101 -24.40 -7.76 12.67
CA PHE A 101 -25.34 -6.61 12.56
C PHE A 101 -26.73 -7.06 12.10
N LEU A 102 -26.82 -8.26 11.59
CA LEU A 102 -28.14 -8.75 11.12
C LEU A 102 -29.03 -9.21 12.29
N ALA A 103 -28.45 -9.26 13.46
CA ALA A 103 -29.23 -9.70 14.64
C ALA A 103 -30.02 -8.53 15.22
N THR A 104 -29.33 -7.62 15.83
CA THR A 104 -30.03 -6.46 16.41
C THR A 104 -29.14 -5.23 16.40
N CYS A 105 -29.37 -4.38 15.47
CA CYS A 105 -28.56 -3.14 15.37
C CYS A 105 -29.28 -1.98 16.06
N ASP A 106 -30.40 -1.59 15.50
CA ASP A 106 -31.17 -0.48 16.11
C ASP A 106 -32.16 -1.00 17.14
N ALA A 107 -32.67 -2.17 16.91
CA ALA A 107 -33.65 -2.74 17.87
C ALA A 107 -32.96 -3.11 19.17
N LYS A 108 -31.65 -3.07 19.15
CA LYS A 108 -30.91 -3.41 20.38
C LYS A 108 -31.42 -2.60 21.55
N ASP A 109 -31.92 -1.41 21.28
CA ASP A 109 -32.43 -0.59 22.40
C ASP A 109 -33.37 -1.45 23.19
N LEU A 110 -34.12 -2.22 22.48
CA LEU A 110 -35.07 -3.11 23.12
C LEU A 110 -35.14 -4.40 22.32
N ALA A 111 -34.20 -5.26 22.58
CA ALA A 111 -34.16 -6.55 21.86
C ALA A 111 -34.86 -7.70 22.64
N PRO A 112 -34.97 -7.58 23.96
CA PRO A 112 -35.61 -8.63 24.75
C PRO A 112 -37.06 -8.85 24.35
N ALA A 113 -37.29 -9.90 23.62
CA ALA A 113 -38.68 -10.19 23.18
C ALA A 113 -38.79 -11.62 22.63
N PRO A 114 -38.56 -12.57 23.49
CA PRO A 114 -38.63 -13.99 23.13
C PRO A 114 -40.03 -14.36 22.64
N GLY A 1 43.61 -8.58 1.04
CA GLY A 1 43.35 -8.07 -0.33
C GLY A 1 42.19 -8.85 -0.97
N SER A 2 42.37 -9.22 -2.21
CA SER A 2 41.31 -9.98 -2.91
C SER A 2 39.98 -9.24 -2.82
N HIS A 3 39.72 -8.40 -3.79
CA HIS A 3 38.46 -7.64 -3.77
C HIS A 3 37.26 -8.56 -4.03
N MET A 4 36.24 -8.40 -3.23
CA MET A 4 35.03 -9.24 -3.40
C MET A 4 33.77 -8.39 -3.28
N PRO A 5 33.65 -7.44 -4.17
CA PRO A 5 32.50 -6.53 -4.19
C PRO A 5 31.19 -7.29 -4.41
N ARG A 6 30.11 -6.55 -4.48
CA ARG A 6 28.80 -7.21 -4.69
C ARG A 6 27.73 -6.16 -4.97
N ASN A 7 26.73 -6.56 -5.71
CA ASN A 7 25.64 -5.60 -6.03
C ASN A 7 24.30 -6.30 -6.06
N SER A 8 23.61 -6.20 -7.17
CA SER A 8 22.29 -6.86 -7.26
C SER A 8 21.29 -6.23 -6.29
N LYS A 9 21.38 -4.94 -6.15
CA LYS A 9 20.44 -4.25 -5.21
C LYS A 9 19.05 -4.13 -5.83
N ASN A 10 18.97 -4.39 -7.10
CA ASN A 10 17.65 -4.29 -7.78
C ASN A 10 16.90 -5.62 -7.72
N ASP A 11 17.45 -6.62 -8.37
CA ASP A 11 16.79 -7.95 -8.35
C ASP A 11 17.11 -8.70 -7.06
N GLY A 12 18.04 -8.17 -6.30
CA GLY A 12 18.42 -8.84 -5.02
C GLY A 12 18.57 -7.81 -3.91
N VAL A 13 17.47 -7.21 -3.52
CA VAL A 13 17.53 -6.19 -2.46
C VAL A 13 17.35 -6.82 -1.08
N ASP A 14 18.24 -6.50 -0.18
CA ASP A 14 18.12 -7.06 1.17
C ASP A 14 17.25 -6.17 2.03
N THR A 15 16.14 -6.68 2.48
CA THR A 15 15.25 -5.86 3.31
C THR A 15 14.50 -6.72 4.32
N ALA A 16 15.10 -6.88 5.48
CA ALA A 16 14.44 -7.69 6.54
C ALA A 16 14.59 -7.05 7.91
N ILE A 17 13.66 -6.19 8.22
CA ILE A 17 13.71 -5.51 9.53
C ILE A 17 12.29 -5.17 10.00
N TYR A 18 11.63 -4.35 9.25
CA TYR A 18 10.24 -3.96 9.62
C TYR A 18 9.32 -5.16 9.47
N HIS A 19 9.87 -6.22 8.92
CA HIS A 19 9.08 -7.47 8.72
C HIS A 19 8.20 -7.83 9.91
N HIS A 20 8.36 -7.11 11.00
CA HIS A 20 7.53 -7.41 12.21
C HIS A 20 6.12 -7.86 11.81
N LYS A 21 5.33 -6.93 11.32
CA LYS A 21 3.95 -7.32 10.91
C LYS A 21 3.87 -7.56 9.40
N LEU A 22 3.90 -6.49 8.65
CA LEU A 22 3.84 -6.61 7.18
C LEU A 22 4.48 -5.39 6.51
N ARG A 23 5.12 -4.59 7.30
CA ARG A 23 5.76 -3.39 6.75
C ARG A 23 6.81 -3.78 5.71
N ASP A 24 7.35 -4.95 5.86
CA ASP A 24 8.37 -5.37 4.89
C ASP A 24 7.73 -5.73 3.57
N GLN A 25 6.54 -6.27 3.63
CA GLN A 25 5.85 -6.63 2.40
C GLN A 25 5.41 -5.40 1.68
N VAL A 26 5.26 -4.35 2.42
CA VAL A 26 4.84 -3.08 1.80
C VAL A 26 6.02 -2.40 1.14
N LEU A 27 7.03 -2.13 1.90
CA LEU A 27 8.20 -1.46 1.30
C LEU A 27 8.82 -2.36 0.25
N LYS A 28 8.47 -3.62 0.28
CA LYS A 28 9.04 -4.57 -0.70
C LYS A 28 8.18 -4.58 -1.95
N ALA A 29 6.90 -4.61 -1.75
CA ALA A 29 6.01 -4.63 -2.92
C ALA A 29 6.00 -3.26 -3.60
N LEU A 30 6.31 -2.25 -2.85
CA LEU A 30 6.33 -0.90 -3.45
C LEU A 30 7.61 -0.66 -4.23
N TYR A 31 8.69 -1.13 -3.69
CA TYR A 31 9.98 -0.95 -4.39
C TYR A 31 10.13 -1.87 -5.61
N ASP A 32 9.89 -3.14 -5.40
CA ASP A 32 10.02 -4.09 -6.54
C ASP A 32 8.92 -3.94 -7.61
N VAL A 33 7.76 -3.50 -7.22
CA VAL A 33 6.69 -3.35 -8.26
C VAL A 33 6.81 -2.03 -8.99
N LEU A 34 7.26 -1.02 -8.30
CA LEU A 34 7.39 0.30 -8.98
C LEU A 34 8.68 0.34 -9.78
N ALA A 35 9.59 -0.56 -9.47
CA ALA A 35 10.88 -0.56 -10.21
C ALA A 35 10.78 -1.42 -11.47
N LYS A 36 10.49 -2.68 -11.28
CA LYS A 36 10.38 -3.59 -12.45
C LYS A 36 9.39 -3.06 -13.48
N GLU A 37 8.23 -2.67 -13.00
CA GLU A 37 7.19 -2.13 -13.92
C GLU A 37 7.80 -1.25 -15.00
N SER A 38 8.38 -0.15 -14.61
CA SER A 38 9.00 0.76 -15.60
C SER A 38 10.24 1.42 -15.03
N GLU A 39 11.33 1.27 -15.75
CA GLU A 39 12.61 1.87 -15.28
C GLU A 39 12.89 3.23 -15.92
N HIS A 40 12.15 3.58 -16.97
CA HIS A 40 12.41 4.90 -17.62
C HIS A 40 11.48 6.01 -17.10
N PRO A 41 10.19 5.70 -16.95
CA PRO A 41 9.22 6.69 -16.46
C PRO A 41 8.93 6.68 -14.90
N PRO A 42 9.80 6.09 -14.05
CA PRO A 42 9.52 6.09 -12.62
C PRO A 42 9.71 7.48 -12.02
N GLN A 43 8.91 7.79 -11.04
CA GLN A 43 9.03 9.11 -10.40
C GLN A 43 10.16 9.09 -9.37
N SER A 44 10.34 7.94 -8.77
CA SER A 44 11.40 7.79 -7.74
C SER A 44 11.08 6.61 -6.85
N ILE A 45 11.44 5.43 -7.29
CA ILE A 45 11.14 4.24 -6.46
C ILE A 45 11.46 4.51 -5.00
N LEU A 46 12.55 5.16 -4.77
CA LEU A 46 12.93 5.44 -3.38
C LEU A 46 11.98 6.45 -2.76
N HIS A 47 11.79 7.54 -3.44
CA HIS A 47 10.87 8.58 -2.93
C HIS A 47 9.41 8.20 -3.13
N THR A 48 9.18 7.14 -3.83
CA THR A 48 7.78 6.71 -4.07
C THR A 48 7.34 5.77 -2.96
N ALA A 49 8.00 4.66 -2.86
CA ALA A 49 7.62 3.71 -1.81
C ALA A 49 7.82 4.34 -0.45
N LYS A 50 8.70 5.32 -0.38
CA LYS A 50 8.93 5.97 0.94
C LYS A 50 7.75 6.82 1.37
N ALA A 51 7.08 7.41 0.40
CA ALA A 51 5.91 8.25 0.74
C ALA A 51 4.61 7.46 0.69
N ILE A 52 4.49 6.59 -0.25
CA ILE A 52 3.24 5.78 -0.35
C ILE A 52 3.06 4.90 0.88
N GLU A 53 4.09 4.22 1.28
CA GLU A 53 3.98 3.35 2.47
C GLU A 53 3.77 4.14 3.75
N SER A 54 4.70 5.01 4.03
CA SER A 54 4.59 5.85 5.25
C SER A 54 3.18 6.40 5.45
N GLU A 55 2.37 6.32 4.42
CA GLU A 55 0.98 6.84 4.55
C GLU A 55 -0.01 5.75 4.92
N MET A 56 -0.29 4.89 4.00
CA MET A 56 -1.24 3.80 4.30
C MET A 56 -0.73 2.93 5.44
N ASN A 57 0.49 3.16 5.83
CA ASN A 57 1.06 2.35 6.94
C ASN A 57 0.95 3.09 8.28
N LYS A 58 0.57 4.33 8.24
CA LYS A 58 0.45 5.10 9.51
C LYS A 58 -0.37 4.31 10.54
N VAL A 59 -1.64 4.19 10.31
CA VAL A 59 -2.50 3.45 11.27
C VAL A 59 -3.80 3.02 10.62
N ASN A 60 -4.07 1.74 10.65
CA ASN A 60 -5.32 1.25 10.03
C ASN A 60 -5.83 -0.01 10.72
N ASN A 61 -6.45 -0.86 9.94
CA ASN A 61 -6.99 -2.11 10.51
C ASN A 61 -5.86 -3.00 11.01
N CYS A 62 -4.66 -2.60 10.75
CA CYS A 62 -3.50 -3.42 11.21
C CYS A 62 -3.59 -3.71 12.71
N ASP A 63 -4.51 -3.06 13.39
CA ASP A 63 -4.64 -3.30 14.87
C ASP A 63 -5.73 -4.32 15.20
N THR A 64 -6.40 -4.78 14.20
CA THR A 64 -7.48 -5.78 14.43
C THR A 64 -7.62 -6.70 13.24
N ASN A 65 -7.59 -6.13 12.07
CA ASN A 65 -7.72 -6.94 10.83
C ASN A 65 -6.71 -6.48 9.80
N GLU A 66 -5.48 -6.89 9.98
CA GLU A 66 -4.42 -6.49 9.02
C GLU A 66 -4.70 -7.07 7.66
N ALA A 67 -5.68 -7.93 7.59
CA ALA A 67 -6.03 -8.54 6.30
C ALA A 67 -6.57 -7.49 5.36
N ALA A 68 -7.02 -6.41 5.91
CA ALA A 68 -7.57 -5.33 5.08
C ALA A 68 -6.45 -4.42 4.59
N TYR A 69 -5.89 -3.66 5.49
CA TYR A 69 -4.79 -2.75 5.09
C TYR A 69 -3.81 -3.47 4.17
N LYS A 70 -3.53 -4.71 4.48
CA LYS A 70 -2.58 -5.48 3.64
C LYS A 70 -3.20 -5.78 2.28
N ALA A 71 -4.39 -6.33 2.30
CA ALA A 71 -5.06 -6.64 1.02
C ALA A 71 -5.26 -5.39 0.21
N ARG A 72 -6.09 -4.50 0.72
CA ARG A 72 -6.35 -3.23 0.00
C ARG A 72 -5.09 -2.69 -0.63
N TYR A 73 -4.05 -2.62 0.14
CA TYR A 73 -2.77 -2.11 -0.40
C TYR A 73 -2.39 -2.83 -1.71
N ARG A 74 -2.17 -4.11 -1.60
CA ARG A 74 -1.80 -4.91 -2.80
C ARG A 74 -2.73 -4.63 -3.98
N ILE A 75 -3.99 -4.54 -3.72
CA ILE A 75 -4.95 -4.27 -4.83
C ILE A 75 -4.91 -2.81 -5.24
N ILE A 76 -5.38 -1.97 -4.35
CA ILE A 76 -5.39 -0.51 -4.67
C ILE A 76 -4.09 -0.08 -5.33
N TYR A 77 -3.06 -0.83 -5.09
CA TYR A 77 -1.75 -0.48 -5.69
C TYR A 77 -1.89 -0.24 -7.19
N SER A 78 -2.52 -1.15 -7.87
CA SER A 78 -2.69 -0.97 -9.33
C SER A 78 -3.51 0.27 -9.60
N ASN A 79 -4.20 0.72 -8.59
CA ASN A 79 -5.02 1.93 -8.76
C ASN A 79 -4.25 3.14 -8.26
N VAL A 80 -3.13 2.87 -7.61
CA VAL A 80 -2.30 3.97 -7.09
C VAL A 80 -1.45 4.59 -8.19
N ILE A 81 -0.81 3.74 -8.98
CA ILE A 81 0.03 4.31 -10.07
C ILE A 81 -0.85 4.69 -11.23
N SER A 82 -2.09 4.29 -11.14
CA SER A 82 -3.04 4.61 -12.22
C SER A 82 -3.83 5.87 -11.87
N LYS A 83 -4.36 5.90 -10.66
CA LYS A 83 -5.15 7.07 -10.22
C LYS A 83 -4.43 7.83 -9.11
N ASN A 84 -5.02 7.87 -7.94
CA ASN A 84 -4.36 8.59 -6.82
C ASN A 84 -5.08 8.35 -5.49
N ASN A 85 -5.61 9.42 -4.95
CA ASN A 85 -6.34 9.34 -3.65
C ASN A 85 -7.04 7.99 -3.46
N PRO A 86 -6.44 7.11 -2.66
CA PRO A 86 -7.02 5.79 -2.40
C PRO A 86 -8.23 5.92 -1.48
N ASP A 87 -8.24 6.96 -0.70
CA ASP A 87 -9.38 7.18 0.23
C ASP A 87 -9.53 5.99 1.15
N LEU A 88 -8.43 5.45 1.58
CA LEU A 88 -8.52 4.28 2.49
C LEU A 88 -8.97 4.68 3.90
N LYS A 89 -8.22 5.55 4.54
CA LYS A 89 -8.59 5.97 5.92
C LYS A 89 -9.41 7.27 5.94
N HIS A 90 -9.39 7.99 4.86
CA HIS A 90 -10.16 9.27 4.81
C HIS A 90 -11.65 9.05 5.06
N LYS A 91 -12.32 8.46 4.12
CA LYS A 91 -13.77 8.22 4.28
C LYS A 91 -14.11 7.52 5.60
N ILE A 92 -13.11 7.07 6.30
CA ILE A 92 -13.40 6.40 7.60
C ILE A 92 -13.38 7.37 8.77
N ALA A 93 -12.68 8.46 8.60
CA ALA A 93 -12.62 9.47 9.69
C ALA A 93 -13.66 10.58 9.52
N ASN A 94 -14.27 10.63 8.37
CA ASN A 94 -15.29 11.69 8.13
C ASN A 94 -16.71 11.17 8.37
N GLY A 95 -16.82 9.88 8.52
CA GLY A 95 -18.18 9.29 8.76
C GLY A 95 -18.44 9.12 10.26
N ASP A 96 -17.42 9.32 11.05
CA ASP A 96 -17.59 9.17 12.52
C ASP A 96 -17.88 10.51 13.21
N ILE A 97 -17.70 11.60 12.52
CA ILE A 97 -17.98 12.91 13.15
C ILE A 97 -19.41 13.38 12.88
N THR A 98 -20.21 13.36 13.91
CA THR A 98 -21.62 13.78 13.77
C THR A 98 -21.85 15.25 14.19
N PRO A 99 -21.08 15.73 15.16
CA PRO A 99 -21.21 17.10 15.64
C PRO A 99 -20.76 18.15 14.60
N GLU A 100 -21.20 19.36 14.82
CA GLU A 100 -20.84 20.46 13.90
C GLU A 100 -19.34 20.49 13.64
N PHE A 101 -18.63 19.68 14.36
CA PHE A 101 -17.15 19.63 14.20
C PHE A 101 -16.71 19.73 12.73
N LEU A 102 -17.56 19.32 11.83
CA LEU A 102 -17.18 19.41 10.39
C LEU A 102 -16.81 20.85 10.02
N ALA A 103 -17.33 21.78 10.76
CA ALA A 103 -17.05 23.21 10.49
C ALA A 103 -15.89 23.70 11.34
N THR A 104 -15.48 22.88 12.26
CA THR A 104 -14.35 23.28 13.14
C THR A 104 -13.06 22.89 12.48
N CYS A 105 -13.19 22.51 11.24
CA CYS A 105 -12.03 22.09 10.44
C CYS A 105 -10.77 22.89 10.78
N ASP A 106 -10.96 24.07 11.28
CA ASP A 106 -9.77 24.88 11.63
C ASP A 106 -8.93 24.17 12.66
N ALA A 107 -9.56 23.71 13.68
CA ALA A 107 -8.80 22.99 14.72
C ALA A 107 -8.59 21.56 14.32
N LYS A 108 -9.22 21.16 13.25
CA LYS A 108 -9.04 19.75 12.81
C LYS A 108 -7.63 19.55 12.31
N ASP A 109 -7.04 20.60 11.81
CA ASP A 109 -5.67 20.45 11.31
C ASP A 109 -4.85 19.90 12.43
N LEU A 110 -5.19 20.34 13.59
CA LEU A 110 -4.48 19.90 14.78
C LEU A 110 -5.40 20.04 15.97
N ALA A 111 -6.23 19.05 16.15
CA ALA A 111 -7.18 19.09 17.29
C ALA A 111 -6.58 18.44 18.53
N PRO A 112 -6.02 17.25 18.36
CA PRO A 112 -5.42 16.53 19.47
C PRO A 112 -4.21 17.28 20.00
N ALA A 113 -3.50 16.66 20.90
CA ALA A 113 -2.31 17.32 21.47
C ALA A 113 -1.26 16.30 21.90
N PRO A 114 -0.51 15.81 20.94
CA PRO A 114 0.53 14.82 21.21
C PRO A 114 1.65 15.41 22.05
N GLY A 1 -2.12 -14.23 -15.80
CA GLY A 1 -2.28 -13.29 -14.65
C GLY A 1 -1.10 -13.43 -13.68
N SER A 2 -0.10 -12.62 -13.87
CA SER A 2 1.08 -12.69 -12.98
C SER A 2 1.47 -14.13 -12.69
N HIS A 3 1.67 -14.90 -13.73
CA HIS A 3 2.05 -16.32 -13.52
C HIS A 3 3.35 -16.43 -12.74
N MET A 4 3.48 -17.50 -12.00
CA MET A 4 4.71 -17.70 -11.20
C MET A 4 5.09 -19.18 -11.16
N PRO A 5 5.57 -19.67 -12.28
CA PRO A 5 5.98 -21.06 -12.40
C PRO A 5 7.16 -21.38 -11.51
N ARG A 6 8.30 -20.83 -11.84
CA ARG A 6 9.50 -21.09 -11.01
C ARG A 6 10.40 -19.86 -10.95
N ASN A 7 9.86 -18.74 -11.35
CA ASN A 7 10.67 -17.50 -11.31
C ASN A 7 10.64 -16.87 -9.93
N SER A 8 11.79 -16.77 -9.33
CA SER A 8 11.86 -16.17 -7.98
C SER A 8 13.15 -15.39 -7.80
N LYS A 9 13.34 -14.39 -8.62
CA LYS A 9 14.58 -13.59 -8.49
C LYS A 9 14.44 -12.55 -7.38
N ASN A 10 13.25 -12.38 -6.89
CA ASN A 10 13.05 -11.39 -5.81
C ASN A 10 13.89 -11.76 -4.60
N ASP A 11 14.44 -12.94 -4.64
CA ASP A 11 15.28 -13.40 -3.49
C ASP A 11 16.65 -12.72 -3.52
N GLY A 12 16.93 -12.03 -4.59
CA GLY A 12 18.24 -11.34 -4.70
C GLY A 12 18.23 -10.04 -3.90
N VAL A 13 17.28 -9.90 -3.01
CA VAL A 13 17.22 -8.66 -2.22
C VAL A 13 16.66 -8.91 -0.83
N ASP A 14 17.45 -8.57 0.15
CA ASP A 14 17.00 -8.75 1.53
C ASP A 14 16.23 -7.53 1.86
N THR A 15 15.29 -7.60 2.75
CA THR A 15 14.54 -6.38 3.06
C THR A 15 14.12 -6.25 4.50
N ALA A 16 15.00 -5.66 5.24
CA ALA A 16 14.76 -5.43 6.68
C ALA A 16 14.70 -3.93 6.82
N ILE A 17 13.53 -3.39 6.82
CA ILE A 17 13.42 -1.93 6.94
C ILE A 17 13.48 -1.33 8.35
N TYR A 18 12.34 -0.92 8.90
CA TYR A 18 12.37 -0.32 10.26
C TYR A 18 12.06 -1.19 11.49
N HIS A 19 10.79 -1.56 11.73
CA HIS A 19 10.56 -2.40 12.98
C HIS A 19 10.38 -3.92 12.92
N HIS A 20 9.15 -4.42 12.63
CA HIS A 20 9.00 -5.93 12.63
C HIS A 20 8.79 -6.80 11.35
N LYS A 21 7.52 -6.91 10.94
CA LYS A 21 7.20 -7.75 9.73
C LYS A 21 6.87 -7.13 8.37
N LEU A 22 5.70 -6.54 8.27
CA LEU A 22 5.31 -5.94 6.98
C LEU A 22 5.78 -4.54 6.79
N ARG A 23 6.67 -4.15 7.58
CA ARG A 23 7.15 -2.81 7.43
C ARG A 23 8.00 -2.82 6.17
N ASP A 24 8.55 -3.98 5.90
CA ASP A 24 9.40 -4.16 4.72
C ASP A 24 8.59 -4.72 3.61
N GLN A 25 7.67 -5.58 3.96
CA GLN A 25 6.81 -6.18 2.93
C GLN A 25 6.15 -5.08 2.18
N VAL A 26 5.90 -4.01 2.89
CA VAL A 26 5.26 -2.88 2.25
C VAL A 26 6.29 -2.14 1.44
N LEU A 27 7.32 -1.68 2.09
CA LEU A 27 8.37 -0.96 1.35
C LEU A 27 8.98 -1.88 0.30
N LYS A 28 8.66 -3.16 0.41
CA LYS A 28 9.21 -4.14 -0.56
C LYS A 28 8.25 -4.31 -1.71
N ALA A 29 7.00 -4.44 -1.38
CA ALA A 29 6.00 -4.61 -2.45
C ALA A 29 5.94 -3.34 -3.27
N LEU A 30 6.27 -2.25 -2.66
CA LEU A 30 6.24 -0.97 -3.40
C LEU A 30 7.46 -0.84 -4.29
N TYR A 31 8.60 -1.13 -3.74
CA TYR A 31 9.83 -1.03 -4.54
C TYR A 31 9.95 -2.14 -5.58
N ASP A 32 9.47 -3.31 -5.23
CA ASP A 32 9.55 -4.44 -6.18
C ASP A 32 8.40 -4.45 -7.20
N VAL A 33 7.34 -3.73 -6.93
CA VAL A 33 6.22 -3.72 -7.90
C VAL A 33 6.45 -2.68 -8.98
N LEU A 34 7.04 -1.58 -8.60
CA LEU A 34 7.30 -0.52 -9.60
C LEU A 34 8.61 -0.77 -10.33
N ALA A 35 9.55 -1.37 -9.63
CA ALA A 35 10.85 -1.65 -10.27
C ALA A 35 10.77 -2.85 -11.20
N LYS A 36 10.42 -3.97 -10.65
CA LYS A 36 10.31 -5.20 -11.47
C LYS A 36 9.55 -4.94 -12.78
N GLU A 37 8.67 -3.98 -12.77
CA GLU A 37 7.90 -3.68 -14.00
C GLU A 37 8.68 -2.73 -14.92
N SER A 38 8.78 -1.51 -14.52
CA SER A 38 9.52 -0.52 -15.36
C SER A 38 10.17 0.56 -14.50
N GLU A 39 11.45 0.75 -14.70
CA GLU A 39 12.18 1.78 -13.91
C GLU A 39 12.28 3.12 -14.65
N HIS A 40 11.90 3.14 -15.90
CA HIS A 40 11.99 4.43 -16.66
C HIS A 40 10.77 5.37 -16.42
N PRO A 41 9.58 4.84 -16.56
CA PRO A 41 8.35 5.63 -16.37
C PRO A 41 8.20 6.27 -14.96
N PRO A 42 8.50 5.53 -13.93
CA PRO A 42 8.40 6.05 -12.56
C PRO A 42 9.33 7.22 -12.31
N GLN A 43 9.07 7.93 -11.24
CA GLN A 43 9.92 9.10 -10.89
C GLN A 43 11.01 8.74 -9.89
N SER A 44 10.71 7.87 -8.97
CA SER A 44 11.72 7.47 -7.97
C SER A 44 11.17 6.37 -7.10
N ILE A 45 11.27 5.17 -7.60
CA ILE A 45 10.76 4.02 -6.82
C ILE A 45 11.11 4.14 -5.36
N LEU A 46 12.30 4.56 -5.08
CA LEU A 46 12.72 4.69 -3.67
C LEU A 46 11.98 5.83 -3.01
N HIS A 47 12.01 6.96 -3.65
CA HIS A 47 11.31 8.13 -3.09
C HIS A 47 9.80 8.01 -3.25
N THR A 48 9.38 7.04 -4.00
CA THR A 48 7.92 6.86 -4.21
C THR A 48 7.38 5.83 -3.25
N ALA A 49 8.12 4.78 -3.06
CA ALA A 49 7.66 3.74 -2.13
C ALA A 49 7.80 4.20 -0.69
N LYS A 50 8.81 5.01 -0.44
CA LYS A 50 8.99 5.50 0.95
C LYS A 50 7.95 6.53 1.33
N ALA A 51 7.44 7.22 0.36
CA ALA A 51 6.41 8.23 0.68
C ALA A 51 5.00 7.66 0.72
N ILE A 52 4.70 6.77 -0.18
CA ILE A 52 3.33 6.18 -0.21
C ILE A 52 3.08 5.27 1.00
N GLU A 53 3.93 4.31 1.19
CA GLU A 53 3.75 3.39 2.36
C GLU A 53 3.32 4.10 3.62
N SER A 54 4.18 4.92 4.12
CA SER A 54 3.89 5.70 5.36
C SER A 54 2.46 6.24 5.42
N GLU A 55 1.73 6.18 4.33
CA GLU A 55 0.34 6.70 4.37
C GLU A 55 -0.67 5.64 4.77
N MET A 56 -0.93 4.72 3.91
CA MET A 56 -1.91 3.67 4.25
C MET A 56 -1.38 2.83 5.39
N ASN A 57 -0.14 3.04 5.74
CA ASN A 57 0.46 2.24 6.85
C ASN A 57 0.41 2.97 8.18
N LYS A 58 0.01 4.24 8.17
CA LYS A 58 -0.05 5.01 9.48
C LYS A 58 -0.42 4.06 10.61
N VAL A 59 -1.65 3.60 10.62
CA VAL A 59 -2.05 2.67 11.70
C VAL A 59 -3.11 1.71 11.17
N ASN A 60 -2.66 0.74 10.43
CA ASN A 60 -3.58 -0.26 9.85
C ASN A 60 -2.81 -1.49 9.45
N ASN A 61 -1.52 -1.32 9.35
CA ASN A 61 -0.63 -2.43 8.96
C ASN A 61 -0.98 -3.81 9.52
N CYS A 62 -0.53 -4.08 10.73
CA CYS A 62 -0.84 -5.42 11.34
C CYS A 62 -1.86 -5.38 12.49
N ASP A 63 -1.83 -4.34 13.28
CA ASP A 63 -2.80 -4.28 14.43
C ASP A 63 -4.14 -3.65 14.06
N THR A 64 -4.67 -4.05 12.95
CA THR A 64 -5.97 -3.49 12.53
C THR A 64 -6.71 -4.48 11.68
N ASN A 65 -6.23 -4.62 10.49
CA ASN A 65 -6.86 -5.55 9.55
C ASN A 65 -5.80 -6.08 8.62
N GLU A 66 -4.86 -6.79 9.19
CA GLU A 66 -3.76 -7.37 8.37
C GLU A 66 -4.32 -7.93 7.08
N ALA A 67 -5.56 -8.28 7.15
CA ALA A 67 -6.21 -8.84 5.96
C ALA A 67 -6.57 -7.74 4.99
N ALA A 68 -7.10 -6.68 5.52
CA ALA A 68 -7.48 -5.55 4.67
C ALA A 68 -6.31 -4.62 4.46
N TYR A 69 -5.26 -4.86 5.20
CA TYR A 69 -4.09 -3.98 5.05
C TYR A 69 -3.29 -4.42 3.84
N LYS A 70 -2.89 -5.67 3.82
CA LYS A 70 -2.11 -6.18 2.68
C LYS A 70 -2.99 -6.39 1.45
N ALA A 71 -4.21 -6.80 1.68
CA ALA A 71 -5.11 -7.02 0.51
C ALA A 71 -5.40 -5.73 -0.20
N ARG A 72 -6.11 -4.86 0.45
CA ARG A 72 -6.44 -3.57 -0.18
C ARG A 72 -5.18 -2.80 -0.57
N TYR A 73 -4.09 -3.11 0.10
CA TYR A 73 -2.83 -2.40 -0.25
C TYR A 73 -2.43 -2.66 -1.68
N ARG A 74 -2.00 -3.87 -1.94
CA ARG A 74 -1.58 -4.22 -3.33
C ARG A 74 -2.73 -4.06 -4.33
N ILE A 75 -3.93 -4.35 -3.90
CA ILE A 75 -5.08 -4.20 -4.82
C ILE A 75 -5.26 -2.76 -5.28
N ILE A 76 -5.35 -1.88 -4.34
CA ILE A 76 -5.53 -0.45 -4.69
C ILE A 76 -4.19 0.25 -4.92
N TYR A 77 -3.11 -0.43 -4.59
CA TYR A 77 -1.78 0.19 -4.78
C TYR A 77 -1.70 0.94 -6.10
N SER A 78 -2.03 0.28 -7.16
CA SER A 78 -1.97 0.95 -8.48
C SER A 78 -2.68 2.30 -8.43
N ASN A 79 -3.86 2.31 -7.87
CA ASN A 79 -4.60 3.60 -7.79
C ASN A 79 -3.86 4.58 -6.91
N VAL A 80 -3.29 4.10 -5.85
CA VAL A 80 -2.55 5.02 -4.95
C VAL A 80 -1.46 5.73 -5.73
N ILE A 81 -0.79 4.98 -6.56
CA ILE A 81 0.29 5.57 -7.37
C ILE A 81 -0.30 6.55 -8.38
N SER A 82 -1.60 6.48 -8.52
CA SER A 82 -2.29 7.39 -9.46
C SER A 82 -2.84 8.62 -8.74
N LYS A 83 -3.25 8.42 -7.51
CA LYS A 83 -3.80 9.56 -6.71
C LYS A 83 -3.22 9.57 -5.29
N ASN A 84 -4.08 9.69 -4.31
CA ASN A 84 -3.60 9.72 -2.91
C ASN A 84 -4.74 9.50 -1.92
N ASN A 85 -5.61 8.58 -2.22
CA ASN A 85 -6.75 8.32 -1.31
C ASN A 85 -7.22 6.86 -1.44
N PRO A 86 -6.71 5.99 -0.56
CA PRO A 86 -7.06 4.58 -0.57
C PRO A 86 -8.47 4.35 -0.03
N ASP A 87 -8.94 5.26 0.78
CA ASP A 87 -10.30 5.10 1.35
C ASP A 87 -10.43 3.75 2.02
N LEU A 88 -9.32 3.30 2.55
CA LEU A 88 -9.32 1.98 3.23
C LEU A 88 -10.47 1.84 4.23
N LYS A 89 -10.51 2.73 5.20
CA LYS A 89 -11.60 2.67 6.22
C LYS A 89 -12.97 2.89 5.60
N HIS A 90 -13.02 3.57 4.50
CA HIS A 90 -14.33 3.83 3.84
C HIS A 90 -15.14 2.54 3.69
N LYS A 91 -14.51 1.41 3.91
CA LYS A 91 -15.23 0.13 3.77
C LYS A 91 -16.52 0.14 4.59
N ILE A 92 -16.46 0.71 5.76
CA ILE A 92 -17.67 0.76 6.61
C ILE A 92 -18.70 1.75 6.05
N ALA A 93 -18.22 2.72 5.33
CA ALA A 93 -19.15 3.72 4.75
C ALA A 93 -19.70 3.24 3.41
N ASN A 94 -19.13 2.17 2.92
CA ASN A 94 -19.61 1.63 1.62
C ASN A 94 -19.78 2.74 0.60
N GLY A 95 -18.70 3.10 -0.03
CA GLY A 95 -18.76 4.19 -1.04
C GLY A 95 -19.52 3.73 -2.29
N ASP A 96 -19.85 2.47 -2.35
CA ASP A 96 -20.60 1.95 -3.52
C ASP A 96 -22.09 2.35 -3.49
N ILE A 97 -22.53 2.85 -2.36
CA ILE A 97 -23.98 3.25 -2.24
C ILE A 97 -24.14 4.76 -2.08
N THR A 98 -23.25 5.35 -1.33
CA THR A 98 -23.33 6.82 -1.13
C THR A 98 -23.53 7.59 -2.44
N PRO A 99 -22.65 7.38 -3.40
CA PRO A 99 -22.76 8.07 -4.69
C PRO A 99 -24.13 7.87 -5.33
N GLU A 100 -24.83 6.87 -4.89
CA GLU A 100 -26.16 6.61 -5.47
C GLU A 100 -27.25 7.38 -4.72
N PHE A 101 -27.05 7.58 -3.45
CA PHE A 101 -28.07 8.31 -2.66
C PHE A 101 -28.06 9.79 -3.00
N LEU A 102 -26.97 10.43 -2.76
CA LEU A 102 -26.90 11.85 -3.08
C LEU A 102 -27.20 12.09 -4.56
N ALA A 103 -27.20 11.02 -5.32
CA ALA A 103 -27.48 11.15 -6.77
C ALA A 103 -28.95 10.86 -7.08
N THR A 104 -29.62 10.26 -6.12
CA THR A 104 -31.06 9.94 -6.32
C THR A 104 -31.92 10.95 -5.61
N CYS A 105 -31.32 12.05 -5.26
CA CYS A 105 -32.06 13.13 -4.55
C CYS A 105 -33.51 13.23 -5.03
N ASP A 106 -33.76 12.78 -6.23
CA ASP A 106 -35.14 12.84 -6.75
C ASP A 106 -36.01 11.81 -6.06
N ALA A 107 -35.63 10.56 -6.21
CA ALA A 107 -36.44 9.50 -5.56
C ALA A 107 -36.32 9.60 -4.06
N LYS A 108 -35.45 10.46 -3.60
CA LYS A 108 -35.30 10.61 -2.14
C LYS A 108 -36.66 10.85 -1.51
N ASP A 109 -37.53 11.50 -2.24
CA ASP A 109 -38.89 11.75 -1.68
C ASP A 109 -39.36 10.44 -1.14
N LEU A 110 -39.10 9.42 -1.91
CA LEU A 110 -39.49 8.07 -1.53
C LEU A 110 -38.31 7.17 -1.83
N ALA A 111 -37.41 7.10 -0.89
CA ALA A 111 -36.22 6.24 -1.07
C ALA A 111 -36.50 4.74 -0.80
N PRO A 112 -37.42 4.43 0.11
CA PRO A 112 -37.72 3.03 0.41
C PRO A 112 -38.17 2.28 -0.83
N ALA A 113 -38.34 0.99 -0.70
CA ALA A 113 -38.78 0.16 -1.85
C ALA A 113 -40.11 -0.54 -1.56
N PRO A 114 -41.20 0.19 -1.78
CA PRO A 114 -42.53 -0.36 -1.55
C PRO A 114 -42.83 -1.51 -2.50
N GLY A 1 25.51 1.44 -0.78
CA GLY A 1 26.71 1.88 -1.57
C GLY A 1 26.77 1.13 -2.89
N SER A 2 25.85 0.21 -3.07
CA SER A 2 25.85 -0.57 -4.33
C SER A 2 27.13 -1.40 -4.47
N HIS A 3 27.01 -2.67 -4.26
CA HIS A 3 28.20 -3.55 -4.37
C HIS A 3 27.81 -5.01 -4.49
N MET A 4 27.55 -5.45 -5.70
CA MET A 4 27.15 -6.87 -5.92
C MET A 4 27.79 -7.42 -7.20
N PRO A 5 29.09 -7.38 -7.25
CA PRO A 5 29.84 -7.88 -8.40
C PRO A 5 29.57 -9.36 -8.64
N ARG A 6 28.86 -9.98 -7.73
CA ARG A 6 28.56 -11.42 -7.88
C ARG A 6 27.18 -11.62 -8.49
N ASN A 7 26.27 -12.14 -7.71
CA ASN A 7 24.90 -12.37 -8.23
C ASN A 7 23.93 -12.62 -7.08
N SER A 8 23.27 -11.57 -6.67
CA SER A 8 22.29 -11.70 -5.55
C SER A 8 21.03 -10.90 -5.85
N LYS A 9 20.74 -10.74 -7.11
CA LYS A 9 19.54 -9.98 -7.49
C LYS A 9 18.29 -10.52 -6.80
N ASN A 10 18.43 -11.64 -6.15
CA ASN A 10 17.26 -12.22 -5.44
C ASN A 10 16.51 -11.15 -4.66
N ASP A 11 17.11 -10.70 -3.58
CA ASP A 11 16.45 -9.67 -2.75
C ASP A 11 16.98 -8.28 -3.13
N GLY A 12 18.21 -8.03 -2.76
CA GLY A 12 18.80 -6.71 -3.08
C GLY A 12 17.98 -5.63 -2.44
N VAL A 13 17.32 -5.97 -1.37
CA VAL A 13 16.49 -4.96 -0.68
C VAL A 13 16.38 -5.24 0.81
N ASP A 14 17.02 -4.41 1.58
CA ASP A 14 16.97 -4.60 3.05
C ASP A 14 15.78 -3.83 3.61
N THR A 15 14.73 -4.56 3.95
CA THR A 15 13.53 -3.90 4.49
C THR A 15 13.27 -4.30 5.94
N ALA A 16 13.90 -3.59 6.82
CA ALA A 16 13.74 -3.87 8.27
C ALA A 16 14.21 -2.66 9.06
N ILE A 17 13.30 -1.87 9.57
CA ILE A 17 13.75 -0.71 10.32
C ILE A 17 12.71 -0.15 11.34
N TYR A 18 11.72 0.61 10.88
CA TYR A 18 10.71 1.15 11.87
C TYR A 18 9.48 0.25 12.09
N HIS A 19 8.63 0.26 11.13
CA HIS A 19 7.39 -0.55 11.20
C HIS A 19 7.54 -1.90 10.56
N HIS A 20 8.74 -2.19 10.11
CA HIS A 20 9.03 -3.49 9.44
C HIS A 20 8.12 -4.64 9.88
N LYS A 21 7.57 -4.58 11.07
CA LYS A 21 6.68 -5.70 11.48
C LYS A 21 5.76 -6.00 10.30
N LEU A 22 5.63 -4.98 9.50
CA LEU A 22 4.79 -5.06 8.29
C LEU A 22 5.35 -4.10 7.24
N ARG A 23 6.07 -3.09 7.70
CA ARG A 23 6.65 -2.12 6.76
C ARG A 23 7.60 -2.84 5.85
N ASP A 24 8.00 -4.01 6.27
CA ASP A 24 8.93 -4.78 5.44
C ASP A 24 8.23 -5.23 4.17
N GLN A 25 7.04 -5.74 4.34
CA GLN A 25 6.28 -6.21 3.16
C GLN A 25 5.80 -5.02 2.38
N VAL A 26 5.82 -3.87 3.01
CA VAL A 26 5.36 -2.67 2.29
C VAL A 26 6.52 -2.10 1.50
N LEU A 27 7.61 -1.83 2.18
CA LEU A 27 8.77 -1.26 1.47
C LEU A 27 9.23 -2.27 0.43
N LYS A 28 8.79 -3.48 0.59
CA LYS A 28 9.18 -4.53 -0.38
C LYS A 28 8.20 -4.56 -1.53
N ALA A 29 6.95 -4.44 -1.20
CA ALA A 29 5.93 -4.47 -2.27
C ALA A 29 6.02 -3.19 -3.09
N LEU A 30 6.46 -2.13 -2.47
CA LEU A 30 6.56 -0.85 -3.21
C LEU A 30 7.79 -0.86 -4.10
N TYR A 31 8.88 -1.27 -3.54
CA TYR A 31 10.12 -1.31 -4.32
C TYR A 31 10.19 -2.49 -5.28
N ASP A 32 9.80 -3.63 -4.83
CA ASP A 32 9.85 -4.82 -5.73
C ASP A 32 8.76 -4.82 -6.81
N VAL A 33 7.68 -4.14 -6.59
CA VAL A 33 6.63 -4.14 -7.64
C VAL A 33 6.90 -3.07 -8.69
N LEU A 34 7.39 -1.95 -8.25
CA LEU A 34 7.67 -0.87 -9.24
C LEU A 34 9.07 -0.98 -9.81
N ALA A 35 9.99 -1.51 -9.04
CA ALA A 35 11.37 -1.62 -9.57
C ALA A 35 11.51 -2.85 -10.44
N LYS A 36 11.41 -3.99 -9.84
CA LYS A 36 11.53 -5.24 -10.62
C LYS A 36 10.67 -5.18 -11.87
N GLU A 37 9.82 -4.20 -11.92
CA GLU A 37 8.93 -4.06 -13.10
C GLU A 37 9.74 -3.94 -14.38
N SER A 38 10.40 -2.82 -14.53
CA SER A 38 11.22 -2.62 -15.74
C SER A 38 12.41 -1.73 -15.48
N GLU A 39 13.13 -1.47 -16.52
CA GLU A 39 14.32 -0.62 -16.41
C GLU A 39 13.90 0.82 -16.66
N HIS A 40 12.64 0.96 -17.01
CA HIS A 40 12.08 2.32 -17.28
C HIS A 40 11.34 3.03 -16.10
N PRO A 41 11.07 2.36 -14.97
CA PRO A 41 10.37 3.01 -13.85
C PRO A 41 10.83 4.46 -13.63
N PRO A 42 10.02 5.41 -14.10
CA PRO A 42 10.32 6.85 -13.97
C PRO A 42 9.95 7.42 -12.60
N GLN A 43 8.77 7.09 -12.17
CA GLN A 43 8.26 7.57 -10.86
C GLN A 43 9.33 7.68 -9.77
N SER A 44 10.43 6.98 -9.90
CA SER A 44 11.48 7.09 -8.85
C SER A 44 11.06 6.28 -7.65
N ILE A 45 10.89 5.00 -7.89
CA ILE A 45 10.48 4.08 -6.81
C ILE A 45 11.05 4.46 -5.47
N LEU A 46 12.29 4.79 -5.45
CA LEU A 46 12.90 5.16 -4.15
C LEU A 46 12.21 6.41 -3.61
N HIS A 47 12.02 7.35 -4.49
CA HIS A 47 11.37 8.62 -4.09
C HIS A 47 9.85 8.48 -4.00
N THR A 48 9.33 7.45 -4.60
CA THR A 48 7.86 7.27 -4.56
C THR A 48 7.47 6.43 -3.35
N ALA A 49 8.06 5.27 -3.25
CA ALA A 49 7.73 4.41 -2.10
C ALA A 49 8.10 5.12 -0.81
N LYS A 50 9.04 6.04 -0.89
CA LYS A 50 9.44 6.76 0.34
C LYS A 50 8.25 7.51 0.95
N ALA A 51 7.35 7.96 0.10
CA ALA A 51 6.18 8.70 0.61
C ALA A 51 4.94 7.80 0.81
N ILE A 52 4.52 7.13 -0.23
CA ILE A 52 3.33 6.25 -0.12
C ILE A 52 3.38 5.36 1.13
N GLU A 53 4.48 4.71 1.30
CA GLU A 53 4.64 3.82 2.50
C GLU A 53 3.98 4.38 3.78
N SER A 54 4.59 5.40 4.31
CA SER A 54 4.04 6.05 5.56
C SER A 54 2.52 6.25 5.58
N GLU A 55 1.86 6.08 4.45
CA GLU A 55 0.37 6.29 4.47
C GLU A 55 -0.45 5.00 4.62
N MET A 56 -0.48 4.22 3.60
CA MET A 56 -1.27 2.96 3.69
C MET A 56 -0.86 2.10 4.88
N ASN A 57 0.25 2.44 5.48
CA ASN A 57 0.70 1.63 6.66
C ASN A 57 0.33 2.26 8.00
N LYS A 58 -0.20 3.46 7.96
CA LYS A 58 -0.61 4.14 9.24
C LYS A 58 -1.10 3.13 10.27
N VAL A 59 -2.24 2.55 10.03
CA VAL A 59 -2.77 1.57 11.00
C VAL A 59 -3.80 0.68 10.32
N ASN A 60 -3.71 -0.60 10.57
CA ASN A 60 -4.69 -1.51 9.94
C ASN A 60 -4.94 -2.75 10.78
N ASN A 61 -5.04 -3.87 10.11
CA ASN A 61 -5.29 -5.16 10.80
C ASN A 61 -4.00 -5.93 11.07
N CYS A 62 -2.91 -5.40 10.58
CA CYS A 62 -1.57 -6.08 10.79
C CYS A 62 -1.40 -6.71 12.19
N ASP A 63 -2.30 -6.44 13.10
CA ASP A 63 -2.16 -7.03 14.46
C ASP A 63 -2.82 -8.42 14.59
N THR A 64 -3.56 -8.81 13.60
CA THR A 64 -4.22 -10.14 13.67
C THR A 64 -4.41 -10.75 12.28
N ASN A 65 -5.05 -10.00 11.41
CA ASN A 65 -5.30 -10.49 10.03
C ASN A 65 -4.67 -9.55 9.01
N GLU A 66 -3.37 -9.62 8.90
CA GLU A 66 -2.66 -8.74 7.93
C GLU A 66 -3.14 -9.01 6.53
N ALA A 67 -3.91 -10.03 6.38
CA ALA A 67 -4.44 -10.38 5.06
C ALA A 67 -5.39 -9.30 4.57
N ALA A 68 -5.97 -8.61 5.50
CA ALA A 68 -6.91 -7.53 5.13
C ALA A 68 -6.15 -6.27 4.76
N TYR A 69 -5.14 -5.95 5.51
CA TYR A 69 -4.35 -4.73 5.23
C TYR A 69 -3.66 -4.85 3.87
N LYS A 70 -3.28 -6.04 3.53
CA LYS A 70 -2.60 -6.24 2.23
C LYS A 70 -3.62 -6.28 1.09
N ALA A 71 -4.78 -6.78 1.39
CA ALA A 71 -5.83 -6.84 0.34
C ALA A 71 -6.16 -5.46 -0.20
N ARG A 72 -6.27 -4.50 0.69
CA ARG A 72 -6.59 -3.13 0.23
C ARG A 72 -5.36 -2.44 -0.35
N TYR A 73 -4.24 -2.63 0.29
CA TYR A 73 -2.99 -1.98 -0.20
C TYR A 73 -2.70 -2.38 -1.65
N ARG A 74 -2.75 -3.65 -1.92
CA ARG A 74 -2.48 -4.11 -3.30
C ARG A 74 -3.63 -3.74 -4.24
N ILE A 75 -4.82 -4.05 -3.84
CA ILE A 75 -5.99 -3.73 -4.70
C ILE A 75 -6.01 -2.26 -5.08
N ILE A 76 -5.53 -1.42 -4.19
CA ILE A 76 -5.52 0.04 -4.49
C ILE A 76 -4.16 0.50 -5.04
N TYR A 77 -3.19 -0.39 -5.00
CA TYR A 77 -1.83 -0.02 -5.52
C TYR A 77 -1.92 0.87 -6.75
N SER A 78 -2.62 0.41 -7.75
CA SER A 78 -2.74 1.22 -8.99
C SER A 78 -2.99 2.69 -8.66
N ASN A 79 -4.13 2.98 -8.11
CA ASN A 79 -4.44 4.38 -7.76
C ASN A 79 -3.43 4.93 -6.77
N VAL A 80 -2.85 4.06 -5.98
CA VAL A 80 -1.86 4.54 -4.99
C VAL A 80 -0.61 5.04 -5.71
N ILE A 81 -0.27 4.42 -6.80
CA ILE A 81 0.93 4.86 -7.55
C ILE A 81 0.66 6.23 -8.17
N SER A 82 -0.59 6.60 -8.18
CA SER A 82 -0.97 7.92 -8.76
C SER A 82 -0.64 9.05 -7.79
N LYS A 83 -1.37 9.10 -6.70
CA LYS A 83 -1.13 10.16 -5.69
C LYS A 83 -1.17 9.58 -4.28
N ASN A 84 -2.35 9.49 -3.71
CA ASN A 84 -2.46 8.93 -2.34
C ASN A 84 -3.87 9.09 -1.79
N ASN A 85 -3.98 9.06 -0.49
CA ASN A 85 -5.32 9.19 0.16
C ASN A 85 -6.27 8.09 -0.30
N PRO A 86 -6.00 6.89 0.15
CA PRO A 86 -6.79 5.72 -0.18
C PRO A 86 -7.99 5.61 0.77
N ASP A 87 -7.79 6.08 1.97
CA ASP A 87 -8.88 6.03 2.98
C ASP A 87 -9.35 4.60 3.13
N LEU A 88 -8.40 3.71 3.26
CA LEU A 88 -8.75 2.28 3.41
C LEU A 88 -8.93 1.91 4.89
N LYS A 89 -8.36 2.70 5.75
CA LYS A 89 -8.50 2.41 7.21
C LYS A 89 -9.66 3.18 7.82
N HIS A 90 -10.20 4.10 7.08
CA HIS A 90 -11.33 4.90 7.62
C HIS A 90 -12.33 4.01 8.36
N LYS A 91 -12.68 2.91 7.75
CA LYS A 91 -13.65 2.00 8.41
C LYS A 91 -13.18 1.61 9.80
N ILE A 92 -11.98 1.12 9.87
CA ILE A 92 -11.43 0.72 11.19
C ILE A 92 -11.30 1.91 12.12
N ALA A 93 -11.20 3.08 11.54
CA ALA A 93 -11.06 4.29 12.38
C ALA A 93 -12.43 4.75 12.90
N ASN A 94 -13.44 4.57 12.09
CA ASN A 94 -14.80 4.98 12.53
C ASN A 94 -15.20 4.27 13.81
N GLY A 95 -14.56 3.16 14.07
CA GLY A 95 -14.89 2.40 15.30
C GLY A 95 -14.01 2.85 16.47
N ASP A 96 -13.00 3.63 16.18
CA ASP A 96 -12.10 4.09 17.27
C ASP A 96 -12.63 5.38 17.90
N ILE A 97 -12.55 6.46 17.17
CA ILE A 97 -13.05 7.75 17.73
C ILE A 97 -13.69 8.59 16.64
N THR A 98 -14.93 8.82 16.79
CA THR A 98 -15.67 9.63 15.79
C THR A 98 -15.83 11.11 16.21
N PRO A 99 -15.74 11.40 17.50
CA PRO A 99 -15.90 12.78 17.98
C PRO A 99 -14.81 13.71 17.44
N GLU A 100 -15.19 14.93 17.18
CA GLU A 100 -14.23 15.93 16.65
C GLU A 100 -13.15 16.28 17.68
N PHE A 101 -13.33 15.79 18.87
CA PHE A 101 -12.34 16.05 19.96
C PHE A 101 -10.89 15.88 19.46
N LEU A 102 -10.73 15.33 18.31
CA LEU A 102 -9.37 15.14 17.77
C LEU A 102 -8.77 16.45 17.24
N ALA A 103 -9.58 17.46 17.16
CA ALA A 103 -9.08 18.77 16.66
C ALA A 103 -8.58 19.65 17.80
N THR A 104 -8.88 19.25 19.01
CA THR A 104 -8.43 20.04 20.19
C THR A 104 -7.26 19.34 20.87
N CYS A 105 -7.00 18.13 20.46
CA CYS A 105 -5.88 17.37 21.06
C CYS A 105 -4.62 17.51 20.21
N ASP A 106 -4.81 17.54 18.92
CA ASP A 106 -3.64 17.67 18.01
C ASP A 106 -3.41 19.13 17.65
N ALA A 107 -4.32 19.68 16.90
CA ALA A 107 -4.17 21.09 16.50
C ALA A 107 -3.89 21.95 17.72
N LYS A 108 -4.02 21.35 18.87
CA LYS A 108 -3.77 22.11 20.11
C LYS A 108 -2.43 22.83 20.02
N ASP A 109 -1.49 22.23 19.33
CA ASP A 109 -0.16 22.90 19.21
C ASP A 109 -0.40 24.33 18.83
N LEU A 110 -1.36 24.50 17.99
CA LEU A 110 -1.72 25.83 17.53
C LEU A 110 -3.23 25.88 17.33
N ALA A 111 -3.91 26.11 18.40
CA ALA A 111 -5.39 26.18 18.33
C ALA A 111 -5.91 27.61 18.15
N PRO A 112 -5.26 28.55 18.83
CA PRO A 112 -5.66 29.96 18.75
C PRO A 112 -5.28 30.59 17.39
N ALA A 113 -5.80 30.00 16.34
CA ALA A 113 -5.52 30.51 14.98
C ALA A 113 -6.71 31.32 14.42
N PRO A 114 -7.91 30.86 14.73
CA PRO A 114 -9.13 31.53 14.26
C PRO A 114 -9.33 32.87 14.96
#